data_7ZRM
#
_entry.id   7ZRM
#
_cell.length_a   1.00
_cell.length_b   1.00
_cell.length_c   1.00
_cell.angle_alpha   90.00
_cell.angle_beta   90.00
_cell.angle_gamma   90.00
#
_symmetry.space_group_name_H-M   'P 1'
#
loop_
_entity.id
_entity.type
_entity.pdbx_description
1 polymer 'Potassium-transporting ATPase potassium-binding subunit'
2 polymer 'Potassium-transporting ATPase KdpC subunit'
3 polymer 'Potassium-transporting ATPase KdpF subunit'
4 polymer 'Potassium-transporting ATPase ATP-binding subunit'
5 non-polymer 'POTASSIUM ION'
6 non-polymer "ADENOSINE-5'-DIPHOSPHATE"
7 non-polymer 'MAGNESIUM ION'
#
loop_
_entity_poly.entity_id
_entity_poly.type
_entity_poly.pdbx_seq_one_letter_code
_entity_poly.pdbx_strand_id
1 'polypeptide(L)'
;MAAQGFLLIATFLLVLMVLARPLGSGLARLINDIPLPGTTGVERVLFRALGVSDREMNWKQYLCAILGLNMLGLAVLFFM
LLGQHYLPLNPQQLPGLSWDLALNTAVSFVTNTNWQSYSGETTLSYFSQMAGLTVQNFLSAASGIAVIFALIRAFTRQSM
STLGNAWVDLLRITLWVLVPVALLIALFFIQQGALQNFLPYQAVNTVEGAQQLLPMGPVASQEAIKMLGTNGGGFFNANS
SHPFENPTALTNFVQMLAIFLIPTALCFAFGEVMGDRRQGRMLLWAMSVIFVICVGVVMWAEVQGNPHLLALGTDSSINM
EGKESRFGVLVSSLFAVVTTAASCGAVIAMHDSFTALGGMVPMWLMQIGEVVFGGVGSGLYGMMLFVLLAVFIAGLMIGR
TPEYLGKKIDVREMKLTALAILVTPTLVLMGAALAMMTDAGRSAMLNPGPHGFSEVLYAVSSAANNNGSAFAGLSANSPF
WNCLLAFCMFVGRFGVIIPVMAIAGSLVSKKSQAASSGTLPTHGPLFVGLLIGTVLLVGALTFIPALALGPVAEYLS
;
A
2 'polypeptide(L)'
;MSGLRPALSTFIFLLLITGGVYPLLTTVLGQWWFPWQANGSLIREGDTVRGSALIGQNFTGNGYFHGRPSATAEMPYNPQ
ASGGSNLAVSNPELDKLIAARVAALRAANPDASASVPVELVTASASGLDNNITPQAAAWQIPRVAKARNLSVEQLTQLIA
KYSQQPLVKYIGQPVVNIVELNLALDKLDE
;
C
3 'polypeptide(L)' MSAGVITGVLLVFLLLGYLVYALINAE D
4 'polypeptide(L)'
;MSRKQLALFEPTLVVQALKEAVKKLNPQAQWRNPVMFIVWIGSLLTTCISIAMASGAMPGNALFSAAISGWLWITVLFAN
FAEALAEGRSKAQANSLKGVKKTAFARKLREPKYGAAADKVPADQLRKGDIVLVEAGDIIPCDGEVIEGGASVDESAITG
EAAPVIRESGGDFASVTGGTRILSDWLVIECSVNPGETFLDRMIAMVEGAQRRKTPNEIALTILLIALTIVFLLATATLW
PFSAWGGNAVSVTVLVALLVCLIPTTIGGLLSAIGVAGMSRMLGANVIATSGRAVEAAGDVDVLLL(PHD)KTGTITLGN
RQASEFIPAQGVDEKTLADAAQLASLADETPEGRSIVILAKQRFNLRERDVQSLHATFVPFTAQSRMSGINIDNRMIRKG
SVDAIRRHVEANGGHFPTDVDQKVDQVARQGATPLVVVEGSRVLGVIALKDIVKGGIKERFAQLRKMGIKTVMITGDNRL
TAAAIAAEAGVDDFLAEATPEAKLALIRQYQAEGRLVAMTGDGTNDAPALAQADVAVAMNSGTQAAKEAGNMVDLDSNPT
KLIEVVHIGKQMLMTRGSLTTFSIANDVAKYFAIIPAAFAATYPQLNALNIMCLHSPDSAILSAVIFNALIIVFLIPLAL
KGVSYKPLTASAMLRRNLWIYGLGGLLVPFIGIKVIDLLLTVCGLV
;
B
#
# COMPACT_ATOMS: atom_id res chain seq x y z
N MET A 1 35.85 1.97 -15.89
CA MET A 1 35.09 2.91 -15.07
C MET A 1 33.81 2.27 -14.57
N ALA A 2 33.10 1.57 -15.47
CA ALA A 2 31.87 0.89 -15.10
C ALA A 2 32.14 -0.24 -14.11
N ALA A 3 33.24 -0.97 -14.31
CA ALA A 3 33.62 -2.01 -13.36
C ALA A 3 33.97 -1.41 -12.00
N GLN A 4 34.63 -0.24 -12.01
CA GLN A 4 34.97 0.42 -10.76
C GLN A 4 33.71 0.87 -10.01
N GLY A 5 32.73 1.41 -10.75
CA GLY A 5 31.47 1.80 -10.12
C GLY A 5 30.68 0.62 -9.59
N PHE A 6 30.63 -0.48 -10.35
CA PHE A 6 29.95 -1.68 -9.89
C PHE A 6 30.63 -2.27 -8.66
N LEU A 7 31.97 -2.26 -8.64
CA LEU A 7 32.70 -2.69 -7.45
C LEU A 7 32.40 -1.80 -6.26
N LEU A 8 32.24 -0.49 -6.51
CA LEU A 8 31.91 0.44 -5.43
C LEU A 8 30.54 0.14 -4.84
N ILE A 9 29.56 -0.10 -5.71
CA ILE A 9 28.22 -0.47 -5.25
C ILE A 9 28.26 -1.77 -4.47
N ALA A 10 29.01 -2.75 -4.98
CA ALA A 10 29.06 -4.08 -4.35
C ALA A 10 29.72 -4.02 -2.99
N THR A 11 30.89 -3.37 -2.88
CA THR A 11 31.57 -3.32 -1.59
C THR A 11 30.83 -2.43 -0.60
N PHE A 12 30.14 -1.39 -1.08
CA PHE A 12 29.37 -0.55 -0.18
C PHE A 12 28.17 -1.30 0.39
N LEU A 13 27.45 -2.02 -0.47
CA LEU A 13 26.32 -2.83 0.00
C LEU A 13 26.79 -3.97 0.90
N LEU A 14 27.94 -4.57 0.58
CA LEU A 14 28.46 -5.67 1.39
C LEU A 14 28.82 -5.23 2.79
N VAL A 15 29.60 -4.14 2.91
CA VAL A 15 29.96 -3.66 4.23
C VAL A 15 28.75 -3.04 4.93
N LEU A 16 27.73 -2.58 4.18
CA LEU A 16 26.51 -2.10 4.80
C LEU A 16 25.74 -3.23 5.47
N MET A 17 25.57 -4.36 4.77
CA MET A 17 24.90 -5.50 5.41
C MET A 17 25.74 -6.08 6.54
N VAL A 18 27.07 -6.05 6.40
CA VAL A 18 27.95 -6.54 7.47
C VAL A 18 27.78 -5.71 8.74
N LEU A 19 27.74 -4.38 8.61
CA LEU A 19 27.54 -3.54 9.78
C LEU A 19 26.10 -3.47 10.24
N ALA A 20 25.14 -3.83 9.39
CA ALA A 20 23.73 -3.76 9.77
C ALA A 20 23.20 -5.06 10.35
N ARG A 21 23.90 -6.17 10.15
CA ARG A 21 23.47 -7.43 10.77
C ARG A 21 23.48 -7.41 12.31
N PRO A 22 24.53 -6.92 13.00
CA PRO A 22 24.42 -6.88 14.47
C PRO A 22 23.45 -5.84 14.99
N LEU A 23 23.22 -4.76 14.25
CA LEU A 23 22.29 -3.73 14.70
C LEU A 23 20.84 -4.16 14.59
N GLY A 24 20.54 -5.12 13.70
CA GLY A 24 19.17 -5.58 13.56
C GLY A 24 18.64 -6.29 14.78
N SER A 25 19.46 -7.15 15.38
CA SER A 25 19.07 -7.83 16.62
C SER A 25 18.89 -6.85 17.77
N GLY A 26 19.78 -5.86 17.87
CA GLY A 26 19.64 -4.86 18.91
C GLY A 26 18.39 -4.03 18.76
N LEU A 27 18.10 -3.59 17.53
CA LEU A 27 16.87 -2.83 17.30
C LEU A 27 15.63 -3.67 17.51
N ALA A 28 15.70 -4.98 17.21
CA ALA A 28 14.58 -5.87 17.52
C ALA A 28 14.37 -5.99 19.03
N ARG A 29 15.48 -6.03 19.78
CA ARG A 29 15.38 -6.03 21.25
C ARG A 29 14.75 -4.75 21.76
N LEU A 30 15.08 -3.61 21.14
CA LEU A 30 14.42 -2.35 21.51
C LEU A 30 12.94 -2.34 21.14
N ILE A 31 12.56 -2.94 20.01
CA ILE A 31 11.15 -3.00 19.63
C ILE A 31 10.36 -3.87 20.60
N ASN A 32 10.90 -5.02 20.97
CA ASN A 32 10.16 -5.99 21.78
C ASN A 32 10.15 -5.65 23.27
N ASP A 33 10.47 -4.40 23.63
CA ASP A 33 10.49 -3.93 25.02
C ASP A 33 11.40 -4.77 25.90
N ILE A 34 12.52 -5.19 25.33
CA ILE A 34 13.51 -6.01 26.02
C ILE A 34 14.72 -5.14 26.34
N PRO A 35 15.19 -5.12 27.58
CA PRO A 35 16.33 -4.27 27.93
C PRO A 35 17.62 -4.76 27.29
N LEU A 36 18.60 -3.86 27.25
CA LEU A 36 19.89 -4.14 26.64
C LEU A 36 20.68 -5.12 27.51
N PRO A 37 21.72 -5.76 26.95
CA PRO A 37 22.62 -6.58 27.79
C PRO A 37 23.29 -5.79 28.90
N GLY A 38 23.46 -4.49 28.75
CA GLY A 38 23.90 -3.65 29.85
C GLY A 38 22.74 -3.27 30.75
N THR A 39 22.63 -1.97 31.06
CA THR A 39 21.51 -1.39 31.83
C THR A 39 21.38 -2.04 33.21
N THR A 40 22.41 -1.86 34.03
CA THR A 40 22.44 -2.43 35.38
C THR A 40 21.89 -1.40 36.36
N GLY A 41 20.56 -1.23 36.33
CA GLY A 41 19.86 -0.34 37.23
C GLY A 41 19.89 1.12 36.85
N VAL A 42 20.69 1.49 35.84
CA VAL A 42 20.77 2.88 35.41
C VAL A 42 19.46 3.32 34.80
N GLU A 43 18.78 2.41 34.08
CA GLU A 43 17.48 2.74 33.49
C GLU A 43 16.43 2.96 34.58
N ARG A 44 16.48 2.14 35.64
CA ARG A 44 15.51 2.27 36.72
C ARG A 44 15.71 3.57 37.49
N VAL A 45 16.95 3.90 37.84
CA VAL A 45 17.19 5.13 38.58
C VAL A 45 16.95 6.35 37.69
N LEU A 46 17.22 6.24 36.39
CA LEU A 46 16.96 7.36 35.49
C LEU A 46 15.47 7.60 35.31
N PHE A 47 14.67 6.53 35.19
CA PHE A 47 13.24 6.73 35.03
C PHE A 47 12.59 7.17 36.33
N ARG A 48 13.13 6.75 37.48
CA ARG A 48 12.67 7.26 38.76
C ARG A 48 12.98 8.75 38.89
N ALA A 49 14.15 9.18 38.41
CA ALA A 49 14.49 10.60 38.47
C ALA A 49 13.64 11.42 37.51
N LEU A 50 13.42 10.92 36.30
CA LEU A 50 12.66 11.65 35.28
C LEU A 50 11.16 11.51 35.43
N GLY A 51 10.69 10.72 36.37
CA GLY A 51 9.26 10.58 36.60
C GLY A 51 8.50 9.88 35.50
N VAL A 52 9.10 8.86 34.89
CA VAL A 52 8.42 8.01 33.93
C VAL A 52 8.50 6.57 34.44
N SER A 53 7.52 5.77 34.03
CA SER A 53 7.43 4.37 34.46
C SER A 53 7.36 3.47 33.24
N ASP A 54 7.29 2.17 33.50
CA ASP A 54 7.12 1.17 32.44
C ASP A 54 5.63 0.99 32.12
N ARG A 55 5.03 2.07 31.64
CA ARG A 55 3.60 2.09 31.35
C ARG A 55 3.35 1.49 29.98
N GLU A 56 2.09 1.58 29.52
CA GLU A 56 1.70 1.02 28.23
C GLU A 56 0.50 1.85 27.76
N MET A 57 0.74 2.77 26.83
CA MET A 57 -0.28 3.72 26.41
C MET A 57 -0.63 3.53 24.94
N ASN A 58 -1.77 4.09 24.56
CA ASN A 58 -2.37 3.85 23.26
C ASN A 58 -1.77 4.78 22.20
N TRP A 59 -2.31 4.67 20.98
CA TRP A 59 -1.77 5.42 19.85
C TRP A 59 -2.03 6.91 19.97
N LYS A 60 -3.18 7.29 20.54
CA LYS A 60 -3.49 8.71 20.71
C LYS A 60 -2.50 9.38 21.64
N GLN A 61 -2.19 8.74 22.76
CA GLN A 61 -1.23 9.30 23.70
C GLN A 61 0.20 9.20 23.19
N TYR A 62 0.51 8.17 22.40
CA TYR A 62 1.83 8.06 21.77
C TYR A 62 2.05 9.20 20.78
N LEU A 63 1.06 9.43 19.90
CA LEU A 63 1.15 10.51 18.92
C LEU A 63 1.16 11.87 19.60
N CYS A 64 0.36 12.04 20.67
CA CYS A 64 0.37 13.29 21.41
C CYS A 64 1.72 13.52 22.09
N ALA A 65 2.35 12.45 22.59
CA ALA A 65 3.66 12.56 23.20
C ALA A 65 4.71 12.99 22.19
N ILE A 66 4.71 12.36 21.02
CA ILE A 66 5.69 12.70 19.98
C ILE A 66 5.48 14.12 19.49
N LEU A 67 4.22 14.50 19.25
CA LEU A 67 3.90 15.84 18.76
C LEU A 67 4.23 16.90 19.82
N GLY A 68 3.97 16.61 21.09
CA GLY A 68 4.28 17.56 22.14
C GLY A 68 5.77 17.76 22.33
N LEU A 69 6.54 16.66 22.26
CA LEU A 69 7.99 16.78 22.34
C LEU A 69 8.54 17.58 21.17
N ASN A 70 8.03 17.32 19.96
CA ASN A 70 8.51 18.06 18.79
C ASN A 70 8.09 19.53 18.85
N MET A 71 6.89 19.83 19.35
CA MET A 71 6.45 21.22 19.42
C MET A 71 7.21 22.00 20.48
N LEU A 72 7.47 21.37 21.63
CA LEU A 72 8.29 22.01 22.65
C LEU A 72 9.71 22.25 22.14
N GLY A 73 10.27 21.25 21.44
CA GLY A 73 11.58 21.44 20.84
C GLY A 73 11.60 22.56 19.82
N LEU A 74 10.56 22.65 18.98
CA LEU A 74 10.48 23.70 17.98
C LEU A 74 10.39 25.08 18.61
N ALA A 75 9.58 25.22 19.67
CA ALA A 75 9.50 26.50 20.37
C ALA A 75 10.82 26.89 20.99
N VAL A 76 11.51 25.93 21.61
CA VAL A 76 12.82 26.20 22.21
C VAL A 76 13.83 26.61 21.15
N LEU A 77 13.82 25.94 19.99
CA LEU A 77 14.73 26.29 18.91
C LEU A 77 14.45 27.69 18.39
N PHE A 78 13.16 28.03 18.21
CA PHE A 78 12.81 29.34 17.67
C PHE A 78 13.23 30.44 18.62
N PHE A 79 12.99 30.27 19.92
CA PHE A 79 13.40 31.31 20.87
C PHE A 79 14.91 31.40 21.01
N MET A 80 15.61 30.26 20.96
CA MET A 80 17.06 30.27 21.04
C MET A 80 17.69 30.94 19.83
N LEU A 81 17.16 30.67 18.63
CA LEU A 81 17.71 31.25 17.42
C LEU A 81 17.33 32.71 17.26
N LEU A 82 16.17 33.13 17.78
CA LEU A 82 15.84 34.54 17.79
C LEU A 82 16.76 35.30 18.76
N GLY A 83 16.88 34.80 19.99
CA GLY A 83 17.80 35.40 20.94
C GLY A 83 19.16 34.75 20.94
N GLN A 84 19.85 34.78 19.79
CA GLN A 84 21.11 34.05 19.69
C GLN A 84 22.24 34.76 20.43
N HIS A 85 22.30 36.08 20.33
CA HIS A 85 23.42 36.84 20.90
C HIS A 85 23.40 36.89 22.42
N TYR A 86 22.25 36.62 23.05
CA TYR A 86 22.22 36.59 24.51
C TYR A 86 22.98 35.40 25.07
N LEU A 87 22.84 34.24 24.43
CA LEU A 87 23.50 33.02 24.89
C LEU A 87 25.01 33.08 24.66
N PRO A 88 25.79 32.46 25.55
CA PRO A 88 27.26 32.55 25.43
C PRO A 88 27.84 31.70 24.32
N LEU A 89 29.18 31.60 24.29
CA LEU A 89 29.95 30.87 23.28
C LEU A 89 29.66 31.39 21.87
N ASN A 90 29.84 32.70 21.69
CA ASN A 90 29.71 33.36 20.40
C ASN A 90 31.00 34.15 20.16
N PRO A 91 32.07 33.48 19.71
CA PRO A 91 33.33 34.19 19.51
C PRO A 91 33.31 35.16 18.34
N GLN A 92 32.44 34.96 17.35
CA GLN A 92 32.34 35.85 16.22
C GLN A 92 31.35 36.99 16.44
N GLN A 93 30.63 36.97 17.57
CA GLN A 93 29.63 37.98 17.94
C GLN A 93 28.57 38.13 16.85
N LEU A 94 28.11 37.00 16.31
CA LEU A 94 27.09 37.04 15.28
C LEU A 94 25.75 37.46 15.87
N PRO A 95 25.01 38.34 15.21
CA PRO A 95 23.77 38.87 15.79
C PRO A 95 22.63 37.88 15.72
N GLY A 96 21.50 38.29 16.28
CA GLY A 96 20.31 37.46 16.22
C GLY A 96 19.76 37.35 14.82
N LEU A 97 19.08 36.24 14.56
CA LEU A 97 18.57 35.95 13.23
C LEU A 97 17.30 36.76 12.96
N SER A 98 16.90 36.79 11.69
CA SER A 98 15.58 37.31 11.34
C SER A 98 14.51 36.35 11.82
N TRP A 99 13.28 36.86 11.93
CA TRP A 99 12.18 36.02 12.39
C TRP A 99 11.88 34.90 11.39
N ASP A 100 11.91 35.22 10.10
CA ASP A 100 11.60 34.21 9.08
C ASP A 100 12.72 33.16 9.00
N LEU A 101 13.98 33.60 9.05
CA LEU A 101 15.10 32.66 9.00
C LEU A 101 15.12 31.78 10.25
N ALA A 102 14.85 32.37 11.42
CA ALA A 102 14.82 31.59 12.65
C ALA A 102 13.68 30.58 12.64
N LEU A 103 12.50 30.98 12.19
CA LEU A 103 11.38 30.05 12.09
C LEU A 103 11.66 28.93 11.10
N ASN A 104 12.23 29.28 9.94
CA ASN A 104 12.53 28.28 8.93
C ASN A 104 13.59 27.29 9.41
N THR A 105 14.64 27.78 10.08
CA THR A 105 15.67 26.89 10.58
C THR A 105 15.19 26.05 11.75
N ALA A 106 14.32 26.61 12.60
CA ALA A 106 13.76 25.85 13.71
C ALA A 106 12.88 24.71 13.21
N VAL A 107 11.96 25.01 12.30
CA VAL A 107 11.15 23.97 11.66
C VAL A 107 12.04 22.99 10.90
N SER A 108 13.12 23.49 10.32
CA SER A 108 14.04 22.68 9.54
C SER A 108 14.74 21.65 10.40
N PHE A 109 15.13 22.03 11.61
CA PHE A 109 15.85 21.08 12.44
C PHE A 109 14.93 20.25 13.33
N VAL A 110 13.69 20.66 13.55
CA VAL A 110 12.79 19.79 14.30
C VAL A 110 12.09 18.79 13.39
N THR A 111 11.78 19.16 12.15
CA THR A 111 10.99 18.32 11.25
C THR A 111 11.85 17.46 10.35
N ASN A 112 13.09 17.17 10.76
CA ASN A 112 14.00 16.21 10.12
C ASN A 112 14.36 16.56 8.68
N THR A 113 13.89 17.70 8.17
CA THR A 113 14.16 18.07 6.78
C THR A 113 15.57 18.60 6.65
N ASN A 114 15.91 19.59 7.49
CA ASN A 114 17.24 20.17 7.60
C ASN A 114 17.64 20.94 6.35
N TRP A 115 16.69 21.68 5.79
CA TRP A 115 16.98 22.67 4.76
C TRP A 115 17.77 23.82 5.36
N GLN A 116 18.84 24.23 4.68
CA GLN A 116 19.69 25.32 5.15
C GLN A 116 19.63 26.46 4.14
N SER A 117 19.01 27.57 4.53
CA SER A 117 18.89 28.74 3.69
C SER A 117 20.03 29.74 3.87
N TYR A 118 21.03 29.39 4.65
CA TYR A 118 22.05 30.35 5.07
C TYR A 118 23.46 29.83 4.81
N SER A 119 24.46 30.56 5.30
CA SER A 119 25.82 30.07 5.42
C SER A 119 26.12 29.94 6.90
N GLY A 120 26.53 28.74 7.33
CA GLY A 120 26.60 28.44 8.75
C GLY A 120 27.66 29.26 9.48
N GLU A 121 28.85 29.36 8.89
CA GLU A 121 30.01 29.95 9.56
C GLU A 121 29.86 31.45 9.78
N THR A 122 29.05 32.15 8.98
CA THR A 122 28.75 33.55 9.20
C THR A 122 27.30 33.77 9.59
N THR A 123 26.55 32.71 9.87
CA THR A 123 25.17 32.83 10.30
C THR A 123 24.97 32.45 11.77
N LEU A 124 25.43 31.28 12.19
CA LEU A 124 25.13 30.79 13.53
C LEU A 124 26.39 30.62 14.36
N SER A 125 26.23 30.81 15.67
CA SER A 125 27.32 30.73 16.63
C SER A 125 27.57 29.29 17.05
N TYR A 126 28.60 29.10 17.87
CA TYR A 126 28.99 27.76 18.29
C TYR A 126 27.95 27.13 19.21
N PHE A 127 27.46 27.89 20.20
CA PHE A 127 26.43 27.35 21.08
C PHE A 127 25.11 27.17 20.35
N SER A 128 24.82 28.01 19.37
CA SER A 128 23.63 27.80 18.55
C SER A 128 23.73 26.50 17.76
N GLN A 129 24.83 26.31 17.03
CA GLN A 129 25.03 25.08 16.27
C GLN A 129 25.23 23.85 17.15
N MET A 130 25.51 24.03 18.44
CA MET A 130 25.44 22.90 19.36
C MET A 130 24.00 22.61 19.79
N ALA A 131 23.43 23.53 20.56
CA ALA A 131 22.18 23.25 21.28
C ALA A 131 20.97 23.26 20.35
N GLY A 132 20.88 24.25 19.47
CA GLY A 132 19.73 24.28 18.59
C GLY A 132 19.86 23.44 17.34
N LEU A 133 20.98 22.75 17.14
CA LEU A 133 21.14 21.95 15.94
C LEU A 133 21.38 20.47 16.24
N THR A 134 22.40 20.14 17.04
CA THR A 134 22.74 18.73 17.26
C THR A 134 21.72 18.05 18.16
N VAL A 135 21.27 18.75 19.21
CA VAL A 135 20.26 18.21 20.11
C VAL A 135 18.98 17.90 19.35
N GLN A 136 18.55 18.80 18.48
CA GLN A 136 17.32 18.58 17.75
C GLN A 136 17.50 17.55 16.64
N ASN A 137 18.72 17.39 16.11
CA ASN A 137 19.00 16.29 15.20
C ASN A 137 18.81 14.95 15.91
N PHE A 138 19.36 14.85 17.13
CA PHE A 138 19.18 13.65 17.94
C PHE A 138 17.71 13.39 18.23
N LEU A 139 16.97 14.45 18.60
CA LEU A 139 15.57 14.29 18.98
C LEU A 139 14.70 13.93 17.79
N SER A 140 14.98 14.50 16.62
CA SER A 140 14.20 14.17 15.43
C SER A 140 14.47 12.75 14.96
N ALA A 141 15.74 12.32 15.01
CA ALA A 141 16.06 10.94 14.68
C ALA A 141 15.39 9.97 15.64
N ALA A 142 15.43 10.29 16.94
CA ALA A 142 14.78 9.43 17.93
C ALA A 142 13.26 9.42 17.78
N SER A 143 12.68 10.55 17.37
CA SER A 143 11.23 10.58 17.12
C SER A 143 10.86 9.70 15.94
N GLY A 144 11.66 9.74 14.87
CA GLY A 144 11.41 8.85 13.73
C GLY A 144 11.54 7.38 14.09
N ILE A 145 12.59 7.04 14.84
CA ILE A 145 12.77 5.64 15.26
C ILE A 145 11.66 5.22 16.22
N ALA A 146 11.21 6.12 17.09
CA ALA A 146 10.11 5.79 18.00
C ALA A 146 8.81 5.57 17.25
N VAL A 147 8.53 6.37 16.24
CA VAL A 147 7.31 6.21 15.45
C VAL A 147 7.34 4.89 14.69
N ILE A 148 8.47 4.56 14.06
CA ILE A 148 8.52 3.29 13.33
C ILE A 148 8.54 2.11 14.31
N PHE A 149 9.08 2.30 15.52
CA PHE A 149 9.00 1.27 16.55
C PHE A 149 7.56 1.01 16.96
N ALA A 150 6.78 2.07 17.10
CA ALA A 150 5.36 1.92 17.42
C ALA A 150 4.60 1.24 16.28
N LEU A 151 4.96 1.55 15.03
CA LEU A 151 4.32 0.87 13.90
C LEU A 151 4.64 -0.62 13.87
N ILE A 152 5.90 -0.99 14.12
CA ILE A 152 6.28 -2.39 14.13
C ILE A 152 5.63 -3.11 15.32
N ARG A 153 5.52 -2.43 16.46
CA ARG A 153 4.83 -3.00 17.61
C ARG A 153 3.35 -3.23 17.31
N ALA A 154 2.74 -2.29 16.57
CA ALA A 154 1.35 -2.46 16.15
C ALA A 154 1.20 -3.65 15.21
N PHE A 155 2.17 -3.84 14.32
CA PHE A 155 2.08 -4.98 13.40
C PHE A 155 2.32 -6.31 14.11
N THR A 156 3.14 -6.33 15.16
CA THR A 156 3.49 -7.59 15.82
C THR A 156 2.61 -7.90 17.03
N ARG A 157 1.81 -6.96 17.51
CA ARG A 157 0.99 -7.18 18.70
C ARG A 157 -0.45 -7.48 18.31
N GLN A 158 -1.01 -8.51 18.93
CA GLN A 158 -2.35 -8.99 18.63
C GLN A 158 -3.25 -8.75 19.83
N SER A 159 -4.36 -8.04 19.60
CA SER A 159 -5.38 -7.71 20.61
C SER A 159 -4.78 -6.99 21.81
N MET A 160 -3.85 -6.07 21.55
CA MET A 160 -3.23 -5.24 22.59
C MET A 160 -3.34 -3.79 22.12
N SER A 161 -4.31 -3.06 22.67
CA SER A 161 -4.66 -1.73 22.19
C SER A 161 -3.72 -0.63 22.69
N THR A 162 -2.55 -0.98 23.21
CA THR A 162 -1.58 -0.02 23.70
C THR A 162 -0.24 -0.26 23.02
N LEU A 163 0.53 0.81 22.84
CA LEU A 163 1.70 0.76 21.96
C LEU A 163 2.99 1.15 22.67
N GLY A 164 3.22 0.62 23.87
CA GLY A 164 4.43 0.97 24.60
C GLY A 164 4.36 2.38 25.16
N ASN A 165 5.55 2.91 25.45
CA ASN A 165 5.66 4.26 26.01
C ASN A 165 6.70 5.05 25.24
N ALA A 166 6.30 6.23 24.76
CA ALA A 166 7.17 7.05 23.94
C ALA A 166 8.35 7.59 24.74
N TRP A 167 8.18 7.83 26.04
CA TRP A 167 9.28 8.35 26.86
C TRP A 167 10.40 7.34 26.98
N VAL A 168 10.08 6.10 27.35
CA VAL A 168 11.12 5.08 27.45
C VAL A 168 11.68 4.76 26.06
N ASP A 169 10.84 4.80 25.02
CA ASP A 169 11.35 4.57 23.67
C ASP A 169 12.40 5.63 23.28
N LEU A 170 12.06 6.91 23.48
CA LEU A 170 12.98 7.99 23.13
C LEU A 170 14.26 7.92 23.97
N LEU A 171 14.13 7.66 25.27
CA LEU A 171 15.30 7.58 26.15
C LEU A 171 16.24 6.46 25.73
N ARG A 172 15.71 5.24 25.57
CA ARG A 172 16.55 4.11 25.21
C ARG A 172 17.17 4.29 23.82
N ILE A 173 16.39 4.76 22.85
CA ILE A 173 16.92 4.97 21.51
C ILE A 173 18.04 6.00 21.52
N THR A 174 17.78 7.17 22.14
CA THR A 174 18.74 8.26 22.11
C THR A 174 20.02 7.91 22.83
N LEU A 175 19.93 7.26 24.00
CA LEU A 175 21.12 7.04 24.79
C LEU A 175 21.72 5.65 24.64
N TRP A 176 21.17 4.78 23.78
CA TRP A 176 21.85 3.52 23.52
C TRP A 176 22.10 3.21 22.05
N VAL A 177 21.48 3.92 21.10
CA VAL A 177 21.67 3.65 19.68
C VAL A 177 22.35 4.82 18.98
N LEU A 178 21.90 6.05 19.28
CA LEU A 178 22.40 7.21 18.55
C LEU A 178 23.70 7.74 19.16
N VAL A 179 23.73 7.92 20.48
CA VAL A 179 24.88 8.60 21.12
C VAL A 179 26.20 7.82 21.01
N PRO A 180 26.27 6.53 21.38
CA PRO A 180 27.61 5.89 21.33
C PRO A 180 28.15 5.66 19.93
N VAL A 181 27.28 5.31 18.98
CA VAL A 181 27.72 5.15 17.60
C VAL A 181 28.17 6.48 17.02
N ALA A 182 27.48 7.57 17.38
CA ALA A 182 27.93 8.90 16.99
C ALA A 182 29.26 9.25 17.65
N LEU A 183 29.48 8.80 18.87
CA LEU A 183 30.77 9.04 19.52
C LEU A 183 31.90 8.35 18.76
N LEU A 184 31.69 7.10 18.37
CA LEU A 184 32.70 6.38 17.59
C LEU A 184 32.91 7.02 16.23
N ILE A 185 31.82 7.44 15.57
CA ILE A 185 31.92 8.06 14.25
C ILE A 185 32.65 9.40 14.33
N ALA A 186 32.36 10.21 15.35
CA ALA A 186 33.02 11.49 15.51
C ALA A 186 34.49 11.33 15.87
N LEU A 187 34.82 10.30 16.66
CA LEU A 187 36.23 10.05 16.94
C LEU A 187 36.98 9.59 15.68
N PHE A 188 36.32 8.80 14.83
CA PHE A 188 36.93 8.43 13.55
C PHE A 188 37.11 9.65 12.65
N PHE A 189 36.14 10.56 12.66
CA PHE A 189 36.25 11.80 11.88
C PHE A 189 37.41 12.65 12.38
N ILE A 190 37.59 12.72 13.71
CA ILE A 190 38.70 13.45 14.29
C ILE A 190 40.03 12.79 13.90
N GLN A 191 40.05 11.45 13.87
CA GLN A 191 41.24 10.73 13.41
C GLN A 191 41.57 11.06 11.96
N GLN A 192 40.56 11.15 11.10
CA GLN A 192 40.80 11.40 9.69
C GLN A 192 40.98 12.87 9.37
N GLY A 193 40.68 13.77 10.29
CA GLY A 193 40.96 15.18 10.05
C GLY A 193 39.76 16.12 10.08
N ALA A 194 38.74 15.81 10.88
CA ALA A 194 37.62 16.71 11.04
C ALA A 194 37.97 17.81 12.05
N LEU A 195 36.97 18.56 12.48
CA LEU A 195 37.17 19.72 13.35
C LEU A 195 36.29 19.59 14.58
N GLN A 196 36.89 19.81 15.76
CA GLN A 196 36.13 19.86 17.00
C GLN A 196 36.93 20.69 18.01
N ASN A 197 36.54 21.95 18.18
CA ASN A 197 37.19 22.85 19.13
C ASN A 197 36.23 24.01 19.40
N PHE A 198 36.72 25.01 20.13
CA PHE A 198 35.92 26.21 20.39
C PHE A 198 36.76 27.47 20.25
N LEU A 199 37.87 27.40 19.54
CA LEU A 199 38.71 28.57 19.31
C LEU A 199 38.00 29.56 18.40
N PRO A 200 38.35 30.84 18.49
CA PRO A 200 37.80 31.82 17.53
C PRO A 200 38.33 31.61 16.12
N TYR A 201 37.83 32.40 15.17
CA TYR A 201 38.19 32.23 13.76
C TYR A 201 39.65 32.60 13.58
N GLN A 202 40.48 31.61 13.24
CA GLN A 202 41.92 31.80 13.19
C GLN A 202 42.29 32.59 11.94
N ALA A 203 42.90 33.75 12.14
CA ALA A 203 43.40 34.54 11.02
C ALA A 203 44.60 33.84 10.39
N VAL A 204 44.58 33.71 9.07
CA VAL A 204 45.61 32.98 8.33
C VAL A 204 46.10 33.88 7.20
N ASN A 205 47.41 34.13 7.16
CA ASN A 205 48.02 34.76 6.00
C ASN A 205 48.49 33.67 5.04
N THR A 206 48.12 33.81 3.77
CA THR A 206 48.39 32.77 2.78
C THR A 206 49.87 32.76 2.41
N VAL A 207 50.22 31.82 1.52
CA VAL A 207 51.59 31.75 1.03
C VAL A 207 51.92 32.97 0.18
N GLU A 208 50.97 33.40 -0.66
CA GLU A 208 51.19 34.60 -1.46
C GLU A 208 51.09 35.86 -0.59
N GLY A 209 50.19 35.86 0.39
CA GLY A 209 50.09 36.98 1.30
C GLY A 209 48.68 37.50 1.51
N ALA A 210 47.71 36.93 0.79
CA ALA A 210 46.33 37.37 0.92
C ALA A 210 45.75 36.93 2.26
N GLN A 211 44.77 37.69 2.72
CA GLN A 211 44.10 37.39 3.98
C GLN A 211 43.15 36.21 3.82
N GLN A 212 43.02 35.42 4.90
CA GLN A 212 42.15 34.25 4.89
C GLN A 212 41.72 33.97 6.32
N LEU A 213 40.42 33.85 6.54
CA LEU A 213 39.86 33.59 7.86
C LEU A 213 39.29 32.18 7.89
N LEU A 214 39.86 31.32 8.72
CA LEU A 214 39.43 29.93 8.81
C LEU A 214 38.40 29.78 9.91
N PRO A 215 37.18 29.33 9.61
CA PRO A 215 36.20 29.10 10.67
C PRO A 215 36.56 27.87 11.49
N MET A 216 36.11 27.89 12.75
CA MET A 216 36.36 26.79 13.67
C MET A 216 35.06 26.31 14.30
N GLY A 217 35.14 25.43 15.28
CA GLY A 217 33.96 25.01 16.03
C GLY A 217 33.76 23.52 16.07
N PRO A 218 32.75 23.07 16.81
CA PRO A 218 32.47 21.62 16.94
C PRO A 218 31.79 21.01 15.72
N VAL A 219 32.61 20.66 14.72
CA VAL A 219 32.08 20.16 13.46
C VAL A 219 31.86 18.66 13.49
N ALA A 220 32.76 17.89 14.12
CA ALA A 220 32.67 16.44 14.08
C ALA A 220 31.49 15.92 14.88
N SER A 221 31.20 16.55 16.03
CA SER A 221 30.04 16.14 16.83
C SER A 221 28.74 16.39 16.08
N GLN A 222 28.69 17.46 15.29
CA GLN A 222 27.56 17.67 14.39
C GLN A 222 27.51 16.61 13.30
N GLU A 223 28.66 16.33 12.68
CA GLU A 223 28.73 15.43 11.53
C GLU A 223 28.30 14.01 11.88
N ALA A 224 28.65 13.56 13.08
CA ALA A 224 28.37 12.19 13.47
C ALA A 224 26.88 11.90 13.52
N ILE A 225 26.12 12.71 14.27
CA ILE A 225 24.67 12.54 14.30
C ILE A 225 24.05 12.98 12.98
N LYS A 226 24.71 13.89 12.26
CA LYS A 226 24.22 14.38 10.98
C LYS A 226 24.19 13.27 9.94
N MET A 227 25.12 12.33 10.04
CA MET A 227 25.08 11.16 9.16
C MET A 227 24.41 9.95 9.77
N LEU A 228 24.44 9.80 11.09
CA LEU A 228 23.79 8.65 11.72
C LEU A 228 22.28 8.75 11.62
N GLY A 229 21.71 9.90 11.96
CA GLY A 229 20.28 10.06 12.00
C GLY A 229 19.64 10.50 10.71
N THR A 230 20.39 10.52 9.60
CA THR A 230 19.93 11.04 8.30
C THR A 230 19.39 12.46 8.41
N ASN A 231 19.96 13.23 9.32
CA ASN A 231 19.59 14.61 9.55
C ASN A 231 20.60 15.50 8.84
N GLY A 232 20.19 16.17 7.78
CA GLY A 232 21.11 16.95 6.98
C GLY A 232 21.60 18.21 7.68
N GLY A 233 22.28 19.04 6.91
CA GLY A 233 22.66 20.34 7.41
C GLY A 233 24.01 20.32 8.08
N GLY A 234 25.01 20.95 7.45
CA GLY A 234 26.37 20.91 7.95
C GLY A 234 26.69 22.09 8.86
N PHE A 235 27.90 22.04 9.41
CA PHE A 235 28.44 23.15 10.17
C PHE A 235 28.64 24.38 9.29
N PHE A 236 29.03 24.19 8.04
CA PHE A 236 29.29 25.26 7.09
C PHE A 236 28.27 25.20 5.96
N ASN A 237 28.42 26.09 4.98
CA ASN A 237 27.48 26.14 3.87
C ASN A 237 27.67 24.93 2.96
N ALA A 238 28.91 24.57 2.65
CA ALA A 238 29.21 23.41 1.82
C ALA A 238 28.93 22.17 2.66
N ASN A 239 27.72 21.66 2.53
CA ASN A 239 27.23 20.58 3.38
C ASN A 239 27.90 19.27 2.98
N SER A 240 28.85 18.81 3.81
CA SER A 240 29.66 17.60 3.61
C SER A 240 30.55 17.67 2.36
N SER A 241 30.78 18.86 1.83
CA SER A 241 31.81 19.07 0.82
C SER A 241 33.02 19.83 1.35
N HIS A 242 32.87 20.51 2.47
CA HIS A 242 33.98 21.19 3.12
C HIS A 242 35.00 20.16 3.61
N PRO A 243 36.30 20.35 3.33
CA PRO A 243 37.31 19.43 3.88
C PRO A 243 37.38 19.42 5.40
N PHE A 244 36.89 20.46 6.07
CA PHE A 244 36.74 20.40 7.52
C PHE A 244 35.61 19.49 7.95
N GLU A 245 34.74 19.09 7.03
CA GLU A 245 33.67 18.14 7.29
C GLU A 245 33.93 16.77 6.68
N ASN A 246 34.52 16.73 5.48
CA ASN A 246 34.81 15.48 4.78
C ASN A 246 36.28 15.49 4.37
N PRO A 247 37.19 15.14 5.28
CA PRO A 247 38.61 15.18 4.92
C PRO A 247 39.05 14.08 3.95
N THR A 248 38.58 12.85 4.12
CA THR A 248 39.10 11.73 3.35
C THR A 248 37.99 10.86 2.79
N ALA A 249 38.37 10.01 1.84
CA ALA A 249 37.44 9.05 1.25
C ALA A 249 36.97 8.02 2.27
N LEU A 250 37.81 7.69 3.26
CA LEU A 250 37.37 6.81 4.34
C LEU A 250 36.29 7.48 5.17
N THR A 251 36.44 8.78 5.43
CA THR A 251 35.39 9.54 6.10
C THR A 251 34.11 9.56 5.29
N ASN A 252 34.22 9.75 3.98
CA ASN A 252 33.04 9.74 3.12
C ASN A 252 32.34 8.38 3.10
N PHE A 253 33.13 7.30 3.07
CA PHE A 253 32.56 5.95 3.10
C PHE A 253 31.87 5.66 4.42
N VAL A 254 32.47 6.09 5.53
CA VAL A 254 31.83 5.95 6.84
C VAL A 254 30.57 6.80 6.92
N GLN A 255 30.56 7.95 6.25
CA GLN A 255 29.35 8.77 6.18
C GLN A 255 28.23 8.06 5.42
N MET A 256 28.58 7.41 4.30
CA MET A 256 27.59 6.61 3.57
C MET A 256 27.05 5.48 4.43
N LEU A 257 27.94 4.79 5.14
CA LEU A 257 27.52 3.69 6.00
C LEU A 257 26.64 4.18 7.14
N ALA A 258 26.95 5.34 7.71
CA ALA A 258 26.13 5.90 8.77
C ALA A 258 24.76 6.34 8.24
N ILE A 259 24.70 6.81 6.99
CA ILE A 259 23.42 7.19 6.40
C ILE A 259 22.54 5.95 6.21
N PHE A 260 23.09 4.89 5.62
CA PHE A 260 22.28 3.71 5.34
C PHE A 260 22.23 2.70 6.48
N LEU A 261 22.86 3.00 7.62
CA LEU A 261 22.88 2.04 8.73
C LEU A 261 21.49 1.83 9.32
N ILE A 262 20.79 2.91 9.64
CA ILE A 262 19.54 2.81 10.39
C ILE A 262 18.37 2.29 9.57
N PRO A 263 18.13 2.69 8.30
CA PRO A 263 17.04 2.02 7.55
C PRO A 263 17.26 0.53 7.32
N THR A 264 18.49 0.12 7.02
CA THR A 264 18.79 -1.30 6.85
C THR A 264 18.62 -2.06 8.17
N ALA A 265 19.08 -1.45 9.27
CA ALA A 265 18.89 -2.08 10.58
C ALA A 265 17.42 -2.14 10.97
N LEU A 266 16.62 -1.17 10.52
CA LEU A 266 15.19 -1.20 10.82
C LEU A 266 14.48 -2.27 10.01
N CYS A 267 14.89 -2.47 8.76
CA CYS A 267 14.35 -3.59 7.98
C CYS A 267 14.73 -4.93 8.60
N PHE A 268 15.99 -5.05 9.05
CA PHE A 268 16.42 -6.28 9.73
C PHE A 268 15.69 -6.47 11.04
N ALA A 269 15.39 -5.38 11.75
CA ALA A 269 14.62 -5.46 12.99
C ALA A 269 13.19 -5.90 12.72
N PHE A 270 12.60 -5.43 11.61
CA PHE A 270 11.29 -5.91 11.19
C PHE A 270 11.33 -7.42 10.94
N GLY A 271 12.36 -7.88 10.24
CA GLY A 271 12.50 -9.31 9.97
C GLY A 271 12.67 -10.13 11.23
N GLU A 272 13.44 -9.61 12.20
CA GLU A 272 13.68 -10.36 13.42
C GLU A 272 12.48 -10.34 14.36
N VAL A 273 11.75 -9.21 14.40
CA VAL A 273 10.57 -9.12 15.26
C VAL A 273 9.44 -9.99 14.72
N MET A 274 9.25 -10.00 13.40
CA MET A 274 8.15 -10.77 12.83
C MET A 274 8.49 -12.24 12.62
N GLY A 275 9.47 -12.78 13.34
CA GLY A 275 9.76 -14.19 13.29
C GLY A 275 10.57 -14.58 12.07
N ASP A 276 9.94 -14.54 10.90
CA ASP A 276 10.62 -14.86 9.66
C ASP A 276 11.36 -13.65 9.09
N ARG A 277 12.59 -13.88 8.64
CA ARG A 277 13.41 -12.83 8.06
C ARG A 277 13.15 -12.63 6.58
N ARG A 278 12.27 -13.43 5.98
CA ARG A 278 11.91 -13.24 4.58
C ARG A 278 11.16 -11.92 4.38
N GLN A 279 10.31 -11.56 5.35
CA GLN A 279 9.60 -10.29 5.27
C GLN A 279 10.50 -9.10 5.53
N GLY A 280 11.66 -9.32 6.17
CA GLY A 280 12.61 -8.25 6.37
C GLY A 280 13.63 -8.16 5.26
N ARG A 281 13.77 -9.24 4.48
CA ARG A 281 14.66 -9.25 3.34
C ARG A 281 13.97 -8.89 2.03
N MET A 282 12.66 -9.10 1.93
CA MET A 282 11.91 -8.62 0.77
C MET A 282 11.99 -7.10 0.67
N LEU A 283 11.83 -6.41 1.79
CA LEU A 283 11.96 -4.96 1.81
C LEU A 283 13.35 -4.52 1.39
N LEU A 284 14.38 -5.23 1.88
CA LEU A 284 15.75 -4.87 1.53
C LEU A 284 16.04 -5.09 0.06
N TRP A 285 15.50 -6.16 -0.52
CA TRP A 285 15.61 -6.36 -1.97
C TRP A 285 14.90 -5.24 -2.73
N ALA A 286 13.72 -4.82 -2.25
CA ALA A 286 12.97 -3.76 -2.90
C ALA A 286 13.72 -2.43 -2.86
N MET A 287 14.39 -2.14 -1.74
CA MET A 287 15.25 -0.95 -1.70
C MET A 287 16.45 -1.11 -2.62
N SER A 288 17.11 -2.28 -2.58
CA SER A 288 18.42 -2.44 -3.20
C SER A 288 18.33 -2.42 -4.71
N VAL A 289 17.26 -2.98 -5.29
CA VAL A 289 17.16 -3.02 -6.75
C VAL A 289 17.01 -1.61 -7.32
N ILE A 290 16.10 -0.82 -6.74
CA ILE A 290 15.90 0.56 -7.19
C ILE A 290 17.14 1.39 -6.90
N PHE A 291 17.81 1.14 -5.76
CA PHE A 291 19.01 1.89 -5.41
C PHE A 291 20.13 1.62 -6.41
N VAL A 292 20.35 0.35 -6.76
CA VAL A 292 21.38 0.00 -7.72
C VAL A 292 21.08 0.58 -9.09
N ILE A 293 19.81 0.52 -9.51
CA ILE A 293 19.42 1.07 -10.81
C ILE A 293 19.68 2.57 -10.87
N CYS A 294 19.26 3.30 -9.83
CA CYS A 294 19.43 4.75 -9.81
C CYS A 294 20.90 5.14 -9.73
N VAL A 295 21.69 4.41 -8.93
CA VAL A 295 23.12 4.72 -8.81
C VAL A 295 23.83 4.47 -10.14
N GLY A 296 23.50 3.36 -10.81
CA GLY A 296 24.11 3.09 -12.10
C GLY A 296 23.75 4.11 -13.16
N VAL A 297 22.48 4.53 -13.17
CA VAL A 297 22.05 5.54 -14.14
C VAL A 297 22.73 6.87 -13.89
N VAL A 298 22.85 7.28 -12.62
CA VAL A 298 23.48 8.56 -12.31
C VAL A 298 24.99 8.51 -12.59
N MET A 299 25.64 7.38 -12.30
CA MET A 299 27.04 7.23 -12.66
C MET A 299 27.26 7.30 -14.17
N TRP A 300 26.40 6.64 -14.95
CA TRP A 300 26.55 6.70 -16.40
C TRP A 300 26.34 8.12 -16.92
N ALA A 301 25.35 8.83 -16.39
CA ALA A 301 25.09 10.21 -16.81
C ALA A 301 26.26 11.12 -16.46
N GLU A 302 26.84 10.96 -15.27
CA GLU A 302 27.95 11.82 -14.88
C GLU A 302 29.24 11.46 -15.59
N VAL A 303 29.41 10.19 -15.98
CA VAL A 303 30.58 9.81 -16.76
C VAL A 303 30.49 10.37 -18.17
N GLN A 304 29.30 10.32 -18.79
CA GLN A 304 29.14 10.94 -20.09
C GLN A 304 29.30 12.46 -20.00
N GLY A 305 28.76 13.07 -18.95
CA GLY A 305 29.09 14.45 -18.61
C GLY A 305 28.59 15.48 -19.60
N ASN A 306 29.35 16.56 -19.72
CA ASN A 306 29.00 17.70 -20.55
C ASN A 306 29.85 17.69 -21.81
N PRO A 307 29.26 17.55 -23.00
CA PRO A 307 30.05 17.63 -24.24
C PRO A 307 30.64 19.00 -24.52
N HIS A 308 30.10 20.06 -23.90
CA HIS A 308 30.64 21.40 -24.10
C HIS A 308 32.06 21.52 -23.56
N LEU A 309 32.36 20.81 -22.47
CA LEU A 309 33.71 20.83 -21.92
C LEU A 309 34.72 20.23 -22.89
N LEU A 310 34.40 19.07 -23.47
CA LEU A 310 35.28 18.47 -24.46
C LEU A 310 35.35 19.31 -25.73
N ALA A 311 34.27 20.01 -26.07
CA ALA A 311 34.32 20.92 -27.20
C ALA A 311 35.15 22.15 -26.91
N LEU A 312 35.33 22.52 -25.64
CA LEU A 312 36.10 23.70 -25.25
C LEU A 312 37.50 23.37 -24.79
N GLY A 313 38.13 22.37 -25.42
CA GLY A 313 39.53 22.07 -25.13
C GLY A 313 39.82 21.43 -23.79
N THR A 314 39.03 20.45 -23.38
CA THR A 314 39.28 19.69 -22.17
C THR A 314 39.35 18.20 -22.53
N ASP A 315 40.37 17.52 -22.00
CA ASP A 315 40.56 16.11 -22.31
C ASP A 315 39.43 15.25 -21.75
N SER A 316 38.87 15.64 -20.62
CA SER A 316 37.85 14.86 -19.94
C SER A 316 36.48 15.47 -20.20
N SER A 317 35.57 14.66 -20.72
CA SER A 317 34.17 15.06 -20.87
C SER A 317 33.36 14.82 -19.61
N ILE A 318 33.97 14.24 -18.57
CA ILE A 318 33.29 13.98 -17.31
C ILE A 318 32.98 15.31 -16.62
N ASN A 319 31.71 15.50 -16.26
CA ASN A 319 31.28 16.73 -15.62
C ASN A 319 31.75 16.78 -14.18
N MET A 320 32.93 17.36 -13.95
CA MET A 320 33.46 17.55 -12.61
C MET A 320 33.22 18.95 -12.09
N GLU A 321 32.35 19.72 -12.75
CA GLU A 321 32.00 21.05 -12.27
C GLU A 321 31.20 20.95 -10.99
N GLY A 322 31.57 21.75 -9.99
CA GLY A 322 30.89 21.71 -8.71
C GLY A 322 31.04 20.39 -7.98
N LYS A 323 32.21 19.76 -8.09
CA LYS A 323 32.49 18.49 -7.46
C LYS A 323 33.81 18.56 -6.71
N GLU A 324 33.93 17.72 -5.67
CA GLU A 324 35.20 17.62 -4.96
C GLU A 324 36.22 16.88 -5.82
N SER A 325 37.50 17.14 -5.55
CA SER A 325 38.58 16.51 -6.29
C SER A 325 39.19 15.32 -5.58
N ARG A 326 39.20 15.33 -4.24
CA ARG A 326 39.57 14.15 -3.48
C ARG A 326 38.54 13.04 -3.60
N PHE A 327 37.32 13.37 -4.01
CA PHE A 327 36.22 12.42 -4.17
C PHE A 327 35.96 12.27 -5.66
N GLY A 328 35.93 11.03 -6.14
CA GLY A 328 35.75 10.78 -7.55
C GLY A 328 34.35 11.12 -8.02
N VAL A 329 34.18 11.12 -9.34
CA VAL A 329 32.86 11.40 -9.91
C VAL A 329 31.90 10.24 -9.61
N LEU A 330 32.39 9.00 -9.62
CA LEU A 330 31.55 7.87 -9.25
C LEU A 330 31.15 7.95 -7.78
N VAL A 331 32.08 8.32 -6.91
CA VAL A 331 31.78 8.45 -5.49
C VAL A 331 30.79 9.58 -5.25
N SER A 332 30.94 10.68 -5.99
CA SER A 332 30.01 11.80 -5.89
C SER A 332 28.62 11.41 -6.36
N SER A 333 28.53 10.66 -7.46
CA SER A 333 27.24 10.19 -7.95
C SER A 333 26.56 9.26 -6.95
N LEU A 334 27.33 8.32 -6.38
CA LEU A 334 26.77 7.40 -5.41
C LEU A 334 26.29 8.13 -4.15
N PHE A 335 27.10 9.06 -3.64
CA PHE A 335 26.71 9.81 -2.45
C PHE A 335 25.52 10.71 -2.72
N ALA A 336 25.42 11.27 -3.94
CA ALA A 336 24.26 12.07 -4.31
C ALA A 336 22.99 11.22 -4.30
N VAL A 337 23.05 10.03 -4.88
CA VAL A 337 21.86 9.16 -4.89
C VAL A 337 21.52 8.71 -3.47
N VAL A 338 22.55 8.44 -2.65
CA VAL A 338 22.33 8.00 -1.27
C VAL A 338 21.61 9.09 -0.46
N THR A 339 22.08 10.33 -0.57
CA THR A 339 21.47 11.41 0.21
C THR A 339 20.10 11.80 -0.32
N THR A 340 19.90 11.73 -1.64
CA THR A 340 18.59 12.06 -2.17
C THR A 340 17.58 10.93 -2.02
N ALA A 341 18.04 9.71 -1.69
CA ALA A 341 17.11 8.63 -1.42
C ALA A 341 16.87 8.38 0.07
N ALA A 342 17.78 8.82 0.93
CA ALA A 342 17.70 8.52 2.35
C ALA A 342 17.39 9.74 3.21
N SER A 343 16.86 10.81 2.60
CA SER A 343 16.43 12.04 3.29
C SER A 343 17.56 12.70 4.07
N CYS A 344 18.79 12.55 3.59
CA CYS A 344 19.94 13.23 4.17
C CYS A 344 20.26 14.45 3.31
N GLY A 345 20.48 15.58 3.97
CA GLY A 345 20.75 16.82 3.26
C GLY A 345 22.19 17.05 2.88
N ALA A 346 23.06 16.05 3.05
CA ALA A 346 24.45 16.21 2.69
C ALA A 346 24.62 16.27 1.17
N VAL A 347 25.50 17.15 0.71
CA VAL A 347 25.72 17.37 -0.71
C VAL A 347 27.22 17.29 -1.01
N ILE A 348 27.67 16.13 -1.51
CA ILE A 348 29.05 15.96 -1.94
C ILE A 348 29.35 16.87 -3.13
N ALA A 349 28.38 17.04 -4.02
CA ALA A 349 28.43 18.00 -5.10
C ALA A 349 27.27 18.95 -4.91
N MET A 350 27.31 20.09 -5.60
CA MET A 350 26.27 21.08 -5.39
C MET A 350 24.93 20.69 -6.00
N HIS A 351 24.86 19.56 -6.72
CA HIS A 351 23.65 18.93 -7.26
C HIS A 351 23.03 19.75 -8.39
N ASP A 352 23.56 20.94 -8.63
CA ASP A 352 23.06 21.86 -9.63
C ASP A 352 23.90 21.84 -10.89
N SER A 353 25.20 21.56 -10.74
CA SER A 353 26.11 21.43 -11.86
C SER A 353 26.15 20.01 -12.41
N PHE A 354 25.26 19.13 -11.94
CA PHE A 354 25.09 17.82 -12.54
C PHE A 354 24.53 17.94 -13.94
N THR A 355 24.56 16.82 -14.66
CA THR A 355 23.83 16.75 -15.91
C THR A 355 22.33 16.75 -15.65
N ALA A 356 21.56 17.01 -16.71
CA ALA A 356 20.11 17.11 -16.56
C ALA A 356 19.49 15.78 -16.15
N LEU A 357 19.93 14.69 -16.76
CA LEU A 357 19.41 13.37 -16.40
C LEU A 357 19.92 12.92 -15.03
N GLY A 358 21.18 13.25 -14.72
CA GLY A 358 21.77 12.94 -13.43
C GLY A 358 21.30 13.81 -12.30
N GLY A 359 20.52 14.85 -12.59
CA GLY A 359 19.76 15.56 -11.57
C GLY A 359 18.29 15.19 -11.63
N MET A 360 17.86 14.60 -12.75
CA MET A 360 16.49 14.13 -12.87
C MET A 360 16.26 12.90 -11.99
N VAL A 361 17.19 11.95 -12.04
CA VAL A 361 17.04 10.71 -11.26
C VAL A 361 17.02 10.95 -9.75
N PRO A 362 17.97 11.70 -9.14
CA PRO A 362 17.85 11.91 -7.69
C PRO A 362 16.66 12.77 -7.27
N MET A 363 16.23 13.71 -8.11
CA MET A 363 15.03 14.46 -7.77
C MET A 363 13.78 13.60 -7.91
N TRP A 364 13.78 12.65 -8.85
CA TRP A 364 12.69 11.68 -8.92
C TRP A 364 12.68 10.79 -7.68
N LEU A 365 13.86 10.36 -7.21
CA LEU A 365 13.94 9.60 -5.97
C LEU A 365 13.47 10.42 -4.77
N MET A 366 13.71 11.73 -4.81
CA MET A 366 13.12 12.63 -3.83
C MET A 366 11.60 12.62 -3.91
N GLN A 367 11.06 12.67 -5.13
CA GLN A 367 9.64 12.87 -5.33
C GLN A 367 8.81 11.60 -5.22
N ILE A 368 9.42 10.41 -5.20
CA ILE A 368 8.62 9.18 -5.05
C ILE A 368 8.15 8.95 -3.62
N GLY A 369 8.49 9.83 -2.69
CA GLY A 369 8.02 9.72 -1.32
C GLY A 369 9.06 9.34 -0.29
N GLU A 370 10.34 9.29 -0.66
CA GLU A 370 11.45 8.95 0.24
C GLU A 370 11.26 7.57 0.88
N VAL A 371 11.30 6.53 0.05
CA VAL A 371 11.09 5.18 0.56
C VAL A 371 12.33 4.32 0.39
N VAL A 372 13.12 4.57 -0.65
CA VAL A 372 14.24 3.70 -1.01
C VAL A 372 15.37 3.99 -0.01
N PHE A 373 15.50 3.11 1.00
CA PHE A 373 16.36 3.31 2.17
C PHE A 373 16.11 4.66 2.84
N GLY A 374 14.86 5.11 2.83
CA GLY A 374 14.58 6.49 3.17
C GLY A 374 14.69 6.78 4.65
N GLY A 375 15.01 8.03 4.94
CA GLY A 375 14.98 8.75 6.21
C GLY A 375 15.54 7.96 7.37
N VAL A 376 14.96 8.22 8.54
CA VAL A 376 15.25 7.45 9.75
C VAL A 376 13.90 7.00 10.34
N GLY A 377 13.45 5.83 9.90
CA GLY A 377 12.09 5.40 10.20
C GLY A 377 11.05 6.01 9.27
N SER A 378 11.28 7.27 8.86
CA SER A 378 10.36 7.97 7.99
C SER A 378 10.29 7.33 6.61
N GLY A 379 11.39 6.75 6.15
CA GLY A 379 11.33 5.98 4.92
C GLY A 379 10.71 4.62 5.10
N LEU A 380 10.88 4.01 6.28
CA LEU A 380 10.35 2.66 6.45
C LEU A 380 8.84 2.66 6.65
N TYR A 381 8.26 3.67 7.32
CA TYR A 381 6.80 3.67 7.36
C TYR A 381 6.19 4.11 6.03
N GLY A 382 6.87 4.94 5.24
CA GLY A 382 6.39 5.20 3.88
C GLY A 382 6.46 3.96 3.01
N MET A 383 7.53 3.18 3.13
CA MET A 383 7.61 1.88 2.48
C MET A 383 6.52 0.95 2.97
N MET A 384 6.15 1.05 4.25
CA MET A 384 5.05 0.26 4.79
C MET A 384 3.72 0.67 4.15
N LEU A 385 3.53 1.98 3.92
CA LEU A 385 2.33 2.44 3.22
C LEU A 385 2.28 1.86 1.81
N PHE A 386 3.42 1.86 1.11
CA PHE A 386 3.47 1.26 -0.22
C PHE A 386 3.25 -0.25 -0.18
N VAL A 387 3.69 -0.92 0.90
CA VAL A 387 3.44 -2.34 1.05
C VAL A 387 1.95 -2.60 1.29
N LEU A 388 1.28 -1.72 2.05
CA LEU A 388 -0.18 -1.85 2.20
C LEU A 388 -0.91 -1.66 0.87
N LEU A 389 -0.49 -0.69 0.05
CA LEU A 389 -1.05 -0.57 -1.29
C LEU A 389 -0.78 -1.82 -2.12
N ALA A 390 0.44 -2.36 -2.04
CA ALA A 390 0.80 -3.54 -2.82
C ALA A 390 -0.01 -4.76 -2.39
N VAL A 391 -0.22 -4.95 -1.09
CA VAL A 391 -0.97 -6.12 -0.65
C VAL A 391 -2.45 -5.94 -0.91
N PHE A 392 -2.96 -4.70 -0.92
CA PHE A 392 -4.34 -4.48 -1.34
C PHE A 392 -4.53 -4.84 -2.80
N ILE A 393 -3.60 -4.40 -3.66
CA ILE A 393 -3.67 -4.72 -5.08
C ILE A 393 -3.50 -6.21 -5.32
N ALA A 394 -2.60 -6.85 -4.57
CA ALA A 394 -2.36 -8.28 -4.75
C ALA A 394 -3.53 -9.11 -4.25
N GLY A 395 -4.16 -8.71 -3.15
CA GLY A 395 -5.38 -9.39 -2.71
C GLY A 395 -6.52 -9.21 -3.70
N LEU A 396 -6.60 -8.04 -4.32
CA LEU A 396 -7.56 -7.84 -5.40
C LEU A 396 -7.28 -8.76 -6.57
N MET A 397 -6.00 -8.93 -6.92
CA MET A 397 -5.64 -9.78 -8.05
C MET A 397 -5.92 -11.26 -7.76
N ILE A 398 -5.64 -11.72 -6.54
CA ILE A 398 -5.83 -13.14 -6.21
C ILE A 398 -7.23 -13.44 -5.73
N GLY A 399 -8.07 -12.42 -5.52
CA GLY A 399 -9.44 -12.66 -5.10
C GLY A 399 -9.62 -12.91 -3.62
N ARG A 400 -8.55 -12.83 -2.83
CA ARG A 400 -8.66 -13.00 -1.39
C ARG A 400 -8.82 -11.64 -0.72
N THR A 401 -9.15 -11.67 0.57
CA THR A 401 -9.25 -10.45 1.34
C THR A 401 -7.85 -9.82 1.50
N PRO A 402 -7.75 -8.49 1.40
CA PRO A 402 -6.43 -7.86 1.49
C PRO A 402 -5.86 -7.91 2.90
N GLU A 403 -4.80 -8.69 3.09
CA GLU A 403 -4.20 -8.88 4.39
C GLU A 403 -2.69 -8.77 4.27
N TYR A 404 -2.06 -8.39 5.38
CA TYR A 404 -0.60 -8.29 5.46
C TYR A 404 -0.16 -8.75 6.84
N LEU A 405 0.66 -9.82 6.86
CA LEU A 405 1.18 -10.42 8.10
C LEU A 405 0.06 -10.85 9.04
N GLY A 406 -1.02 -11.37 8.48
CA GLY A 406 -2.12 -11.88 9.27
C GLY A 406 -3.14 -10.85 9.69
N LYS A 407 -2.90 -9.57 9.41
CA LYS A 407 -3.82 -8.50 9.79
C LYS A 407 -4.63 -8.10 8.57
N LYS A 408 -5.95 -8.21 8.66
CA LYS A 408 -6.81 -7.83 7.56
C LYS A 408 -6.82 -6.32 7.41
N ILE A 409 -6.56 -5.84 6.19
CA ILE A 409 -6.53 -4.40 5.93
C ILE A 409 -7.96 -3.93 5.65
N ASP A 410 -8.39 -2.92 6.39
CA ASP A 410 -9.79 -2.51 6.41
C ASP A 410 -9.91 -1.11 5.80
N VAL A 411 -11.16 -0.59 5.84
CA VAL A 411 -11.47 0.69 5.19
C VAL A 411 -10.76 1.85 5.90
N ARG A 412 -10.60 1.76 7.23
CA ARG A 412 -9.89 2.81 7.95
C ARG A 412 -8.41 2.83 7.59
N GLU A 413 -7.81 1.64 7.45
CA GLU A 413 -6.42 1.55 7.03
C GLU A 413 -6.24 2.09 5.62
N MET A 414 -7.17 1.78 4.69
CA MET A 414 -7.09 2.34 3.36
C MET A 414 -7.25 3.86 3.35
N LYS A 415 -8.17 4.40 4.16
CA LYS A 415 -8.36 5.84 4.25
C LYS A 415 -7.09 6.54 4.73
N LEU A 416 -6.52 6.06 5.85
CA LEU A 416 -5.36 6.72 6.41
C LEU A 416 -4.10 6.48 5.56
N THR A 417 -3.99 5.31 4.93
CA THR A 417 -2.87 5.06 4.03
C THR A 417 -2.94 5.96 2.79
N ALA A 418 -4.14 6.16 2.24
CA ALA A 418 -4.29 7.08 1.12
C ALA A 418 -3.97 8.51 1.53
N LEU A 419 -4.40 8.92 2.73
CA LEU A 419 -4.09 10.27 3.19
C LEU A 419 -2.59 10.46 3.38
N ALA A 420 -1.92 9.48 3.99
CA ALA A 420 -0.48 9.56 4.19
C ALA A 420 0.29 9.52 2.86
N ILE A 421 -0.24 8.80 1.87
CA ILE A 421 0.36 8.84 0.53
C ILE A 421 0.21 10.22 -0.08
N LEU A 422 -0.97 10.83 0.04
CA LEU A 422 -1.27 12.11 -0.60
C LEU A 422 -0.68 13.34 0.09
N VAL A 423 -0.22 13.24 1.34
CA VAL A 423 0.28 14.45 2.02
C VAL A 423 1.50 15.03 1.30
N THR A 424 2.48 14.20 0.95
CA THR A 424 3.70 14.73 0.34
C THR A 424 3.52 15.31 -1.07
N PRO A 425 2.88 14.63 -2.05
CA PRO A 425 2.86 15.22 -3.40
C PRO A 425 1.93 16.42 -3.52
N THR A 426 0.87 16.51 -2.72
CA THR A 426 0.05 17.72 -2.77
C THR A 426 0.85 18.92 -2.28
N LEU A 427 1.74 18.72 -1.32
CA LEU A 427 2.56 19.82 -0.82
C LEU A 427 3.65 20.18 -1.83
N VAL A 428 4.25 19.17 -2.46
CA VAL A 428 5.27 19.43 -3.48
C VAL A 428 4.66 20.21 -4.64
N LEU A 429 3.53 19.75 -5.16
CA LEU A 429 2.91 20.38 -6.31
C LEU A 429 2.35 21.76 -5.98
N MET A 430 1.70 21.90 -4.83
CA MET A 430 1.13 23.20 -4.46
C MET A 430 2.22 24.21 -4.13
N GLY A 431 3.30 23.78 -3.48
CA GLY A 431 4.40 24.68 -3.22
C GLY A 431 5.11 25.12 -4.50
N ALA A 432 5.30 24.18 -5.44
CA ALA A 432 5.89 24.55 -6.72
C ALA A 432 4.99 25.51 -7.50
N ALA A 433 3.68 25.26 -7.48
CA ALA A 433 2.75 26.16 -8.16
C ALA A 433 2.73 27.55 -7.53
N LEU A 434 2.77 27.61 -6.20
CA LEU A 434 2.79 28.90 -5.52
C LEU A 434 4.11 29.62 -5.74
N ALA A 435 5.21 28.89 -5.87
CA ALA A 435 6.50 29.53 -6.11
C ALA A 435 6.62 30.05 -7.54
N MET A 436 6.07 29.31 -8.52
CA MET A 436 6.22 29.73 -9.91
C MET A 436 5.16 30.74 -10.35
N MET A 437 4.18 31.05 -9.51
CA MET A 437 3.20 32.09 -9.83
C MET A 437 3.55 33.45 -9.22
N THR A 438 4.66 33.54 -8.49
CA THR A 438 5.04 34.79 -7.83
C THR A 438 6.43 35.22 -8.29
N ASP A 439 6.58 36.52 -8.52
CA ASP A 439 7.89 37.06 -8.86
C ASP A 439 8.87 36.97 -7.70
N ALA A 440 8.38 36.97 -6.46
CA ALA A 440 9.23 36.71 -5.31
C ALA A 440 9.73 35.28 -5.31
N GLY A 441 8.87 34.34 -5.69
CA GLY A 441 9.30 32.95 -5.78
C GLY A 441 10.28 32.71 -6.92
N ARG A 442 10.05 33.35 -8.07
CA ARG A 442 10.91 33.17 -9.23
C ARG A 442 12.13 34.06 -9.24
N SER A 443 12.23 35.01 -8.30
CA SER A 443 13.38 35.91 -8.24
C SER A 443 14.56 35.30 -7.50
N ALA A 444 14.41 34.11 -6.94
CA ALA A 444 15.51 33.37 -6.34
C ALA A 444 16.22 32.50 -7.38
N MET A 445 15.86 32.64 -8.65
CA MET A 445 16.37 31.78 -9.69
C MET A 445 17.82 32.12 -10.02
N LEU A 446 18.60 31.10 -10.38
CA LEU A 446 19.97 31.32 -10.80
C LEU A 446 20.23 30.87 -12.24
N ASN A 447 19.88 29.64 -12.58
CA ASN A 447 20.12 29.13 -13.93
C ASN A 447 18.92 29.42 -14.81
N PRO A 448 19.08 30.20 -15.89
CA PRO A 448 17.95 30.43 -16.80
C PRO A 448 17.62 29.18 -17.59
N GLY A 449 16.38 29.14 -18.06
CA GLY A 449 15.88 27.99 -18.77
C GLY A 449 15.17 27.03 -17.84
N PRO A 450 14.81 25.84 -18.34
CA PRO A 450 14.03 24.89 -17.53
C PRO A 450 14.75 24.38 -16.29
N HIS A 451 16.08 24.52 -16.24
CA HIS A 451 16.81 24.16 -15.03
C HIS A 451 16.46 25.05 -13.85
N GLY A 452 15.98 26.28 -14.10
CA GLY A 452 15.50 27.10 -12.99
C GLY A 452 14.24 26.54 -12.35
N PHE A 453 13.28 26.10 -13.17
CA PHE A 453 12.12 25.40 -12.64
C PHE A 453 12.52 24.09 -12.00
N SER A 454 13.57 23.43 -12.53
CA SER A 454 14.10 22.24 -11.87
C SER A 454 14.64 22.57 -10.49
N GLU A 455 15.30 23.73 -10.34
CA GLU A 455 15.79 24.17 -9.04
C GLU A 455 14.64 24.41 -8.07
N VAL A 456 13.59 25.11 -8.53
CA VAL A 456 12.45 25.40 -7.67
C VAL A 456 11.73 24.12 -7.26
N LEU A 457 11.51 23.22 -8.22
CA LEU A 457 10.84 21.96 -7.94
C LEU A 457 11.66 21.07 -7.02
N TYR A 458 12.98 21.06 -7.20
CA TYR A 458 13.86 20.33 -6.29
C TYR A 458 13.81 20.91 -4.89
N ALA A 459 13.76 22.24 -4.78
CA ALA A 459 13.65 22.87 -3.47
C ALA A 459 12.36 22.47 -2.75
N VAL A 460 11.24 22.56 -3.45
CA VAL A 460 9.95 22.23 -2.82
C VAL A 460 9.85 20.73 -2.54
N SER A 461 10.41 19.88 -3.42
CA SER A 461 10.39 18.44 -3.20
C SER A 461 11.25 18.06 -2.00
N SER A 462 12.45 18.63 -1.91
CA SER A 462 13.33 18.39 -0.77
C SER A 462 12.74 18.93 0.51
N ALA A 463 11.93 19.99 0.42
CA ALA A 463 11.25 20.50 1.59
C ALA A 463 10.16 19.55 2.05
N ALA A 464 9.15 19.33 1.21
CA ALA A 464 7.97 18.58 1.61
C ALA A 464 8.24 17.09 1.81
N ASN A 465 9.31 16.56 1.22
CA ASN A 465 9.69 15.17 1.42
C ASN A 465 10.73 15.02 2.51
N ASN A 466 11.06 16.11 3.20
CA ASN A 466 11.94 16.12 4.38
C ASN A 466 13.33 15.57 4.06
N ASN A 467 13.99 16.21 3.10
CA ASN A 467 15.33 15.79 2.70
C ASN A 467 16.36 16.88 2.96
N GLY A 468 16.10 18.11 2.54
CA GLY A 468 16.94 19.24 2.89
C GLY A 468 18.11 19.49 1.97
N SER A 469 18.47 18.54 1.12
CA SER A 469 19.52 18.78 0.13
C SER A 469 19.01 19.76 -0.92
N ALA A 470 19.88 20.66 -1.35
CA ALA A 470 19.49 21.74 -2.25
C ALA A 470 20.42 21.77 -3.45
N PHE A 471 19.91 22.33 -4.55
CA PHE A 471 20.79 22.70 -5.64
C PHE A 471 21.66 23.89 -5.28
N ALA A 472 21.26 24.66 -4.25
CA ALA A 472 21.94 25.80 -3.64
C ALA A 472 22.00 27.03 -4.55
N GLY A 473 21.58 26.92 -5.81
CA GLY A 473 21.45 28.10 -6.64
C GLY A 473 20.24 28.93 -6.32
N LEU A 474 19.26 28.35 -5.65
CA LEU A 474 18.07 29.08 -5.23
C LEU A 474 18.41 29.99 -4.06
N SER A 475 18.08 31.28 -4.20
CA SER A 475 18.28 32.24 -3.12
C SER A 475 17.07 32.19 -2.18
N ALA A 476 17.03 31.13 -1.38
CA ALA A 476 15.91 30.85 -0.50
C ALA A 476 15.97 31.60 0.82
N ASN A 477 16.75 32.68 0.89
CA ASN A 477 16.85 33.48 2.10
C ASN A 477 15.75 34.54 2.21
N SER A 478 14.90 34.65 1.19
CA SER A 478 13.80 35.59 1.26
C SER A 478 12.74 35.12 2.26
N PRO A 479 12.03 36.06 2.91
CA PRO A 479 11.00 35.65 3.89
C PRO A 479 9.87 34.82 3.29
N PHE A 480 9.48 35.09 2.04
CA PHE A 480 8.43 34.31 1.41
C PHE A 480 8.86 32.87 1.19
N TRP A 481 10.07 32.68 0.66
CA TRP A 481 10.60 31.33 0.48
C TRP A 481 10.78 30.62 1.81
N ASN A 482 11.28 31.33 2.83
CA ASN A 482 11.49 30.72 4.13
C ASN A 482 10.18 30.27 4.75
N CYS A 483 9.15 31.12 4.70
CA CYS A 483 7.85 30.76 5.27
C CYS A 483 7.19 29.62 4.50
N LEU A 484 7.27 29.66 3.16
CA LEU A 484 6.66 28.62 2.34
C LEU A 484 7.31 27.27 2.59
N LEU A 485 8.65 27.24 2.60
CA LEU A 485 9.36 25.98 2.86
C LEU A 485 9.09 25.48 4.27
N ALA A 486 9.10 26.38 5.27
CA ALA A 486 8.87 25.95 6.64
C ALA A 486 7.49 25.36 6.82
N PHE A 487 6.47 25.99 6.21
CA PHE A 487 5.12 25.43 6.25
C PHE A 487 5.07 24.07 5.59
N CYS A 488 5.67 23.93 4.39
CA CYS A 488 5.63 22.67 3.67
C CYS A 488 6.27 21.53 4.45
N MET A 489 7.46 21.78 5.01
CA MET A 489 8.17 20.79 5.81
C MET A 489 7.40 20.39 7.06
N PHE A 490 6.87 21.38 7.79
CA PHE A 490 6.16 21.09 9.03
C PHE A 490 4.92 20.25 8.77
N VAL A 491 4.05 20.70 7.85
CA VAL A 491 2.79 19.98 7.68
C VAL A 491 3.04 18.68 6.94
N GLY A 492 4.09 18.60 6.11
CA GLY A 492 4.41 17.35 5.45
C GLY A 492 4.82 16.26 6.42
N ARG A 493 5.83 16.55 7.27
CA ARG A 493 6.27 15.52 8.21
C ARG A 493 5.17 15.16 9.20
N PHE A 494 4.49 16.15 9.78
CA PHE A 494 3.54 15.78 10.82
C PHE A 494 2.20 15.27 10.28
N GLY A 495 1.80 15.65 9.07
CA GLY A 495 0.66 15.04 8.43
C GLY A 495 0.95 13.75 7.73
N VAL A 496 2.21 13.31 7.68
CA VAL A 496 2.47 11.91 7.43
C VAL A 496 2.57 11.13 8.75
N ILE A 497 3.07 11.77 9.81
CA ILE A 497 3.22 11.11 11.11
C ILE A 497 1.86 10.75 11.71
N ILE A 498 0.90 11.70 11.66
CA ILE A 498 -0.39 11.47 12.32
C ILE A 498 -1.18 10.30 11.72
N PRO A 499 -1.37 10.18 10.39
CA PRO A 499 -2.07 8.99 9.89
C PRO A 499 -1.30 7.70 10.05
N VAL A 500 0.04 7.74 10.14
CA VAL A 500 0.78 6.51 10.40
C VAL A 500 0.50 6.01 11.81
N MET A 501 0.45 6.92 12.79
CA MET A 501 0.04 6.56 14.14
C MET A 501 -1.42 6.10 14.17
N ALA A 502 -2.26 6.68 13.31
CA ALA A 502 -3.64 6.22 13.23
C ALA A 502 -3.76 4.82 12.63
N ILE A 503 -2.93 4.49 11.64
CA ILE A 503 -2.88 3.12 11.12
C ILE A 503 -2.38 2.16 12.20
N ALA A 504 -1.39 2.59 12.98
CA ALA A 504 -0.90 1.75 14.08
C ALA A 504 -2.00 1.50 15.11
N GLY A 505 -2.77 2.53 15.45
CA GLY A 505 -3.86 2.35 16.40
C GLY A 505 -5.04 1.59 15.83
N SER A 506 -5.21 1.61 14.51
CA SER A 506 -6.22 0.76 13.90
C SER A 506 -5.77 -0.69 13.83
N LEU A 507 -4.47 -0.93 13.76
CA LEU A 507 -3.95 -2.29 13.67
C LEU A 507 -3.78 -2.95 15.03
N VAL A 508 -3.58 -2.17 16.10
CA VAL A 508 -3.56 -2.79 17.43
C VAL A 508 -4.93 -3.32 17.83
N SER A 509 -6.01 -2.72 17.30
CA SER A 509 -7.35 -3.19 17.63
C SER A 509 -7.68 -4.51 16.95
N LYS A 510 -6.96 -4.87 15.90
CA LYS A 510 -7.21 -6.10 15.18
C LYS A 510 -6.35 -7.24 15.75
N LYS A 511 -6.52 -8.43 15.20
CA LYS A 511 -5.81 -9.61 15.64
C LYS A 511 -5.21 -10.33 14.43
N SER A 512 -4.04 -10.93 14.64
CA SER A 512 -3.35 -11.60 13.56
C SER A 512 -4.06 -12.90 13.19
N GLN A 513 -3.92 -13.28 11.91
CA GLN A 513 -4.45 -14.54 11.41
C GLN A 513 -3.30 -15.46 11.02
N ALA A 514 -3.43 -16.73 11.38
CA ALA A 514 -2.40 -17.71 11.06
C ALA A 514 -2.36 -17.98 9.57
N ALA A 515 -1.15 -18.05 9.02
CA ALA A 515 -0.98 -18.31 7.60
C ALA A 515 -1.31 -19.76 7.28
N SER A 516 -2.16 -19.97 6.29
CA SER A 516 -2.61 -21.29 5.88
C SER A 516 -2.25 -21.52 4.40
N SER A 517 -2.72 -22.65 3.87
CA SER A 517 -2.53 -22.93 2.46
C SER A 517 -3.42 -22.03 1.61
N GLY A 518 -2.92 -21.67 0.43
CA GLY A 518 -3.64 -20.81 -0.47
C GLY A 518 -3.50 -19.33 -0.19
N THR A 519 -2.76 -18.94 0.84
CA THR A 519 -2.53 -17.54 1.13
C THR A 519 -1.50 -16.96 0.17
N LEU A 520 -1.35 -15.64 0.22
CA LEU A 520 -0.37 -14.96 -0.60
C LEU A 520 0.99 -14.97 0.09
N PRO A 521 2.02 -15.53 -0.53
CA PRO A 521 3.38 -15.35 0.02
C PRO A 521 3.84 -13.91 -0.19
N THR A 522 4.30 -13.29 0.88
CA THR A 522 4.63 -11.87 0.88
C THR A 522 6.15 -11.69 0.80
N HIS A 523 6.77 -12.52 -0.04
CA HIS A 523 8.20 -12.43 -0.31
C HIS A 523 8.45 -12.96 -1.71
N GLY A 524 9.72 -13.13 -2.06
CA GLY A 524 10.08 -13.69 -3.34
C GLY A 524 10.15 -12.64 -4.43
N PRO A 525 10.71 -13.04 -5.58
CA PRO A 525 10.90 -12.09 -6.68
C PRO A 525 9.61 -11.53 -7.25
N LEU A 526 8.51 -12.30 -7.23
CA LEU A 526 7.24 -11.81 -7.75
C LEU A 526 6.70 -10.65 -6.92
N PHE A 527 6.68 -10.83 -5.59
CA PHE A 527 6.20 -9.73 -4.74
C PHE A 527 7.18 -8.59 -4.69
N VAL A 528 8.49 -8.86 -4.81
CA VAL A 528 9.47 -7.78 -4.87
C VAL A 528 9.25 -6.93 -6.12
N GLY A 529 9.03 -7.59 -7.27
CA GLY A 529 8.76 -6.86 -8.49
C GLY A 529 7.44 -6.11 -8.45
N LEU A 530 6.42 -6.70 -7.81
CA LEU A 530 5.14 -6.02 -7.67
C LEU A 530 5.26 -4.76 -6.81
N LEU A 531 5.99 -4.87 -5.70
CA LEU A 531 6.18 -3.71 -4.82
C LEU A 531 7.01 -2.63 -5.49
N ILE A 532 8.07 -3.02 -6.20
CA ILE A 532 8.91 -2.06 -6.91
C ILE A 532 8.13 -1.38 -8.02
N GLY A 533 7.32 -2.13 -8.76
CA GLY A 533 6.49 -1.53 -9.79
C GLY A 533 5.44 -0.60 -9.23
N THR A 534 4.86 -0.97 -8.08
CA THR A 534 3.89 -0.09 -7.43
C THR A 534 4.52 1.24 -7.02
N VAL A 535 5.71 1.16 -6.40
CA VAL A 535 6.40 2.38 -5.96
C VAL A 535 6.80 3.23 -7.16
N LEU A 536 7.35 2.59 -8.20
CA LEU A 536 7.79 3.31 -9.39
C LEU A 536 6.63 3.97 -10.11
N LEU A 537 5.50 3.27 -10.24
CA LEU A 537 4.37 3.85 -10.96
C LEU A 537 3.70 4.94 -10.15
N VAL A 538 3.59 4.78 -8.83
CA VAL A 538 3.01 5.85 -8.02
C VAL A 538 3.90 7.09 -8.04
N GLY A 539 5.22 6.91 -7.99
CA GLY A 539 6.11 8.05 -8.09
C GLY A 539 6.25 8.61 -9.49
N ALA A 540 5.88 7.86 -10.52
CA ALA A 540 6.01 8.32 -11.90
C ALA A 540 4.75 9.01 -12.41
N LEU A 541 3.59 8.39 -12.24
CA LEU A 541 2.35 9.00 -12.70
C LEU A 541 2.03 10.32 -11.99
N THR A 542 2.62 10.55 -10.83
CA THR A 542 2.47 11.85 -10.17
C THR A 542 3.33 12.91 -10.84
N PHE A 543 4.56 12.57 -11.22
CA PHE A 543 5.60 13.57 -11.43
C PHE A 543 6.26 13.56 -12.81
N ILE A 544 5.83 12.70 -13.73
CA ILE A 544 6.34 12.78 -15.11
C ILE A 544 6.07 14.13 -15.78
N PRO A 545 4.90 14.78 -15.61
CA PRO A 545 4.79 16.17 -16.13
C PRO A 545 5.84 17.14 -15.61
N ALA A 546 6.05 17.19 -14.28
CA ALA A 546 7.01 18.16 -13.74
C ALA A 546 8.43 17.82 -14.15
N LEU A 547 8.78 16.53 -14.16
CA LEU A 547 10.09 16.11 -14.64
C LEU A 547 10.29 16.45 -16.11
N ALA A 548 9.23 16.29 -16.91
CA ALA A 548 9.31 16.60 -18.33
C ALA A 548 9.46 18.09 -18.59
N LEU A 549 8.84 18.93 -17.77
CA LEU A 549 9.07 20.37 -17.88
C LEU A 549 10.41 20.81 -17.33
N GLY A 550 11.00 20.05 -16.42
CA GLY A 550 12.27 20.45 -15.85
C GLY A 550 13.49 19.80 -16.49
N PRO A 551 14.08 18.84 -15.78
CA PRO A 551 15.34 18.25 -16.24
C PRO A 551 15.25 17.46 -17.53
N VAL A 552 14.11 16.84 -17.83
CA VAL A 552 13.96 16.16 -19.11
C VAL A 552 13.95 17.16 -20.26
N ALA A 553 13.29 18.31 -20.04
CA ALA A 553 13.34 19.39 -21.03
C ALA A 553 14.74 19.92 -21.21
N GLU A 554 15.49 20.06 -20.12
CA GLU A 554 16.88 20.51 -20.22
C GLU A 554 17.75 19.50 -20.96
N TYR A 555 17.53 18.20 -20.71
CA TYR A 555 18.30 17.16 -21.37
C TYR A 555 17.99 17.10 -22.85
N LEU A 556 16.71 17.23 -23.22
CA LEU A 556 16.34 17.18 -24.63
C LEU A 556 16.57 18.51 -25.36
N SER A 557 16.86 19.58 -24.63
CA SER A 557 17.18 20.86 -25.26
C SER A 557 18.58 20.82 -25.88
N MET B 1 -5.27 11.20 30.26
CA MET B 1 -4.04 11.66 30.90
C MET B 1 -3.64 13.03 30.38
N SER B 2 -2.82 13.74 31.16
CA SER B 2 -2.33 15.06 30.77
C SER B 2 -0.84 15.03 30.47
N GLY B 3 -0.02 14.61 31.45
CA GLY B 3 1.38 14.28 31.22
C GLY B 3 2.28 15.40 30.73
N LEU B 4 2.13 16.61 31.27
CA LEU B 4 3.05 17.68 30.89
C LEU B 4 4.40 17.56 31.58
N ARG B 5 4.43 17.03 32.81
CA ARG B 5 5.71 16.85 33.51
C ARG B 5 6.66 15.85 32.83
N PRO B 6 6.25 14.62 32.44
CA PRO B 6 7.25 13.73 31.81
C PRO B 6 7.74 14.21 30.46
N ALA B 7 6.91 14.93 29.69
CA ALA B 7 7.36 15.50 28.42
C ALA B 7 8.47 16.53 28.66
N LEU B 8 8.25 17.45 29.60
CA LEU B 8 9.25 18.45 29.92
C LEU B 8 10.50 17.82 30.49
N SER B 9 10.35 16.82 31.37
CA SER B 9 11.52 16.17 31.97
C SER B 9 12.34 15.43 30.91
N THR B 10 11.67 14.74 29.99
CA THR B 10 12.36 14.07 28.89
C THR B 10 13.08 15.07 28.01
N PHE B 11 12.44 16.21 27.70
CA PHE B 11 13.08 17.20 26.83
C PHE B 11 14.29 17.83 27.51
N ILE B 12 14.18 18.17 28.80
CA ILE B 12 15.31 18.76 29.51
C ILE B 12 16.46 17.76 29.62
N PHE B 13 16.17 16.48 29.92
CA PHE B 13 17.26 15.53 30.04
C PHE B 13 17.93 15.24 28.69
N LEU B 14 17.14 15.08 27.62
CA LEU B 14 17.72 14.80 26.32
C LEU B 14 18.29 16.04 25.65
N LEU B 15 18.02 17.24 26.18
CA LEU B 15 18.78 18.42 25.77
C LEU B 15 20.07 18.51 26.54
N LEU B 16 20.03 18.26 27.85
CA LEU B 16 21.22 18.37 28.69
C LEU B 16 22.28 17.36 28.27
N ILE B 17 21.88 16.12 27.99
CA ILE B 17 22.84 15.11 27.56
C ILE B 17 23.46 15.48 26.22
N THR B 18 22.63 15.61 25.19
CA THR B 18 23.14 15.84 23.84
C THR B 18 23.67 17.26 23.62
N GLY B 19 23.61 18.15 24.61
CA GLY B 19 24.24 19.44 24.45
C GLY B 19 25.27 19.79 25.50
N GLY B 20 25.49 18.91 26.48
CA GLY B 20 26.49 19.19 27.49
C GLY B 20 27.36 18.01 27.88
N VAL B 21 27.08 16.83 27.34
CA VAL B 21 27.89 15.65 27.65
C VAL B 21 28.55 15.17 26.37
N TYR B 22 27.74 14.77 25.39
CA TYR B 22 28.28 14.23 24.14
C TYR B 22 29.14 15.22 23.37
N PRO B 23 28.76 16.50 23.14
CA PRO B 23 29.72 17.41 22.52
C PRO B 23 30.93 17.71 23.40
N LEU B 24 30.73 17.80 24.72
CA LEU B 24 31.85 18.04 25.62
C LEU B 24 32.78 16.83 25.69
N LEU B 25 32.23 15.62 25.73
CA LEU B 25 33.05 14.42 25.72
C LEU B 25 33.80 14.29 24.39
N THR B 26 33.13 14.62 23.28
CA THR B 26 33.80 14.57 21.98
C THR B 26 34.93 15.59 21.89
N THR B 27 34.71 16.80 22.40
CA THR B 27 35.76 17.83 22.39
C THR B 27 36.93 17.43 23.29
N VAL B 28 36.64 16.91 24.48
CA VAL B 28 37.70 16.49 25.40
C VAL B 28 38.50 15.34 24.82
N LEU B 29 37.82 14.34 24.24
CA LEU B 29 38.52 13.20 23.64
C LEU B 29 39.34 13.63 22.45
N GLY B 30 38.81 14.53 21.61
CA GLY B 30 39.57 15.01 20.46
C GLY B 30 40.80 15.79 20.85
N GLN B 31 40.65 16.72 21.80
CA GLN B 31 41.80 17.52 22.23
C GLN B 31 42.81 16.68 23.02
N TRP B 32 42.36 15.61 23.66
CA TRP B 32 43.28 14.79 24.44
C TRP B 32 44.02 13.78 23.57
N TRP B 33 43.38 13.27 22.52
CA TRP B 33 44.04 12.30 21.64
C TRP B 33 44.72 12.96 20.45
N PHE B 34 43.94 13.64 19.60
CA PHE B 34 44.35 14.00 18.24
C PHE B 34 44.23 15.52 18.06
N PRO B 35 45.13 16.29 18.69
CA PRO B 35 44.93 17.74 18.76
C PRO B 35 45.26 18.45 17.44
N TRP B 36 46.29 17.99 16.74
CA TRP B 36 46.66 18.61 15.47
C TRP B 36 45.58 18.41 14.42
N GLN B 37 44.98 17.22 14.36
CA GLN B 37 43.87 17.00 13.45
C GLN B 37 42.62 17.73 13.90
N ALA B 38 42.35 17.74 15.22
CA ALA B 38 41.13 18.33 15.73
C ALA B 38 41.14 19.85 15.72
N ASN B 39 42.31 20.47 15.63
CA ASN B 39 42.42 21.93 15.71
C ASN B 39 42.51 22.59 14.34
N GLY B 40 42.40 21.82 13.25
CA GLY B 40 42.35 22.39 11.92
C GLY B 40 43.46 21.95 10.98
N SER B 41 44.39 21.09 11.42
CA SER B 41 45.55 20.65 10.62
C SER B 41 46.37 21.83 10.11
N LEU B 42 46.60 22.80 10.99
CA LEU B 42 47.29 24.02 10.58
C LEU B 42 48.78 23.77 10.43
N ILE B 43 49.37 24.36 9.39
CA ILE B 43 50.82 24.40 9.22
C ILE B 43 51.31 25.63 9.97
N ARG B 44 52.00 25.42 11.09
CA ARG B 44 52.48 26.49 11.94
C ARG B 44 53.97 26.70 11.68
N GLU B 45 54.31 27.83 11.07
CA GLU B 45 55.70 28.22 10.81
C GLU B 45 55.92 29.57 11.47
N GLY B 46 56.50 29.56 12.68
CA GLY B 46 56.71 30.79 13.40
C GLY B 46 55.48 31.20 14.20
N ASP B 47 55.41 32.50 14.49
CA ASP B 47 54.30 33.04 15.26
C ASP B 47 53.00 33.09 14.46
N THR B 48 53.08 33.00 13.12
CA THR B 48 51.91 33.00 12.27
C THR B 48 51.72 31.62 11.64
N VAL B 49 50.51 31.37 11.16
CA VAL B 49 50.14 30.11 10.54
C VAL B 49 49.95 30.33 9.04
N ARG B 50 50.65 29.54 8.23
CA ARG B 50 50.56 29.69 6.78
C ARG B 50 49.22 29.23 6.25
N GLY B 51 48.63 28.22 6.86
CA GLY B 51 47.34 27.72 6.42
C GLY B 51 47.08 26.34 6.97
N SER B 52 45.92 25.82 6.61
CA SER B 52 45.54 24.46 7.00
C SER B 52 45.91 23.49 5.88
N ALA B 53 46.11 22.23 6.26
CA ALA B 53 46.51 21.20 5.32
C ALA B 53 45.34 20.63 4.53
N LEU B 54 44.12 21.05 4.82
CA LEU B 54 42.94 20.52 4.16
C LEU B 54 42.13 21.57 3.40
N ILE B 55 42.06 22.80 3.89
CA ILE B 55 41.09 23.76 3.35
C ILE B 55 41.58 24.40 2.06
N GLY B 56 42.88 24.45 1.81
CA GLY B 56 43.41 25.01 0.58
C GLY B 56 43.46 26.52 0.60
N GLN B 57 44.17 27.06 -0.39
CA GLN B 57 44.37 28.50 -0.52
C GLN B 57 44.35 28.85 -2.00
N ASN B 58 44.65 30.11 -2.30
CA ASN B 58 44.68 30.61 -3.67
C ASN B 58 46.12 30.88 -4.08
N PHE B 59 46.50 30.43 -5.27
CA PHE B 59 47.85 30.59 -5.80
C PHE B 59 47.74 31.22 -7.18
N THR B 60 47.74 32.56 -7.21
CA THR B 60 47.60 33.28 -8.47
C THR B 60 48.90 33.24 -9.28
N GLY B 61 50.05 33.28 -8.60
CA GLY B 61 51.31 33.36 -9.30
C GLY B 61 51.66 32.08 -10.05
N ASN B 62 52.43 32.23 -11.12
CA ASN B 62 52.78 31.10 -11.97
C ASN B 62 53.86 30.22 -11.38
N GLY B 63 54.60 30.70 -10.37
CA GLY B 63 55.62 29.89 -9.75
C GLY B 63 55.05 28.71 -8.98
N TYR B 64 53.93 28.91 -8.30
CA TYR B 64 53.32 27.88 -7.49
C TYR B 64 52.46 26.96 -8.35
N PHE B 65 52.05 25.84 -7.76
CA PHE B 65 51.18 24.87 -8.43
C PHE B 65 49.73 25.32 -8.25
N HIS B 66 49.09 25.69 -9.37
CA HIS B 66 47.72 26.15 -9.31
C HIS B 66 46.76 24.99 -9.05
N GLY B 67 45.70 25.27 -8.29
CA GLY B 67 44.68 24.31 -8.00
C GLY B 67 43.40 24.57 -8.79
N ARG B 68 42.31 24.01 -8.29
CA ARG B 68 41.02 24.20 -8.91
C ARG B 68 40.51 25.63 -8.66
N PRO B 69 39.80 26.21 -9.62
CA PRO B 69 39.20 27.53 -9.38
C PRO B 69 38.10 27.48 -8.34
N SER B 70 37.91 28.59 -7.65
CA SER B 70 36.94 28.69 -6.57
C SER B 70 35.84 29.67 -6.93
N ALA B 71 34.62 29.37 -6.49
CA ALA B 71 33.46 30.22 -6.73
C ALA B 71 32.90 30.79 -5.43
N THR B 72 33.77 31.00 -4.44
CA THR B 72 33.35 31.58 -3.18
C THR B 72 33.03 33.06 -3.35
N ALA B 73 32.36 33.62 -2.34
CA ALA B 73 32.00 35.03 -2.39
C ALA B 73 33.22 35.91 -2.20
N GLU B 74 33.16 37.10 -2.82
CA GLU B 74 34.22 38.12 -2.80
C GLU B 74 35.49 37.50 -3.40
N MET B 75 36.59 37.41 -2.66
CA MET B 75 37.82 36.83 -3.21
C MET B 75 37.67 35.32 -3.35
N PRO B 76 38.41 34.71 -4.27
CA PRO B 76 38.40 33.25 -4.37
C PRO B 76 39.06 32.60 -3.16
N TYR B 77 38.67 31.35 -2.92
CA TYR B 77 39.14 30.54 -1.78
C TYR B 77 38.85 31.21 -0.45
N ASN B 78 37.69 31.87 -0.36
CA ASN B 78 37.28 32.53 0.88
C ASN B 78 36.50 31.54 1.73
N PRO B 79 36.98 31.21 2.94
CA PRO B 79 36.26 30.23 3.77
C PRO B 79 35.08 30.81 4.53
N GLN B 80 34.86 32.12 4.48
CA GLN B 80 33.71 32.70 5.17
C GLN B 80 32.40 32.48 4.43
N ALA B 81 32.47 32.15 3.13
CA ALA B 81 31.27 31.80 2.36
C ALA B 81 31.65 30.68 1.41
N SER B 82 31.47 29.44 1.87
CA SER B 82 31.82 28.29 1.05
C SER B 82 30.70 27.96 0.07
N GLY B 83 31.01 27.10 -0.88
CA GLY B 83 30.04 26.71 -1.88
C GLY B 83 30.61 26.70 -3.28
N GLY B 84 29.83 26.19 -4.24
CA GLY B 84 30.27 26.06 -5.61
C GLY B 84 29.71 27.14 -6.50
N SER B 85 29.86 26.92 -7.82
CA SER B 85 29.35 27.87 -8.79
C SER B 85 27.83 27.83 -8.88
N ASN B 86 27.23 26.66 -8.62
CA ASN B 86 25.79 26.43 -8.73
C ASN B 86 25.27 26.74 -10.13
N LEU B 87 26.09 26.49 -11.14
CA LEU B 87 25.77 26.79 -12.53
C LEU B 87 25.51 25.48 -13.25
N ALA B 88 24.36 25.38 -13.92
CA ALA B 88 24.00 24.16 -14.62
C ALA B 88 24.81 24.04 -15.90
N VAL B 89 24.75 22.84 -16.50
CA VAL B 89 25.47 22.58 -17.75
C VAL B 89 24.91 23.35 -18.93
N SER B 90 23.67 23.82 -18.83
CA SER B 90 23.04 24.61 -19.88
C SER B 90 23.10 26.11 -19.61
N ASN B 91 24.18 26.58 -18.98
CA ASN B 91 24.29 27.98 -18.61
C ASN B 91 25.37 28.65 -19.42
N PRO B 92 25.01 29.66 -20.24
CA PRO B 92 26.04 30.41 -20.98
C PRO B 92 27.06 31.10 -20.09
N GLU B 93 26.67 31.50 -18.87
CA GLU B 93 27.65 32.07 -17.94
C GLU B 93 28.72 31.04 -17.58
N LEU B 94 28.30 29.80 -17.32
CA LEU B 94 29.26 28.73 -17.10
C LEU B 94 30.11 28.48 -18.34
N ASP B 95 29.51 28.60 -19.52
CA ASP B 95 30.26 28.42 -20.76
C ASP B 95 31.37 29.47 -20.91
N LYS B 96 31.04 30.75 -20.65
CA LYS B 96 32.06 31.80 -20.72
C LYS B 96 33.12 31.62 -19.64
N LEU B 97 32.71 31.21 -18.43
CA LEU B 97 33.69 30.98 -17.37
C LEU B 97 34.65 29.85 -17.73
N ILE B 98 34.12 28.76 -18.30
CA ILE B 98 34.95 27.62 -18.71
C ILE B 98 35.91 28.05 -19.83
N ALA B 99 35.40 28.79 -20.82
CA ALA B 99 36.23 29.23 -21.93
C ALA B 99 37.33 30.18 -21.47
N ALA B 100 37.00 31.11 -20.56
CA ALA B 100 37.99 32.02 -20.03
C ALA B 100 39.05 31.30 -19.22
N ARG B 101 38.64 30.30 -18.42
CA ARG B 101 39.62 29.54 -17.65
C ARG B 101 40.54 28.73 -18.53
N VAL B 102 40.00 28.11 -19.59
CA VAL B 102 40.84 27.37 -20.54
C VAL B 102 41.81 28.31 -21.24
N ALA B 103 41.33 29.49 -21.65
CA ALA B 103 42.20 30.46 -22.31
C ALA B 103 43.31 30.94 -21.39
N ALA B 104 42.97 31.21 -20.12
CA ALA B 104 43.98 31.66 -19.15
C ALA B 104 45.01 30.56 -18.87
N LEU B 105 44.56 29.32 -18.72
CA LEU B 105 45.50 28.23 -18.48
C LEU B 105 46.39 27.95 -19.69
N ARG B 106 45.84 28.09 -20.90
CA ARG B 106 46.65 27.90 -22.10
C ARG B 106 47.64 29.04 -22.29
N ALA B 107 47.26 30.26 -21.91
CA ALA B 107 48.20 31.37 -21.95
C ALA B 107 49.30 31.22 -20.92
N ALA B 108 48.95 30.70 -19.74
CA ALA B 108 49.94 30.53 -18.68
C ALA B 108 50.89 29.37 -18.97
N ASN B 109 50.40 28.29 -19.59
CA ASN B 109 51.20 27.10 -19.89
C ASN B 109 51.29 26.93 -21.39
N PRO B 110 52.34 27.48 -22.02
CA PRO B 110 52.50 27.27 -23.48
C PRO B 110 53.19 25.96 -23.81
N ASP B 111 54.03 25.47 -22.92
CA ASP B 111 54.80 24.25 -23.15
C ASP B 111 54.10 23.04 -22.53
N ALA B 112 52.86 22.82 -22.95
CA ALA B 112 52.06 21.72 -22.45
C ALA B 112 51.01 21.35 -23.49
N SER B 113 50.31 20.25 -23.22
CA SER B 113 49.25 19.80 -24.11
C SER B 113 48.07 20.76 -24.05
N ALA B 114 47.40 20.93 -25.20
CA ALA B 114 46.23 21.79 -25.27
C ALA B 114 45.01 21.17 -24.59
N SER B 115 45.05 19.88 -24.27
CA SER B 115 43.97 19.21 -23.58
C SER B 115 44.10 19.50 -22.08
N VAL B 116 43.50 20.60 -21.66
CA VAL B 116 43.58 21.05 -20.26
C VAL B 116 42.79 20.09 -19.39
N PRO B 117 43.29 19.71 -18.21
CA PRO B 117 42.51 18.83 -17.33
C PRO B 117 41.23 19.49 -16.83
N VAL B 118 40.23 18.66 -16.55
CA VAL B 118 38.91 19.15 -16.15
C VAL B 118 38.96 19.79 -14.77
N GLU B 119 39.85 19.30 -13.90
CA GLU B 119 39.91 19.81 -12.53
C GLU B 119 40.43 21.24 -12.46
N LEU B 120 41.39 21.58 -13.31
CA LEU B 120 41.98 22.92 -13.31
C LEU B 120 41.07 23.97 -13.91
N VAL B 121 39.99 23.57 -14.59
CA VAL B 121 39.06 24.53 -15.18
C VAL B 121 37.67 24.48 -14.56
N THR B 122 37.33 23.45 -13.81
CA THR B 122 36.01 23.35 -13.19
C THR B 122 36.08 23.70 -11.71
N ALA B 123 35.11 24.47 -11.25
CA ALA B 123 35.07 24.89 -9.86
C ALA B 123 34.72 23.72 -8.95
N SER B 124 35.31 23.71 -7.75
CA SER B 124 35.05 22.65 -6.81
C SER B 124 33.69 22.83 -6.14
N ALA B 125 33.22 21.76 -5.49
CA ALA B 125 31.92 21.80 -4.83
C ALA B 125 31.94 22.75 -3.64
N SER B 126 32.92 22.60 -2.75
CA SER B 126 33.02 23.46 -1.59
C SER B 126 33.56 24.84 -1.93
N GLY B 127 34.38 24.93 -2.97
CA GLY B 127 35.12 26.13 -3.25
C GLY B 127 36.40 26.27 -2.46
N LEU B 128 36.67 25.35 -1.54
CA LEU B 128 37.88 25.34 -0.70
C LEU B 128 38.49 23.96 -0.90
N ASP B 129 39.28 23.81 -1.96
CA ASP B 129 39.80 22.51 -2.37
C ASP B 129 41.32 22.56 -2.42
N ASN B 130 41.95 21.54 -1.86
CA ASN B 130 43.40 21.45 -1.77
C ASN B 130 43.91 20.18 -2.43
N ASN B 131 43.29 19.78 -3.54
CA ASN B 131 43.60 18.49 -4.15
C ASN B 131 43.45 18.57 -5.66
N ILE B 132 44.45 18.05 -6.38
CA ILE B 132 44.34 17.79 -7.81
C ILE B 132 44.95 16.42 -8.09
N THR B 133 44.56 15.84 -9.21
CA THR B 133 45.10 14.55 -9.62
C THR B 133 46.57 14.71 -10.04
N PRO B 134 47.43 13.71 -9.78
CA PRO B 134 48.80 13.77 -10.29
C PRO B 134 48.91 13.84 -11.80
N GLN B 135 47.88 13.43 -12.56
CA GLN B 135 47.88 13.71 -13.99
C GLN B 135 47.86 15.20 -14.26
N ALA B 136 47.00 15.94 -13.54
CA ALA B 136 47.00 17.40 -13.66
C ALA B 136 48.29 18.01 -13.12
N ALA B 137 48.87 17.39 -12.08
CA ALA B 137 50.16 17.86 -11.58
C ALA B 137 51.27 17.69 -12.62
N ALA B 138 51.26 16.55 -13.33
CA ALA B 138 52.21 16.32 -14.41
C ALA B 138 51.96 17.28 -15.57
N TRP B 139 50.70 17.64 -15.80
CA TRP B 139 50.41 18.66 -16.80
C TRP B 139 50.90 20.03 -16.37
N GLN B 140 50.95 20.30 -15.07
CA GLN B 140 51.38 21.59 -14.55
C GLN B 140 52.88 21.65 -14.20
N ILE B 141 53.62 20.56 -14.39
CA ILE B 141 55.09 20.61 -14.27
C ILE B 141 55.76 21.72 -15.09
N PRO B 142 55.54 21.84 -16.42
CA PRO B 142 56.40 22.73 -17.22
C PRO B 142 56.34 24.20 -16.84
N ARG B 143 55.20 24.69 -16.37
CA ARG B 143 55.13 26.09 -15.92
C ARG B 143 56.04 26.33 -14.72
N VAL B 144 56.02 25.43 -13.74
CA VAL B 144 56.89 25.56 -12.58
C VAL B 144 58.35 25.35 -12.97
N ALA B 145 58.60 24.43 -13.90
CA ALA B 145 59.97 24.18 -14.34
C ALA B 145 60.54 25.36 -15.12
N LYS B 146 59.69 26.11 -15.82
CA LYS B 146 60.14 27.33 -16.49
C LYS B 146 60.29 28.48 -15.50
N ALA B 147 59.40 28.57 -14.50
CA ALA B 147 59.45 29.67 -13.55
C ALA B 147 60.66 29.56 -12.63
N ARG B 148 60.91 28.37 -12.09
CA ARG B 148 62.06 28.12 -11.21
C ARG B 148 62.93 27.03 -11.83
N ASN B 149 64.24 27.22 -11.77
CA ASN B 149 65.17 26.34 -12.49
C ASN B 149 65.40 25.03 -11.74
N LEU B 150 64.42 24.13 -11.77
CA LEU B 150 64.54 22.81 -11.18
C LEU B 150 64.27 21.74 -12.23
N SER B 151 64.45 20.49 -11.82
CA SER B 151 64.32 19.36 -12.72
C SER B 151 62.88 18.85 -12.77
N VAL B 152 62.46 18.43 -13.96
CA VAL B 152 61.14 17.82 -14.13
C VAL B 152 61.05 16.53 -13.31
N GLU B 153 62.13 15.74 -13.33
CA GLU B 153 62.16 14.52 -12.52
C GLU B 153 62.11 14.83 -11.03
N GLN B 154 62.81 15.89 -10.60
CA GLN B 154 62.77 16.29 -9.20
C GLN B 154 61.38 16.72 -8.77
N LEU B 155 60.69 17.48 -9.64
CA LEU B 155 59.30 17.85 -9.36
C LEU B 155 58.39 16.64 -9.32
N THR B 156 58.65 15.66 -10.19
CA THR B 156 57.85 14.43 -10.20
C THR B 156 58.01 13.65 -8.91
N GLN B 157 59.25 13.50 -8.42
CA GLN B 157 59.46 12.81 -7.15
C GLN B 157 58.87 13.59 -5.98
N LEU B 158 58.96 14.92 -6.01
CA LEU B 158 58.36 15.72 -4.95
C LEU B 158 56.84 15.56 -4.91
N ILE B 159 56.21 15.56 -6.08
CA ILE B 159 54.75 15.43 -6.15
C ILE B 159 54.32 14.02 -5.75
N ALA B 160 55.07 13.00 -6.17
CA ALA B 160 54.77 11.63 -5.75
C ALA B 160 54.97 11.44 -4.26
N LYS B 161 55.93 12.16 -3.67
CA LYS B 161 56.11 12.13 -2.23
C LYS B 161 54.96 12.82 -1.51
N TYR B 162 54.43 13.89 -2.11
CA TYR B 162 53.28 14.61 -1.55
C TYR B 162 51.96 14.18 -2.19
N SER B 163 51.83 12.91 -2.54
CA SER B 163 50.62 12.36 -3.13
C SER B 163 49.93 11.49 -2.08
N GLN B 164 48.81 11.99 -1.54
CA GLN B 164 48.02 11.21 -0.61
C GLN B 164 47.13 10.27 -1.42
N GLN B 165 47.47 9.02 -1.42
CA GLN B 165 46.63 8.07 -2.12
C GLN B 165 45.60 7.48 -1.17
N PRO B 166 44.40 7.16 -1.64
CA PRO B 166 43.40 6.53 -0.78
C PRO B 166 43.79 5.09 -0.45
N LEU B 167 43.14 4.56 0.59
CA LEU B 167 43.43 3.20 1.05
C LEU B 167 43.09 2.17 -0.03
N VAL B 168 42.00 2.41 -0.76
CA VAL B 168 41.60 1.59 -1.89
C VAL B 168 41.69 2.47 -3.13
N LYS B 169 42.14 1.88 -4.25
CA LYS B 169 42.41 2.62 -5.48
C LYS B 169 41.19 3.34 -6.03
N TYR B 170 40.00 2.87 -5.68
CA TYR B 170 38.74 3.34 -6.25
C TYR B 170 37.71 3.78 -5.22
N ILE B 171 38.06 3.81 -3.93
CA ILE B 171 37.18 4.45 -2.95
C ILE B 171 37.22 5.98 -3.10
N GLY B 172 38.27 6.52 -3.71
CA GLY B 172 38.38 7.95 -3.94
C GLY B 172 39.20 8.21 -5.18
N GLN B 173 40.08 9.21 -5.09
CA GLN B 173 40.98 9.53 -6.20
C GLN B 173 42.37 9.81 -5.65
N PRO B 174 43.42 9.49 -6.42
CA PRO B 174 44.76 9.92 -6.03
C PRO B 174 44.88 11.43 -6.15
N VAL B 175 45.32 12.07 -5.07
CA VAL B 175 45.38 13.53 -4.99
C VAL B 175 46.69 13.96 -4.33
N VAL B 176 47.01 15.25 -4.51
CA VAL B 176 48.17 15.87 -3.88
C VAL B 176 47.68 17.07 -3.08
N ASN B 177 48.29 17.27 -1.91
CA ASN B 177 47.94 18.39 -1.04
C ASN B 177 48.68 19.63 -1.53
N ILE B 178 47.93 20.57 -2.13
CA ILE B 178 48.55 21.65 -2.91
C ILE B 178 49.28 22.64 -2.00
N VAL B 179 48.64 23.04 -0.89
CA VAL B 179 49.24 24.05 -0.01
C VAL B 179 50.51 23.53 0.63
N GLU B 180 50.47 22.30 1.15
CA GLU B 180 51.65 21.70 1.75
C GLU B 180 52.74 21.46 0.72
N LEU B 181 52.36 21.08 -0.50
CA LEU B 181 53.35 20.88 -1.57
C LEU B 181 54.06 22.17 -1.91
N ASN B 182 53.31 23.27 -2.03
CA ASN B 182 53.93 24.55 -2.36
C ASN B 182 54.81 25.06 -1.23
N LEU B 183 54.35 24.89 0.02
CA LEU B 183 55.15 25.32 1.16
C LEU B 183 56.44 24.53 1.28
N ALA B 184 56.36 23.20 1.08
CA ALA B 184 57.55 22.38 1.14
C ALA B 184 58.49 22.65 -0.03
N LEU B 185 57.93 22.94 -1.21
CA LEU B 185 58.76 23.31 -2.36
C LEU B 185 59.52 24.59 -2.10
N ASP B 186 58.86 25.60 -1.53
CA ASP B 186 59.53 26.84 -1.17
C ASP B 186 60.60 26.62 -0.11
N LYS B 187 60.29 25.79 0.90
CA LYS B 187 61.24 25.54 1.97
C LYS B 187 62.47 24.77 1.49
N LEU B 188 62.27 23.79 0.60
CA LEU B 188 63.39 23.01 0.10
C LEU B 188 64.21 23.79 -0.92
N ASP B 189 63.59 24.63 -1.74
CA ASP B 189 64.35 25.40 -2.72
C ASP B 189 65.12 26.54 -2.04
N GLU B 190 64.49 27.23 -1.09
CA GLU B 190 65.23 28.21 -0.29
C GLU B 190 65.32 27.72 1.15
N MET C 1 -3.11 35.25 -10.82
CA MET C 1 -2.71 36.64 -10.88
C MET C 1 -3.76 37.49 -11.61
N SER C 2 -4.62 36.82 -12.36
CA SER C 2 -5.69 37.47 -13.11
C SER C 2 -7.04 36.86 -12.70
N ALA C 3 -8.11 37.35 -13.33
CA ALA C 3 -9.44 36.86 -13.01
C ALA C 3 -9.62 35.42 -13.44
N GLY C 4 -9.18 35.08 -14.66
CA GLY C 4 -9.26 33.70 -15.10
C GLY C 4 -8.38 32.78 -14.29
N VAL C 5 -7.20 33.25 -13.88
CA VAL C 5 -6.29 32.45 -13.07
C VAL C 5 -6.89 32.17 -11.69
N ILE C 6 -7.47 33.20 -11.05
CA ILE C 6 -8.05 32.97 -9.73
C ILE C 6 -9.32 32.15 -9.84
N THR C 7 -10.07 32.26 -10.96
CA THR C 7 -11.22 31.40 -11.16
C THR C 7 -10.81 29.94 -11.33
N GLY C 8 -9.74 29.68 -12.08
CA GLY C 8 -9.25 28.32 -12.23
C GLY C 8 -8.71 27.75 -10.93
N VAL C 9 -8.01 28.58 -10.14
CA VAL C 9 -7.51 28.14 -8.85
C VAL C 9 -8.66 27.83 -7.89
N LEU C 10 -9.70 28.67 -7.91
CA LEU C 10 -10.88 28.42 -7.07
C LEU C 10 -11.60 27.14 -7.49
N LEU C 11 -11.72 26.89 -8.80
CA LEU C 11 -12.35 25.66 -9.26
C LEU C 11 -11.53 24.44 -8.89
N VAL C 12 -10.20 24.54 -9.00
CA VAL C 12 -9.33 23.43 -8.60
C VAL C 12 -9.44 23.17 -7.10
N PHE C 13 -9.50 24.22 -6.29
CA PHE C 13 -9.65 24.04 -4.86
C PHE C 13 -11.01 23.46 -4.49
N LEU C 14 -12.06 23.84 -5.22
CA LEU C 14 -13.37 23.24 -5.00
C LEU C 14 -13.36 21.75 -5.35
N LEU C 15 -12.74 21.39 -6.47
CA LEU C 15 -12.65 19.98 -6.85
C LEU C 15 -11.82 19.19 -5.84
N LEU C 16 -10.72 19.78 -5.37
CA LEU C 16 -9.87 19.13 -4.38
C LEU C 16 -10.61 18.94 -3.05
N GLY C 17 -11.37 19.95 -2.63
CA GLY C 17 -12.15 19.80 -1.41
C GLY C 17 -13.25 18.76 -1.54
N TYR C 18 -13.91 18.72 -2.70
CA TYR C 18 -14.93 17.70 -2.94
C TYR C 18 -14.33 16.30 -2.93
N LEU C 19 -13.14 16.14 -3.54
CA LEU C 19 -12.51 14.83 -3.58
C LEU C 19 -12.01 14.40 -2.21
N VAL C 20 -11.50 15.35 -1.41
CA VAL C 20 -11.09 15.04 -0.05
C VAL C 20 -12.29 14.66 0.80
N TYR C 21 -13.41 15.37 0.64
CA TYR C 21 -14.63 15.05 1.35
C TYR C 21 -15.17 13.68 0.95
N ALA C 22 -15.05 13.33 -0.33
CA ALA C 22 -15.46 12.01 -0.78
C ALA C 22 -14.53 10.92 -0.24
N LEU C 23 -13.23 11.21 -0.12
CA LEU C 23 -12.31 10.24 0.44
C LEU C 23 -12.59 10.00 1.92
N ILE C 24 -12.92 11.06 2.66
CA ILE C 24 -13.26 10.90 4.07
C ILE C 24 -14.60 10.18 4.23
N ASN C 25 -15.56 10.50 3.36
CA ASN C 25 -16.91 9.97 3.52
C ASN C 25 -17.34 9.11 2.35
N ALA C 26 -16.48 8.18 1.94
CA ALA C 26 -16.83 7.26 0.85
C ALA C 26 -17.97 6.33 1.24
N GLU C 27 -18.10 6.04 2.53
CA GLU C 27 -19.19 5.26 3.17
C GLU C 27 -19.71 4.05 2.39
N ALA D 7 -27.27 -16.24 -19.39
CA ALA D 7 -28.03 -15.05 -19.74
C ALA D 7 -27.49 -14.42 -21.02
N LEU D 8 -28.40 -13.86 -21.81
CA LEU D 8 -28.01 -13.15 -23.02
C LEU D 8 -27.30 -11.85 -22.65
N PHE D 9 -26.11 -11.64 -23.22
CA PHE D 9 -25.27 -10.54 -22.77
C PHE D 9 -25.78 -9.19 -23.29
N GLU D 10 -26.20 -9.11 -24.55
CA GLU D 10 -26.66 -7.85 -25.13
C GLU D 10 -27.79 -8.10 -26.12
N PRO D 11 -29.03 -8.21 -25.64
CA PRO D 11 -30.18 -8.12 -26.55
C PRO D 11 -30.37 -6.69 -27.02
N THR D 12 -30.60 -6.54 -28.33
CA THR D 12 -30.70 -5.21 -28.94
C THR D 12 -31.90 -4.45 -28.38
N LEU D 13 -33.00 -5.16 -28.13
CA LEU D 13 -34.20 -4.52 -27.58
C LEU D 13 -33.94 -3.94 -26.19
N VAL D 14 -33.27 -4.70 -25.32
CA VAL D 14 -33.06 -4.17 -23.97
C VAL D 14 -31.97 -3.10 -23.97
N VAL D 15 -31.00 -3.18 -24.90
CA VAL D 15 -30.00 -2.12 -25.00
C VAL D 15 -30.63 -0.80 -25.45
N GLN D 16 -31.48 -0.84 -26.49
CA GLN D 16 -32.14 0.38 -26.89
C GLN D 16 -33.21 0.83 -25.89
N ALA D 17 -33.69 -0.08 -25.04
CA ALA D 17 -34.61 0.32 -23.98
C ALA D 17 -33.87 1.05 -22.86
N LEU D 18 -32.67 0.61 -22.52
CA LEU D 18 -31.93 1.24 -21.44
C LEU D 18 -31.05 2.39 -21.92
N LYS D 19 -30.97 2.64 -23.22
CA LYS D 19 -30.18 3.76 -23.72
C LYS D 19 -30.74 5.10 -23.26
N GLU D 20 -32.04 5.18 -22.99
CA GLU D 20 -32.60 6.39 -22.39
C GLU D 20 -32.24 6.49 -20.92
N ALA D 21 -32.19 5.36 -20.21
CA ALA D 21 -31.74 5.35 -18.83
C ALA D 21 -30.26 5.67 -18.71
N VAL D 22 -29.50 5.50 -19.79
CA VAL D 22 -28.09 5.93 -19.79
C VAL D 22 -28.01 7.44 -19.59
N LYS D 23 -28.77 8.20 -20.37
CA LYS D 23 -28.76 9.65 -20.25
C LYS D 23 -29.66 10.15 -19.13
N LYS D 24 -30.49 9.30 -18.54
CA LYS D 24 -31.24 9.70 -17.35
C LYS D 24 -30.36 9.83 -16.12
N LEU D 25 -29.25 9.10 -16.06
CA LEU D 25 -28.30 9.20 -14.96
C LEU D 25 -27.20 10.23 -15.23
N ASN D 26 -27.27 10.94 -16.35
CA ASN D 26 -26.32 12.01 -16.68
C ASN D 26 -26.56 13.30 -15.89
N PRO D 27 -27.83 13.84 -15.74
CA PRO D 27 -27.96 15.11 -15.01
C PRO D 27 -27.75 15.00 -13.51
N GLN D 28 -26.49 15.18 -13.09
CA GLN D 28 -26.02 15.32 -11.70
C GLN D 28 -26.45 14.16 -10.80
N ALA D 29 -26.65 12.97 -11.39
CA ALA D 29 -26.85 11.76 -10.63
C ALA D 29 -25.54 11.07 -10.28
N GLN D 30 -24.41 11.61 -10.73
CA GLN D 30 -23.09 11.06 -10.44
C GLN D 30 -22.43 11.71 -9.23
N TRP D 31 -23.23 12.21 -8.29
CA TRP D 31 -22.67 12.75 -7.05
C TRP D 31 -22.01 11.66 -6.22
N ARG D 32 -22.57 10.46 -6.25
CA ARG D 32 -22.02 9.34 -5.49
C ARG D 32 -20.85 8.67 -6.19
N ASN D 33 -20.53 9.07 -7.43
CA ASN D 33 -19.36 8.57 -8.15
C ASN D 33 -18.38 9.71 -8.31
N PRO D 34 -17.33 9.80 -7.48
CA PRO D 34 -16.44 10.98 -7.56
C PRO D 34 -15.54 10.98 -8.78
N VAL D 35 -15.06 9.80 -9.19
CA VAL D 35 -14.14 9.70 -10.32
C VAL D 35 -14.84 10.16 -11.61
N MET D 36 -16.11 9.82 -11.77
CA MET D 36 -16.84 10.27 -12.93
C MET D 36 -17.54 11.62 -12.73
N PHE D 37 -17.72 12.07 -11.49
CA PHE D 37 -18.11 13.46 -11.30
C PHE D 37 -16.99 14.40 -11.73
N ILE D 38 -15.73 13.97 -11.56
CA ILE D 38 -14.60 14.76 -12.03
C ILE D 38 -14.63 14.89 -13.55
N VAL D 39 -14.88 13.78 -14.25
CA VAL D 39 -14.91 13.86 -15.71
C VAL D 39 -16.17 14.58 -16.20
N TRP D 40 -17.26 14.55 -15.43
CA TRP D 40 -18.44 15.34 -15.80
C TRP D 40 -18.20 16.83 -15.63
N ILE D 41 -17.51 17.22 -14.54
CA ILE D 41 -17.12 18.62 -14.35
C ILE D 41 -16.17 19.07 -15.45
N GLY D 42 -15.22 18.21 -15.81
CA GLY D 42 -14.32 18.53 -16.91
C GLY D 42 -15.03 18.65 -18.23
N SER D 43 -16.04 17.79 -18.48
CA SER D 43 -16.83 17.87 -19.69
C SER D 43 -17.62 19.17 -19.76
N LEU D 44 -18.24 19.56 -18.65
CA LEU D 44 -18.99 20.83 -18.62
C LEU D 44 -18.05 22.02 -18.80
N LEU D 45 -16.88 21.98 -18.18
CA LEU D 45 -15.92 23.07 -18.33
C LEU D 45 -15.42 23.18 -19.76
N THR D 46 -15.14 22.03 -20.39
CA THR D 46 -14.67 22.04 -21.78
C THR D 46 -15.77 22.50 -22.72
N THR D 47 -17.02 22.10 -22.46
CA THR D 47 -18.14 22.55 -23.29
C THR D 47 -18.36 24.05 -23.15
N CYS D 48 -18.30 24.57 -21.92
CA CYS D 48 -18.47 26.01 -21.70
C CYS D 48 -17.34 26.81 -22.34
N ILE D 49 -16.10 26.35 -22.20
CA ILE D 49 -15.00 27.10 -22.81
C ILE D 49 -15.02 26.96 -24.32
N SER D 50 -15.56 25.85 -24.85
CA SER D 50 -15.70 25.73 -26.30
C SER D 50 -16.78 26.66 -26.84
N ILE D 51 -17.88 26.81 -26.09
CA ILE D 51 -18.93 27.74 -26.50
C ILE D 51 -18.43 29.17 -26.46
N ALA D 52 -17.76 29.56 -25.36
CA ALA D 52 -17.18 30.90 -25.27
C ALA D 52 -16.02 31.08 -26.24
N MET D 53 -15.41 30.00 -26.70
CA MET D 53 -14.28 30.05 -27.62
C MET D 53 -14.76 30.23 -29.07
N ALA D 54 -15.89 29.61 -29.41
CA ALA D 54 -16.52 29.86 -30.70
C ALA D 54 -17.32 31.15 -30.72
N SER D 55 -17.66 31.70 -29.55
CA SER D 55 -18.41 32.95 -29.49
C SER D 55 -17.57 34.19 -29.82
N GLY D 56 -16.24 34.05 -29.92
CA GLY D 56 -15.40 35.17 -30.28
C GLY D 56 -14.28 35.44 -29.29
N ALA D 57 -14.57 35.30 -28.01
CA ALA D 57 -13.53 35.46 -26.99
C ALA D 57 -12.65 34.22 -26.94
N MET D 58 -11.49 34.37 -26.29
CA MET D 58 -10.46 33.33 -26.12
C MET D 58 -10.08 32.73 -27.46
N PRO D 59 -9.27 33.42 -28.27
CA PRO D 59 -9.05 32.97 -29.66
C PRO D 59 -8.30 31.64 -29.74
N GLY D 60 -8.63 30.88 -30.78
CA GLY D 60 -8.04 29.58 -30.98
C GLY D 60 -8.92 28.74 -31.89
N ASN D 61 -8.51 27.48 -32.06
CA ASN D 61 -9.21 26.52 -32.91
C ASN D 61 -10.30 25.86 -32.07
N ALA D 62 -11.54 26.36 -32.19
CA ALA D 62 -12.62 25.90 -31.35
C ALA D 62 -13.14 24.52 -31.73
N LEU D 63 -12.86 24.06 -32.95
CA LEU D 63 -13.32 22.74 -33.38
C LEU D 63 -12.62 21.63 -32.59
N PHE D 64 -11.34 21.82 -32.28
CA PHE D 64 -10.60 20.84 -31.48
C PHE D 64 -11.17 20.75 -30.07
N SER D 65 -11.49 21.89 -29.46
CA SER D 65 -12.08 21.89 -28.13
C SER D 65 -13.49 21.30 -28.15
N ALA D 66 -14.25 21.56 -29.21
CA ALA D 66 -15.58 20.96 -29.34
C ALA D 66 -15.52 19.45 -29.49
N ALA D 67 -14.56 18.96 -30.28
CA ALA D 67 -14.37 17.51 -30.42
C ALA D 67 -13.93 16.88 -29.10
N ILE D 68 -13.06 17.57 -28.36
CA ILE D 68 -12.64 17.08 -27.05
C ILE D 68 -13.83 17.01 -26.10
N SER D 69 -14.66 18.06 -26.08
CA SER D 69 -15.84 18.08 -25.22
C SER D 69 -16.80 16.96 -25.59
N GLY D 70 -17.00 16.72 -26.89
CA GLY D 70 -17.87 15.64 -27.32
C GLY D 70 -17.35 14.26 -26.94
N TRP D 71 -16.03 14.07 -27.01
CA TRP D 71 -15.49 12.76 -26.68
C TRP D 71 -15.49 12.49 -25.19
N LEU D 72 -15.24 13.51 -24.35
CA LEU D 72 -15.50 13.36 -22.92
C LEU D 72 -16.97 13.11 -22.61
N TRP D 73 -17.89 13.79 -23.31
CA TRP D 73 -19.31 13.57 -23.07
C TRP D 73 -19.73 12.14 -23.42
N ILE D 74 -19.23 11.61 -24.53
CA ILE D 74 -19.58 10.24 -24.85
C ILE D 74 -18.77 9.23 -24.04
N THR D 75 -17.64 9.63 -23.43
CA THR D 75 -17.01 8.78 -22.42
C THR D 75 -17.91 8.65 -21.19
N VAL D 76 -18.49 9.78 -20.75
CA VAL D 76 -19.48 9.74 -19.67
C VAL D 76 -20.67 8.88 -20.06
N LEU D 77 -21.10 9.01 -21.32
CA LEU D 77 -22.20 8.20 -21.83
C LEU D 77 -21.86 6.71 -21.85
N PHE D 78 -20.61 6.36 -22.17
CA PHE D 78 -20.20 4.96 -22.16
C PHE D 78 -20.15 4.39 -20.76
N ALA D 79 -19.68 5.18 -19.79
CA ALA D 79 -19.67 4.72 -18.40
C ALA D 79 -21.09 4.51 -17.88
N ASN D 80 -21.98 5.47 -18.16
CA ASN D 80 -23.37 5.31 -17.78
C ASN D 80 -24.03 4.18 -18.55
N PHE D 81 -23.57 3.90 -19.77
CA PHE D 81 -24.07 2.77 -20.52
C PHE D 81 -23.67 1.45 -19.90
N ALA D 82 -22.45 1.36 -19.39
CA ALA D 82 -22.02 0.16 -18.67
C ALA D 82 -22.86 -0.05 -17.42
N GLU D 83 -23.05 1.01 -16.64
CA GLU D 83 -23.84 0.91 -15.41
C GLU D 83 -25.29 0.55 -15.73
N ALA D 84 -25.88 1.19 -16.74
CA ALA D 84 -27.26 0.92 -17.10
C ALA D 84 -27.43 -0.44 -17.75
N LEU D 85 -26.40 -0.95 -18.44
CA LEU D 85 -26.49 -2.28 -19.02
C LEU D 85 -26.44 -3.35 -17.93
N ALA D 86 -25.59 -3.16 -16.93
CA ALA D 86 -25.59 -4.09 -15.79
C ALA D 86 -26.92 -4.04 -15.05
N GLU D 87 -27.45 -2.83 -14.83
CA GLU D 87 -28.73 -2.69 -14.13
C GLU D 87 -29.88 -3.26 -14.97
N GLY D 88 -29.81 -3.11 -16.29
CA GLY D 88 -30.84 -3.69 -17.15
C GLY D 88 -30.79 -5.20 -17.19
N ARG D 89 -29.59 -5.78 -17.15
CA ARG D 89 -29.47 -7.23 -17.04
C ARG D 89 -30.05 -7.74 -15.73
N SER D 90 -29.76 -7.03 -14.63
CA SER D 90 -30.34 -7.41 -13.33
C SER D 90 -31.86 -7.25 -13.35
N LYS D 91 -32.36 -6.21 -14.01
CA LYS D 91 -33.80 -6.00 -14.11
C LYS D 91 -34.47 -7.08 -14.95
N ALA D 92 -33.81 -7.51 -16.03
CA ALA D 92 -34.35 -8.60 -16.85
C ALA D 92 -34.37 -9.91 -16.07
N GLN D 93 -33.33 -10.16 -15.27
CA GLN D 93 -33.35 -11.34 -14.42
C GLN D 93 -34.45 -11.26 -13.37
N ALA D 94 -34.69 -10.07 -12.80
CA ALA D 94 -35.78 -9.91 -11.85
C ALA D 94 -37.13 -10.12 -12.51
N ASN D 95 -37.29 -9.65 -13.75
CA ASN D 95 -38.53 -9.86 -14.49
C ASN D 95 -38.72 -11.33 -14.84
N SER D 96 -37.64 -12.07 -15.08
CA SER D 96 -37.75 -13.50 -15.31
C SER D 96 -38.09 -14.24 -14.02
N LEU D 97 -37.58 -13.77 -12.88
CA LEU D 97 -37.92 -14.34 -11.57
C LEU D 97 -39.10 -13.63 -10.90
N LYS D 98 -39.94 -12.92 -11.65
CA LYS D 98 -41.19 -12.43 -11.09
C LYS D 98 -42.08 -13.59 -10.66
N GLY D 99 -42.51 -14.43 -11.61
CA GLY D 99 -43.23 -15.64 -11.30
C GLY D 99 -44.63 -15.61 -11.86
N VAL D 100 -45.43 -16.56 -11.40
CA VAL D 100 -46.80 -16.77 -11.88
C VAL D 100 -47.83 -16.36 -10.84
N LYS D 101 -47.40 -16.09 -9.60
CA LYS D 101 -48.27 -15.95 -8.43
C LYS D 101 -49.19 -14.73 -8.47
N LYS D 102 -49.25 -13.98 -9.58
CA LYS D 102 -50.16 -12.84 -9.67
C LYS D 102 -51.61 -13.28 -9.59
N THR D 103 -51.92 -14.52 -9.96
CA THR D 103 -53.23 -15.10 -9.70
C THR D 103 -53.38 -15.40 -8.22
N ALA D 104 -54.11 -14.56 -7.50
CA ALA D 104 -54.20 -14.67 -6.04
C ALA D 104 -55.38 -15.53 -5.61
N PHE D 105 -55.78 -16.48 -6.44
CA PHE D 105 -56.89 -17.38 -6.10
C PHE D 105 -56.39 -18.39 -5.07
N ALA D 106 -56.62 -18.08 -3.80
CA ALA D 106 -56.24 -18.95 -2.70
C ALA D 106 -57.49 -19.40 -1.96
N ARG D 107 -57.47 -20.65 -1.50
CA ARG D 107 -58.62 -21.24 -0.81
C ARG D 107 -58.44 -21.10 0.70
N LYS D 108 -59.28 -20.28 1.32
CA LYS D 108 -59.17 -20.05 2.75
C LYS D 108 -59.70 -21.25 3.52
N LEU D 109 -58.86 -21.81 4.38
CA LEU D 109 -59.16 -23.02 5.12
C LEU D 109 -59.42 -22.69 6.58
N ARG D 110 -60.51 -23.24 7.13
CA ARG D 110 -60.91 -22.95 8.51
C ARG D 110 -60.35 -23.98 9.49
N GLU D 111 -60.73 -25.24 9.33
CA GLU D 111 -60.22 -26.32 10.18
C GLU D 111 -58.80 -26.70 9.74
N PRO D 112 -57.87 -26.91 10.70
CA PRO D 112 -56.48 -27.27 10.36
C PRO D 112 -56.30 -28.72 9.91
N LYS D 113 -57.18 -29.17 9.03
CA LYS D 113 -57.13 -30.50 8.44
C LYS D 113 -57.78 -30.42 7.06
N TYR D 114 -58.17 -31.56 6.50
CA TYR D 114 -58.90 -31.60 5.23
C TYR D 114 -60.41 -31.43 5.47
N GLY D 115 -60.76 -30.29 6.06
CA GLY D 115 -62.14 -29.98 6.35
C GLY D 115 -62.83 -29.13 5.30
N ALA D 116 -62.66 -29.49 4.02
CA ALA D 116 -63.26 -28.82 2.86
C ALA D 116 -62.82 -27.35 2.87
N ALA D 117 -63.75 -26.38 2.96
CA ALA D 117 -63.45 -24.95 3.08
C ALA D 117 -62.63 -24.44 1.88
N ALA D 118 -63.27 -24.48 0.71
CA ALA D 118 -62.69 -23.97 -0.53
C ALA D 118 -63.44 -22.70 -0.93
N ASP D 119 -62.80 -21.55 -0.72
CA ASP D 119 -63.41 -20.26 -1.05
C ASP D 119 -62.34 -19.34 -1.62
N LYS D 120 -62.67 -18.64 -2.70
CA LYS D 120 -61.72 -17.76 -3.37
C LYS D 120 -61.59 -16.47 -2.58
N VAL D 121 -60.40 -16.22 -2.03
CA VAL D 121 -60.12 -14.98 -1.31
C VAL D 121 -58.81 -14.39 -1.85
N PRO D 122 -58.65 -13.07 -1.80
CA PRO D 122 -57.35 -12.48 -2.17
C PRO D 122 -56.27 -12.86 -1.18
N ALA D 123 -55.05 -12.98 -1.68
CA ALA D 123 -53.90 -13.36 -0.87
C ALA D 123 -53.19 -12.17 -0.24
N ASP D 124 -53.66 -10.94 -0.50
CA ASP D 124 -53.00 -9.76 0.05
C ASP D 124 -53.26 -9.58 1.53
N GLN D 125 -54.30 -10.22 2.08
CA GLN D 125 -54.62 -10.13 3.49
C GLN D 125 -54.14 -11.36 4.27
N LEU D 126 -53.25 -12.16 3.67
CA LEU D 126 -52.74 -13.36 4.33
C LEU D 126 -51.76 -12.97 5.43
N ARG D 127 -52.17 -13.15 6.68
CA ARG D 127 -51.34 -12.84 7.84
C ARG D 127 -50.69 -14.11 8.37
N LYS D 128 -49.74 -13.92 9.28
CA LYS D 128 -49.03 -15.05 9.88
C LYS D 128 -49.97 -15.82 10.80
N GLY D 129 -50.06 -17.13 10.58
CA GLY D 129 -50.98 -17.98 11.29
C GLY D 129 -52.19 -18.43 10.51
N ASP D 130 -52.23 -18.22 9.19
CA ASP D 130 -53.35 -18.60 8.35
C ASP D 130 -52.96 -19.81 7.51
N ILE D 131 -53.82 -20.82 7.51
CA ILE D 131 -53.57 -22.07 6.80
C ILE D 131 -54.34 -22.07 5.48
N VAL D 132 -53.65 -22.50 4.41
CA VAL D 132 -54.22 -22.51 3.07
C VAL D 132 -54.05 -23.92 2.51
N LEU D 133 -55.14 -24.47 1.97
CA LEU D 133 -55.11 -25.78 1.33
C LEU D 133 -55.56 -25.63 -0.13
N VAL D 134 -54.75 -26.16 -1.05
CA VAL D 134 -55.09 -26.15 -2.47
C VAL D 134 -54.81 -27.54 -3.02
N GLU D 135 -55.54 -27.88 -4.08
CA GLU D 135 -55.41 -29.18 -4.72
C GLU D 135 -54.32 -29.14 -5.79
N ALA D 136 -54.15 -30.26 -6.49
CA ALA D 136 -53.15 -30.36 -7.54
C ALA D 136 -53.59 -29.57 -8.77
N GLY D 137 -52.61 -29.13 -9.55
CA GLY D 137 -52.86 -28.39 -10.77
C GLY D 137 -52.96 -26.89 -10.60
N ASP D 138 -52.91 -26.39 -9.37
CA ASP D 138 -53.02 -24.96 -9.10
C ASP D 138 -51.74 -24.46 -8.46
N ILE D 139 -51.33 -23.23 -8.81
CA ILE D 139 -50.15 -22.63 -8.23
C ILE D 139 -50.42 -22.28 -6.77
N ILE D 140 -49.44 -22.55 -5.91
CA ILE D 140 -49.56 -22.21 -4.50
C ILE D 140 -49.24 -20.72 -4.33
N PRO D 141 -49.98 -20.00 -3.48
CA PRO D 141 -49.77 -18.53 -3.39
C PRO D 141 -48.46 -18.12 -2.75
N CYS D 142 -48.15 -18.66 -1.56
CA CYS D 142 -47.00 -18.20 -0.80
C CYS D 142 -46.08 -19.36 -0.42
N ASP D 143 -45.11 -19.08 0.45
CA ASP D 143 -44.24 -20.12 0.96
C ASP D 143 -45.01 -21.08 1.84
N GLY D 144 -44.79 -22.37 1.63
CA GLY D 144 -45.54 -23.38 2.35
C GLY D 144 -44.70 -24.34 3.16
N GLU D 145 -45.08 -24.52 4.42
CA GLU D 145 -44.47 -25.50 5.31
C GLU D 145 -45.55 -26.54 5.61
N VAL D 146 -45.50 -27.67 4.90
CA VAL D 146 -46.57 -28.64 4.95
C VAL D 146 -46.54 -29.36 6.29
N ILE D 147 -47.67 -29.40 6.98
CA ILE D 147 -47.74 -30.02 8.29
C ILE D 147 -48.30 -31.44 8.17
N GLU D 148 -49.09 -31.68 7.13
CA GLU D 148 -49.62 -33.01 6.86
C GLU D 148 -49.95 -33.11 5.38
N GLY D 149 -49.66 -34.25 4.79
CA GLY D 149 -49.87 -34.45 3.37
C GLY D 149 -48.61 -34.88 2.64
N GLY D 150 -48.42 -34.38 1.43
CA GLY D 150 -47.26 -34.74 0.64
C GLY D 150 -47.62 -35.18 -0.77
N ALA D 151 -47.01 -34.55 -1.78
CA ALA D 151 -47.31 -34.85 -3.17
C ALA D 151 -46.10 -34.48 -4.02
N SER D 152 -46.28 -34.46 -5.33
CA SER D 152 -45.23 -34.12 -6.28
C SER D 152 -45.47 -32.72 -6.81
N VAL D 153 -44.44 -31.88 -6.77
CA VAL D 153 -44.52 -30.50 -7.22
C VAL D 153 -43.57 -30.31 -8.40
N ASP D 154 -43.74 -29.19 -9.09
CA ASP D 154 -42.89 -28.81 -10.22
C ASP D 154 -42.23 -27.47 -9.88
N GLU D 155 -40.94 -27.50 -9.57
CA GLU D 155 -40.19 -26.31 -9.21
C GLU D 155 -39.50 -25.66 -10.41
N SER D 156 -40.05 -25.83 -11.60
CA SER D 156 -39.39 -25.30 -12.81
C SER D 156 -39.37 -23.78 -12.82
N ALA D 157 -40.52 -23.15 -12.58
CA ALA D 157 -40.63 -21.70 -12.71
C ALA D 157 -39.89 -20.96 -11.60
N ILE D 158 -39.56 -21.64 -10.50
CA ILE D 158 -38.83 -21.02 -9.39
C ILE D 158 -37.34 -21.33 -9.47
N THR D 159 -36.98 -22.60 -9.65
CA THR D 159 -35.58 -22.99 -9.70
C THR D 159 -34.99 -22.78 -11.09
N GLY D 160 -35.55 -23.43 -12.10
CA GLY D 160 -34.99 -23.35 -13.44
C GLY D 160 -35.09 -24.63 -14.23
N GLU D 161 -35.30 -25.76 -13.55
CA GLU D 161 -35.41 -27.05 -14.21
C GLU D 161 -36.64 -27.78 -13.68
N ALA D 162 -37.24 -28.59 -14.55
CA ALA D 162 -38.41 -29.38 -14.22
C ALA D 162 -37.99 -30.81 -13.93
N ALA D 163 -38.24 -31.26 -12.69
CA ALA D 163 -37.92 -32.62 -12.29
C ALA D 163 -38.93 -33.03 -11.24
N PRO D 164 -39.50 -34.24 -11.34
CA PRO D 164 -40.42 -34.72 -10.31
C PRO D 164 -39.78 -34.83 -8.93
N VAL D 165 -40.21 -34.00 -8.00
CA VAL D 165 -39.72 -34.02 -6.62
C VAL D 165 -40.92 -34.14 -5.69
N ILE D 166 -40.74 -34.93 -4.63
CA ILE D 166 -41.80 -35.23 -3.67
C ILE D 166 -41.50 -34.48 -2.38
N ARG D 167 -42.44 -33.65 -1.95
CA ARG D 167 -42.31 -32.84 -0.74
C ARG D 167 -43.33 -33.31 0.27
N GLU D 168 -42.90 -34.18 1.18
CA GLU D 168 -43.77 -34.70 2.24
C GLU D 168 -43.83 -33.70 3.40
N SER D 169 -44.36 -34.13 4.53
CA SER D 169 -44.47 -33.30 5.72
C SER D 169 -43.71 -33.94 6.88
N GLY D 170 -43.78 -33.31 8.05
CA GLY D 170 -43.18 -33.86 9.25
C GLY D 170 -41.69 -33.65 9.37
N GLY D 171 -40.93 -34.23 8.44
CA GLY D 171 -39.49 -34.18 8.48
C GLY D 171 -38.92 -32.86 7.97
N ASP D 172 -37.63 -32.90 7.64
CA ASP D 172 -36.94 -31.71 7.18
C ASP D 172 -37.40 -31.27 5.79
N PHE D 173 -37.74 -32.23 4.92
CA PHE D 173 -38.14 -31.93 3.55
C PHE D 173 -39.64 -31.65 3.51
N ALA D 174 -40.02 -30.54 4.14
CA ALA D 174 -41.42 -30.12 4.26
C ALA D 174 -41.56 -28.64 3.94
N SER D 175 -40.92 -28.20 2.86
CA SER D 175 -40.94 -26.80 2.46
C SER D 175 -41.23 -26.70 0.97
N VAL D 176 -42.20 -25.87 0.61
CA VAL D 176 -42.52 -25.57 -0.78
C VAL D 176 -42.58 -24.05 -0.95
N THR D 177 -42.07 -23.58 -2.09
CA THR D 177 -42.00 -22.16 -2.40
C THR D 177 -43.12 -21.80 -3.37
N GLY D 178 -43.74 -20.63 -3.14
CA GLY D 178 -44.83 -20.20 -3.99
C GLY D 178 -44.38 -19.98 -5.42
N GLY D 179 -45.29 -20.29 -6.35
CA GLY D 179 -44.98 -20.28 -7.76
C GLY D 179 -44.71 -21.63 -8.38
N THR D 180 -44.89 -22.72 -7.63
CA THR D 180 -44.65 -24.07 -8.11
C THR D 180 -45.97 -24.79 -8.28
N ARG D 181 -46.19 -25.35 -9.48
CA ARG D 181 -47.41 -26.09 -9.74
C ARG D 181 -47.37 -27.44 -9.03
N ILE D 182 -48.56 -28.00 -8.80
CA ILE D 182 -48.72 -29.28 -8.12
C ILE D 182 -49.24 -30.29 -9.11
N LEU D 183 -48.75 -31.53 -9.00
CA LEU D 183 -49.02 -32.56 -9.99
C LEU D 183 -50.08 -33.56 -9.57
N SER D 184 -49.93 -34.18 -8.39
CA SER D 184 -50.68 -35.37 -8.04
C SER D 184 -51.75 -35.13 -6.98
N ASP D 185 -51.36 -34.63 -5.81
CA ASP D 185 -52.27 -34.58 -4.67
C ASP D 185 -52.24 -33.21 -4.01
N TRP D 186 -53.24 -32.96 -3.18
CA TRP D 186 -53.36 -31.70 -2.46
C TRP D 186 -52.24 -31.53 -1.44
N LEU D 187 -51.97 -30.28 -1.09
CA LEU D 187 -50.95 -29.92 -0.12
C LEU D 187 -51.52 -28.92 0.88
N VAL D 188 -50.76 -28.70 1.96
CA VAL D 188 -51.16 -27.78 3.03
C VAL D 188 -50.11 -26.67 3.08
N ILE D 189 -50.56 -25.43 2.95
CA ILE D 189 -49.67 -24.27 2.92
C ILE D 189 -49.81 -23.54 4.26
N GLU D 190 -48.68 -23.34 4.94
CA GLU D 190 -48.64 -22.60 6.19
C GLU D 190 -47.94 -21.26 5.95
N CYS D 191 -48.62 -20.17 6.29
CA CYS D 191 -48.10 -18.83 6.07
C CYS D 191 -47.15 -18.48 7.21
N SER D 192 -45.88 -18.80 7.04
CA SER D 192 -44.88 -18.47 8.05
C SER D 192 -44.41 -17.03 7.94
N VAL D 193 -44.42 -16.46 6.72
CA VAL D 193 -43.99 -15.09 6.50
C VAL D 193 -45.06 -14.36 5.71
N ASN D 194 -45.19 -13.07 5.97
CA ASN D 194 -46.13 -12.24 5.22
C ASN D 194 -45.64 -12.05 3.79
N PRO D 195 -46.54 -12.01 2.81
CA PRO D 195 -46.12 -11.71 1.44
C PRO D 195 -45.48 -10.32 1.33
N GLY D 196 -44.47 -10.22 0.48
CA GLY D 196 -43.65 -9.04 0.40
C GLY D 196 -42.46 -9.03 1.35
N GLU D 197 -42.34 -10.04 2.22
CA GLU D 197 -41.22 -10.14 3.15
C GLU D 197 -40.47 -11.45 3.01
N THR D 198 -40.84 -12.30 2.05
CA THR D 198 -40.13 -13.54 1.82
C THR D 198 -38.82 -13.27 1.07
N PHE D 199 -38.00 -14.31 0.95
CA PHE D 199 -36.70 -14.17 0.30
C PHE D 199 -36.86 -13.88 -1.19
N LEU D 200 -37.87 -14.48 -1.83
CA LEU D 200 -38.12 -14.22 -3.25
C LEU D 200 -38.54 -12.78 -3.48
N ASP D 201 -39.44 -12.26 -2.63
CA ASP D 201 -39.85 -10.87 -2.75
C ASP D 201 -38.68 -9.94 -2.45
N ARG D 202 -37.82 -10.33 -1.50
CA ARG D 202 -36.65 -9.50 -1.18
C ARG D 202 -35.68 -9.42 -2.35
N MET D 203 -35.42 -10.56 -3.03
CA MET D 203 -34.46 -10.50 -4.13
C MET D 203 -35.06 -9.83 -5.36
N ILE D 204 -36.38 -9.92 -5.56
CA ILE D 204 -36.95 -9.22 -6.72
C ILE D 204 -37.24 -7.76 -6.43
N ALA D 205 -37.21 -7.34 -5.16
CA ALA D 205 -37.47 -5.96 -4.81
C ALA D 205 -36.22 -5.15 -4.49
N MET D 206 -35.12 -5.80 -4.09
CA MET D 206 -33.90 -5.05 -3.79
C MET D 206 -33.27 -4.49 -5.05
N VAL D 207 -33.29 -5.26 -6.15
CA VAL D 207 -32.68 -4.81 -7.39
C VAL D 207 -33.50 -3.71 -8.06
N GLU D 208 -34.78 -3.58 -7.72
CA GLU D 208 -35.59 -2.50 -8.27
C GLU D 208 -35.11 -1.14 -7.76
N GLY D 209 -34.96 -1.01 -6.44
CA GLY D 209 -34.48 0.24 -5.88
C GLY D 209 -32.97 0.35 -5.93
N ALA D 210 -32.50 1.59 -5.79
CA ALA D 210 -31.06 1.87 -5.79
C ALA D 210 -30.48 1.83 -4.37
N GLN D 211 -30.76 0.75 -3.64
CA GLN D 211 -30.20 0.53 -2.32
C GLN D 211 -29.04 -0.46 -2.48
N ARG D 212 -27.91 0.07 -2.96
CA ARG D 212 -26.71 -0.72 -3.19
C ARG D 212 -25.73 -0.43 -2.05
N ARG D 213 -25.89 -1.18 -0.95
CA ARG D 213 -24.95 -1.10 0.16
C ARG D 213 -23.63 -1.71 -0.28
N LYS D 214 -22.63 -0.86 -0.50
CA LYS D 214 -21.38 -1.28 -1.11
C LYS D 214 -20.57 -2.16 -0.16
N THR D 215 -19.84 -3.10 -0.74
CA THR D 215 -18.97 -3.98 0.04
C THR D 215 -17.74 -3.19 0.50
N PRO D 216 -17.23 -3.48 1.71
CA PRO D 216 -16.10 -2.68 2.25
C PRO D 216 -14.86 -2.70 1.36
N ASN D 217 -14.65 -3.77 0.60
CA ASN D 217 -13.61 -3.75 -0.42
C ASN D 217 -13.92 -2.70 -1.49
N GLU D 218 -15.21 -2.56 -1.85
CA GLU D 218 -15.58 -1.54 -2.83
C GLU D 218 -15.39 -0.13 -2.27
N ILE D 219 -15.71 0.10 -0.99
CA ILE D 219 -15.42 1.42 -0.40
C ILE D 219 -13.92 1.67 -0.37
N ALA D 220 -13.12 0.67 -0.02
CA ALA D 220 -11.66 0.84 0.03
C ALA D 220 -11.08 1.15 -1.34
N LEU D 221 -11.55 0.46 -2.38
CA LEU D 221 -11.06 0.76 -3.73
C LEU D 221 -11.59 2.09 -4.23
N THR D 222 -12.79 2.48 -3.82
CA THR D 222 -13.28 3.82 -4.15
C THR D 222 -12.40 4.89 -3.53
N ILE D 223 -11.95 4.66 -2.29
CA ILE D 223 -11.03 5.58 -1.63
C ILE D 223 -9.71 5.66 -2.39
N LEU D 224 -9.19 4.50 -2.81
CA LEU D 224 -7.93 4.49 -3.56
C LEU D 224 -8.08 5.19 -4.91
N LEU D 225 -9.20 4.99 -5.60
CA LEU D 225 -9.42 5.66 -6.88
C LEU D 225 -9.61 7.15 -6.71
N ILE D 226 -10.27 7.57 -5.62
CA ILE D 226 -10.38 8.99 -5.30
C ILE D 226 -9.00 9.59 -5.05
N ALA D 227 -8.14 8.84 -4.35
CA ALA D 227 -6.77 9.29 -4.10
C ALA D 227 -5.99 9.45 -5.40
N LEU D 228 -6.15 8.51 -6.33
CA LEU D 228 -5.53 8.62 -7.65
C LEU D 228 -6.05 9.84 -8.40
N THR D 229 -7.35 10.10 -8.30
CA THR D 229 -7.95 11.28 -8.92
C THR D 229 -7.37 12.56 -8.33
N ILE D 230 -7.12 12.57 -7.02
CA ILE D 230 -6.51 13.73 -6.36
C ILE D 230 -5.09 13.93 -6.88
N VAL D 231 -4.32 12.85 -7.03
CA VAL D 231 -2.97 12.92 -7.57
C VAL D 231 -2.98 13.55 -8.96
N PHE D 232 -3.84 13.03 -9.84
CA PHE D 232 -3.83 13.48 -11.22
C PHE D 232 -4.42 14.87 -11.36
N LEU D 233 -5.40 15.23 -10.52
CA LEU D 233 -5.93 16.58 -10.52
C LEU D 233 -4.89 17.60 -10.08
N LEU D 234 -4.10 17.27 -9.05
CA LEU D 234 -3.04 18.19 -8.62
C LEU D 234 -1.96 18.32 -9.67
N ALA D 235 -1.58 17.20 -10.31
CA ALA D 235 -0.57 17.27 -11.36
C ALA D 235 -1.05 18.11 -12.54
N THR D 236 -2.29 17.89 -12.97
CA THR D 236 -2.86 18.67 -14.06
C THR D 236 -2.97 20.15 -13.71
N ALA D 237 -3.43 20.47 -12.50
CA ALA D 237 -3.62 21.85 -12.10
C ALA D 237 -2.29 22.59 -11.97
N THR D 238 -1.27 21.93 -11.40
CA THR D 238 0.02 22.56 -11.28
C THR D 238 0.83 22.53 -12.57
N LEU D 239 0.38 21.78 -13.58
CA LEU D 239 1.03 21.85 -14.89
C LEU D 239 0.86 23.20 -15.56
N TRP D 240 -0.23 23.93 -15.27
CA TRP D 240 -0.45 25.22 -15.95
C TRP D 240 0.59 26.29 -15.58
N PRO D 241 0.90 26.58 -14.30
CA PRO D 241 1.88 27.65 -14.05
C PRO D 241 3.29 27.31 -14.50
N PHE D 242 3.65 26.04 -14.61
CA PHE D 242 4.99 25.66 -15.07
C PHE D 242 5.18 26.05 -16.52
N SER D 243 4.23 25.67 -17.38
CA SER D 243 4.28 26.08 -18.78
C SER D 243 4.04 27.58 -18.94
N ALA D 244 3.27 28.19 -18.02
CA ALA D 244 3.05 29.62 -18.07
C ALA D 244 4.34 30.39 -17.84
N TRP D 245 5.16 29.95 -16.88
CA TRP D 245 6.48 30.53 -16.71
C TRP D 245 7.39 30.19 -17.89
N GLY D 246 7.30 28.96 -18.40
CA GLY D 246 8.16 28.53 -19.49
C GLY D 246 7.90 29.23 -20.81
N GLY D 247 6.72 29.80 -20.98
CA GLY D 247 6.40 30.52 -22.20
C GLY D 247 4.92 30.71 -22.38
N ASN D 248 4.40 30.40 -23.55
CA ASN D 248 2.96 30.42 -23.78
C ASN D 248 2.31 29.27 -23.03
N ALA D 249 1.39 29.59 -22.12
CA ALA D 249 0.77 28.59 -21.27
C ALA D 249 -0.14 27.68 -22.08
N VAL D 250 -0.27 26.44 -21.60
CA VAL D 250 -1.16 25.49 -22.25
C VAL D 250 -2.61 25.88 -22.00
N SER D 251 -3.49 25.47 -22.90
CA SER D 251 -4.89 25.82 -22.79
C SER D 251 -5.56 25.00 -21.69
N VAL D 252 -6.80 25.37 -21.37
CA VAL D 252 -7.56 24.63 -20.38
C VAL D 252 -7.98 23.27 -20.93
N THR D 253 -8.31 23.22 -22.23
CA THR D 253 -8.88 21.99 -22.80
C THR D 253 -7.84 20.87 -22.91
N VAL D 254 -6.58 21.22 -23.19
CA VAL D 254 -5.54 20.19 -23.23
C VAL D 254 -5.26 19.65 -21.83
N LEU D 255 -5.33 20.52 -20.82
CA LEU D 255 -5.17 20.06 -19.43
C LEU D 255 -6.32 19.16 -19.02
N VAL D 256 -7.55 19.51 -19.40
CA VAL D 256 -8.70 18.68 -19.06
C VAL D 256 -8.62 17.33 -19.78
N ALA D 257 -8.18 17.33 -21.04
CA ALA D 257 -8.02 16.06 -21.76
C ALA D 257 -6.94 15.19 -21.13
N LEU D 258 -5.82 15.79 -20.71
CA LEU D 258 -4.78 15.02 -20.03
C LEU D 258 -5.26 14.50 -18.69
N LEU D 259 -6.03 15.29 -17.95
CA LEU D 259 -6.58 14.87 -16.67
C LEU D 259 -7.54 13.70 -16.84
N VAL D 260 -8.39 13.76 -17.87
CA VAL D 260 -9.35 12.69 -18.13
C VAL D 260 -8.65 11.42 -18.57
N CYS D 261 -7.63 11.56 -19.42
CA CYS D 261 -6.84 10.39 -19.82
C CYS D 261 -6.01 9.85 -18.66
N LEU D 262 -5.76 10.65 -17.62
CA LEU D 262 -4.94 10.22 -16.50
C LEU D 262 -5.73 9.48 -15.43
N ILE D 263 -6.87 10.02 -15.01
CA ILE D 263 -7.63 9.51 -13.87
C ILE D 263 -8.17 8.12 -14.17
N PRO D 264 -8.37 7.26 -13.16
CA PRO D 264 -8.88 5.91 -13.43
C PRO D 264 -10.33 5.90 -13.90
N THR D 265 -10.55 6.27 -15.16
CA THR D 265 -11.89 6.28 -15.72
C THR D 265 -12.41 4.87 -15.95
N THR D 266 -11.53 3.94 -16.32
CA THR D 266 -11.96 2.58 -16.67
C THR D 266 -12.58 1.88 -15.47
N ILE D 267 -11.79 1.65 -14.42
CA ILE D 267 -12.31 1.01 -13.22
C ILE D 267 -13.31 1.92 -12.50
N GLY D 268 -13.08 3.24 -12.53
CA GLY D 268 -13.98 4.17 -11.88
C GLY D 268 -15.37 4.24 -12.48
N GLY D 269 -15.50 3.80 -13.73
CA GLY D 269 -16.81 3.74 -14.35
C GLY D 269 -17.36 2.34 -14.46
N LEU D 270 -16.50 1.34 -14.38
CA LEU D 270 -16.93 -0.04 -14.50
C LEU D 270 -17.05 -0.76 -13.16
N LEU D 271 -16.77 -0.10 -12.04
CA LEU D 271 -16.84 -0.77 -10.74
C LEU D 271 -18.29 -1.13 -10.37
N SER D 272 -19.21 -0.19 -10.55
CA SER D 272 -20.62 -0.47 -10.26
C SER D 272 -21.18 -1.51 -11.22
N ALA D 273 -20.76 -1.46 -12.48
CA ALA D 273 -21.15 -2.48 -13.45
C ALA D 273 -20.62 -3.85 -13.04
N ILE D 274 -19.38 -3.90 -12.53
CA ILE D 274 -18.80 -5.14 -12.03
C ILE D 274 -19.64 -5.70 -10.89
N GLY D 275 -20.02 -4.83 -9.95
CA GLY D 275 -20.81 -5.28 -8.81
C GLY D 275 -22.18 -5.79 -9.21
N VAL D 276 -22.89 -5.04 -10.06
CA VAL D 276 -24.24 -5.42 -10.43
C VAL D 276 -24.24 -6.67 -11.32
N ALA D 277 -23.30 -6.74 -12.28
CA ALA D 277 -23.21 -7.93 -13.13
C ALA D 277 -22.75 -9.13 -12.35
N GLY D 278 -21.91 -8.94 -11.32
CA GLY D 278 -21.54 -10.04 -10.47
C GLY D 278 -22.70 -10.56 -9.64
N MET D 279 -23.56 -9.65 -9.16
CA MET D 279 -24.78 -10.08 -8.48
C MET D 279 -25.71 -10.83 -9.43
N SER D 280 -25.79 -10.37 -10.68
CA SER D 280 -26.61 -11.05 -11.68
C SER D 280 -26.07 -12.44 -12.00
N ARG D 281 -24.74 -12.58 -12.11
CA ARG D 281 -24.15 -13.89 -12.33
C ARG D 281 -24.26 -14.77 -11.10
N MET D 282 -24.25 -14.17 -9.91
CA MET D 282 -24.50 -14.89 -8.67
C MET D 282 -25.88 -15.51 -8.67
N LEU D 283 -26.89 -14.70 -9.01
CA LEU D 283 -28.26 -15.19 -9.12
C LEU D 283 -28.43 -16.16 -10.29
N GLY D 284 -27.59 -16.05 -11.31
CA GLY D 284 -27.67 -16.92 -12.47
C GLY D 284 -27.23 -18.34 -12.20
N ALA D 285 -26.51 -18.58 -11.11
CA ALA D 285 -26.14 -19.91 -10.67
C ALA D 285 -27.18 -20.51 -9.73
N ASN D 286 -28.40 -19.95 -9.71
CA ASN D 286 -29.51 -20.40 -8.86
C ASN D 286 -29.16 -20.35 -7.38
N VAL D 287 -28.33 -19.39 -6.99
CA VAL D 287 -28.04 -19.10 -5.60
C VAL D 287 -28.20 -17.60 -5.40
N ILE D 288 -28.86 -17.21 -4.31
CA ILE D 288 -29.28 -15.83 -4.11
C ILE D 288 -28.51 -15.24 -2.94
N ALA D 289 -27.98 -14.04 -3.14
CA ALA D 289 -27.26 -13.31 -2.10
C ALA D 289 -27.95 -11.98 -1.86
N THR D 290 -28.39 -11.76 -0.62
CA THR D 290 -29.04 -10.50 -0.27
C THR D 290 -28.05 -9.40 0.08
N SER D 291 -26.76 -9.73 0.23
CA SER D 291 -25.75 -8.74 0.56
C SER D 291 -24.40 -9.20 0.03
N GLY D 292 -23.72 -8.32 -0.68
CA GLY D 292 -22.40 -8.65 -1.22
C GLY D 292 -21.27 -8.59 -0.22
N ARG D 293 -21.55 -8.11 1.01
CA ARG D 293 -20.52 -8.06 2.04
C ARG D 293 -20.06 -9.45 2.46
N ALA D 294 -20.98 -10.41 2.49
CA ALA D 294 -20.59 -11.79 2.74
C ALA D 294 -19.97 -12.44 1.52
N VAL D 295 -20.40 -12.04 0.32
CA VAL D 295 -19.88 -12.64 -0.91
C VAL D 295 -18.43 -12.26 -1.13
N GLU D 296 -18.07 -11.00 -0.85
CA GLU D 296 -16.68 -10.58 -1.02
C GLU D 296 -15.75 -11.23 0.00
N ALA D 297 -16.27 -11.57 1.19
CA ALA D 297 -15.49 -12.29 2.16
C ALA D 297 -15.51 -13.80 1.92
N ALA D 298 -16.44 -14.28 1.08
CA ALA D 298 -16.49 -15.70 0.76
C ALA D 298 -15.29 -16.17 -0.06
N GLY D 299 -14.57 -15.26 -0.70
CA GLY D 299 -13.34 -15.63 -1.38
C GLY D 299 -12.27 -16.12 -0.41
N ASP D 300 -12.23 -15.56 0.79
CA ASP D 300 -11.28 -15.97 1.82
C ASP D 300 -11.99 -16.92 2.79
N VAL D 301 -12.19 -18.16 2.34
CA VAL D 301 -12.68 -19.23 3.19
C VAL D 301 -11.74 -20.41 3.07
N ASP D 302 -11.71 -21.24 4.10
CA ASP D 302 -10.85 -22.43 4.11
C ASP D 302 -11.54 -23.69 4.58
N VAL D 303 -12.62 -23.60 5.35
CA VAL D 303 -13.33 -24.77 5.86
C VAL D 303 -14.79 -24.71 5.45
N LEU D 304 -15.34 -25.86 5.10
CA LEU D 304 -16.76 -25.99 4.78
C LEU D 304 -17.36 -27.08 5.65
N LEU D 305 -18.45 -26.74 6.33
CA LEU D 305 -19.15 -27.68 7.20
C LEU D 305 -20.42 -28.15 6.51
N LEU D 306 -20.60 -29.47 6.46
CA LEU D 306 -21.72 -30.05 5.73
C LEU D 306 -22.57 -30.94 6.62
N LYS D 308 -25.21 -34.19 6.78
CA LYS D 308 -25.35 -35.42 5.99
C LYS D 308 -26.80 -35.80 5.78
N THR D 309 -27.54 -35.91 6.88
CA THR D 309 -28.93 -36.36 6.83
C THR D 309 -29.83 -35.27 6.25
N GLY D 310 -30.07 -35.31 4.94
CA GLY D 310 -30.94 -34.36 4.29
C GLY D 310 -30.25 -33.29 3.47
N THR D 311 -28.92 -33.15 3.61
CA THR D 311 -28.18 -32.16 2.84
C THR D 311 -27.26 -32.79 1.80
N ILE D 312 -26.35 -33.67 2.23
CA ILE D 312 -25.50 -34.37 1.27
C ILE D 312 -26.24 -35.54 0.65
N THR D 313 -26.87 -36.38 1.49
CA THR D 313 -27.73 -37.43 0.98
C THR D 313 -29.07 -36.85 0.52
N LEU D 314 -29.84 -37.67 -0.19
CA LEU D 314 -31.14 -37.21 -0.68
C LEU D 314 -32.18 -37.08 0.42
N GLY D 315 -31.90 -37.58 1.62
CA GLY D 315 -32.93 -37.72 2.63
C GLY D 315 -33.76 -38.96 2.38
N ASN D 316 -34.86 -39.06 3.12
CA ASN D 316 -35.83 -40.15 3.03
C ASN D 316 -35.15 -41.51 3.24
N ARG D 317 -34.67 -41.69 4.47
CA ARG D 317 -33.96 -42.92 4.84
C ARG D 317 -34.94 -44.08 4.85
N GLN D 318 -34.77 -45.00 3.90
CA GLN D 318 -35.62 -46.18 3.76
C GLN D 318 -34.86 -47.40 4.26
N ALA D 319 -35.52 -48.21 5.08
CA ALA D 319 -34.90 -49.42 5.60
C ALA D 319 -34.78 -50.47 4.49
N SER D 320 -33.84 -51.39 4.68
CA SER D 320 -33.60 -52.46 3.71
C SER D 320 -33.89 -53.83 4.30
N GLU D 321 -33.25 -54.21 5.41
CA GLU D 321 -33.46 -55.51 6.03
C GLU D 321 -33.32 -55.40 7.53
N PHE D 322 -34.25 -56.04 8.24
CA PHE D 322 -34.15 -56.16 9.69
C PHE D 322 -33.12 -57.22 10.05
N ILE D 323 -32.59 -57.13 11.26
CA ILE D 323 -31.67 -58.14 11.79
C ILE D 323 -32.21 -58.59 13.15
N PRO D 324 -32.23 -59.88 13.45
CA PRO D 324 -32.59 -60.29 14.81
C PRO D 324 -31.37 -60.42 15.72
N ALA D 325 -31.59 -60.87 16.95
CA ALA D 325 -30.50 -61.07 17.89
C ALA D 325 -30.49 -62.53 18.36
N GLN D 326 -29.66 -62.82 19.37
CA GLN D 326 -29.57 -64.20 19.86
C GLN D 326 -30.83 -64.63 20.59
N GLY D 327 -31.43 -63.73 21.37
CA GLY D 327 -32.55 -64.09 22.20
C GLY D 327 -33.86 -63.40 21.85
N VAL D 328 -34.18 -63.29 20.56
CA VAL D 328 -35.40 -62.63 20.13
C VAL D 328 -35.83 -63.23 18.79
N ASP D 329 -37.15 -63.23 18.56
CA ASP D 329 -37.72 -63.72 17.32
C ASP D 329 -38.02 -62.54 16.40
N GLU D 330 -38.61 -62.80 15.24
CA GLU D 330 -38.82 -61.78 14.21
C GLU D 330 -40.14 -61.05 14.33
N LYS D 331 -41.20 -61.75 14.72
CA LYS D 331 -42.48 -61.07 14.96
C LYS D 331 -42.39 -60.12 16.14
N THR D 332 -41.54 -60.44 17.12
CA THR D 332 -41.29 -59.53 18.24
C THR D 332 -40.54 -58.27 17.77
N LEU D 333 -39.73 -58.38 16.72
CA LEU D 333 -39.20 -57.18 16.10
C LEU D 333 -40.30 -56.39 15.43
N ALA D 334 -41.14 -57.08 14.66
CA ALA D 334 -42.10 -56.43 13.78
C ALA D 334 -43.19 -55.69 14.56
N ASP D 335 -43.71 -56.30 15.64
CA ASP D 335 -44.82 -55.69 16.37
C ASP D 335 -44.38 -54.41 17.07
N ALA D 336 -43.15 -54.38 17.59
CA ALA D 336 -42.64 -53.15 18.17
C ALA D 336 -42.27 -52.13 17.10
N ALA D 337 -41.77 -52.59 15.95
CA ALA D 337 -41.33 -51.68 14.91
C ALA D 337 -42.51 -50.96 14.25
N GLN D 338 -43.64 -51.63 14.10
CA GLN D 338 -44.77 -51.01 13.41
C GLN D 338 -45.44 -49.92 14.24
N LEU D 339 -45.28 -49.95 15.57
CA LEU D 339 -45.87 -48.93 16.42
C LEU D 339 -44.83 -48.07 17.13
N ALA D 340 -43.54 -48.26 16.87
CA ALA D 340 -42.52 -47.38 17.45
C ALA D 340 -42.66 -45.96 16.94
N SER D 341 -42.92 -45.78 15.65
CA SER D 341 -43.13 -44.47 15.04
C SER D 341 -44.36 -44.51 14.13
N LEU D 342 -45.45 -45.08 14.65
CA LEU D 342 -46.66 -45.25 13.85
C LEU D 342 -47.32 -43.91 13.56
N ALA D 343 -47.45 -43.05 14.57
CA ALA D 343 -48.06 -41.75 14.38
C ALA D 343 -47.08 -40.68 13.92
N ASP D 344 -45.79 -40.97 13.91
CA ASP D 344 -44.80 -40.02 13.42
C ASP D 344 -44.83 -39.97 11.89
N GLU D 345 -44.60 -38.78 11.35
CA GLU D 345 -44.49 -38.58 9.91
C GLU D 345 -43.03 -38.69 9.45
N THR D 346 -42.20 -39.36 10.24
CA THR D 346 -40.79 -39.47 9.92
C THR D 346 -40.58 -40.44 8.75
N PRO D 347 -39.63 -40.17 7.86
CA PRO D 347 -39.35 -41.10 6.76
C PRO D 347 -38.86 -42.46 7.23
N GLU D 348 -38.03 -42.49 8.26
CA GLU D 348 -37.58 -43.75 8.83
C GLU D 348 -38.72 -44.51 9.48
N GLY D 349 -39.65 -43.80 10.14
CA GLY D 349 -40.80 -44.46 10.72
C GLY D 349 -41.73 -45.05 9.68
N ARG D 350 -42.02 -44.27 8.62
CA ARG D 350 -42.86 -44.81 7.56
C ARG D 350 -42.16 -45.94 6.83
N SER D 351 -40.83 -45.90 6.74
CA SER D 351 -40.08 -46.96 6.08
C SER D 351 -40.13 -48.26 6.88
N ILE D 352 -39.93 -48.18 8.20
CA ILE D 352 -39.98 -49.40 9.00
C ILE D 352 -41.42 -49.93 9.06
N VAL D 353 -42.43 -49.05 9.02
CA VAL D 353 -43.81 -49.51 8.98
C VAL D 353 -44.11 -50.26 7.68
N ILE D 354 -43.71 -49.68 6.53
CA ILE D 354 -44.05 -50.33 5.26
C ILE D 354 -43.24 -51.60 5.08
N LEU D 355 -41.99 -51.64 5.56
CA LEU D 355 -41.21 -52.85 5.43
C LEU D 355 -41.69 -53.95 6.37
N ALA D 356 -42.13 -53.59 7.59
CA ALA D 356 -42.70 -54.59 8.48
C ALA D 356 -44.00 -55.14 7.91
N LYS D 357 -44.84 -54.29 7.32
CA LYS D 357 -46.08 -54.78 6.74
C LYS D 357 -45.80 -55.61 5.48
N GLN D 358 -44.75 -55.30 4.73
CA GLN D 358 -44.42 -56.10 3.55
C GLN D 358 -43.81 -57.45 3.95
N ARG D 359 -43.10 -57.50 5.08
CA ARG D 359 -42.45 -58.74 5.48
C ARG D 359 -43.35 -59.65 6.32
N PHE D 360 -44.33 -59.11 7.04
CA PHE D 360 -45.18 -59.94 7.89
C PHE D 360 -46.67 -59.68 7.78
N ASN D 361 -47.10 -58.48 7.33
CA ASN D 361 -48.51 -58.09 7.25
C ASN D 361 -49.22 -58.22 8.61
N LEU D 362 -48.64 -57.59 9.62
CA LEU D 362 -49.22 -57.58 10.96
C LEU D 362 -50.23 -56.43 11.02
N ARG D 363 -51.52 -56.77 10.95
CA ARG D 363 -52.58 -55.76 10.97
C ARG D 363 -52.97 -55.48 12.41
N GLU D 364 -52.12 -54.71 13.08
CA GLU D 364 -52.37 -54.27 14.44
C GLU D 364 -53.18 -52.97 14.40
N ARG D 365 -53.21 -52.24 15.52
CA ARG D 365 -53.93 -50.98 15.60
C ARG D 365 -53.42 -49.98 14.56
N ASP D 366 -54.35 -49.25 13.93
CA ASP D 366 -54.01 -48.43 12.78
C ASP D 366 -53.12 -47.27 13.15
N VAL D 367 -53.49 -46.51 14.18
CA VAL D 367 -52.69 -45.40 14.68
C VAL D 367 -52.41 -45.53 16.18
N GLN D 368 -53.42 -45.89 16.98
CA GLN D 368 -53.23 -46.24 18.38
C GLN D 368 -54.43 -47.05 18.83
N SER D 369 -54.33 -47.60 20.04
CA SER D 369 -55.47 -48.31 20.62
C SER D 369 -56.54 -47.32 21.09
N LEU D 370 -56.20 -46.50 22.07
CA LEU D 370 -57.03 -45.37 22.47
C LEU D 370 -56.26 -44.07 22.49
N HIS D 371 -55.03 -44.08 22.99
CA HIS D 371 -54.12 -42.93 22.97
C HIS D 371 -52.71 -43.46 23.18
N ALA D 372 -51.76 -42.54 23.20
CA ALA D 372 -50.36 -42.90 23.42
C ALA D 372 -49.61 -41.66 23.94
N THR D 373 -48.29 -41.74 23.96
CA THR D 373 -47.46 -40.64 24.40
C THR D 373 -47.07 -39.71 23.25
N PHE D 374 -46.72 -40.29 22.10
CA PHE D 374 -46.28 -39.57 20.90
C PHE D 374 -45.07 -38.68 21.19
N VAL D 375 -43.98 -39.33 21.59
CA VAL D 375 -42.76 -38.63 21.97
C VAL D 375 -42.08 -38.07 20.72
N PRO D 376 -41.83 -36.77 20.66
CA PRO D 376 -41.18 -36.19 19.47
C PRO D 376 -39.71 -36.55 19.40
N PHE D 377 -39.16 -36.42 18.20
CA PHE D 377 -37.75 -36.72 17.95
C PHE D 377 -36.95 -35.42 18.04
N THR D 378 -36.15 -35.29 19.10
CA THR D 378 -35.25 -34.16 19.24
C THR D 378 -33.87 -34.55 18.74
N ALA D 379 -33.23 -33.62 18.03
CA ALA D 379 -31.92 -33.89 17.47
C ALA D 379 -30.80 -33.92 18.50
N GLN D 380 -31.05 -33.40 19.71
CA GLN D 380 -30.03 -33.39 20.74
C GLN D 380 -30.02 -34.66 21.58
N SER D 381 -31.19 -35.26 21.82
CA SER D 381 -31.28 -36.47 22.62
C SER D 381 -31.46 -37.73 21.79
N ARG D 382 -31.96 -37.60 20.56
CA ARG D 382 -32.13 -38.69 19.58
C ARG D 382 -32.98 -39.82 20.17
N MET D 383 -34.22 -39.47 20.50
CA MET D 383 -35.10 -40.38 21.23
C MET D 383 -36.54 -40.20 20.80
N SER D 384 -37.27 -41.31 20.70
CA SER D 384 -38.69 -41.32 20.38
C SER D 384 -39.29 -42.62 20.89
N GLY D 385 -40.58 -42.58 21.24
CA GLY D 385 -41.24 -43.78 21.72
C GLY D 385 -42.73 -43.60 21.84
N ILE D 386 -43.43 -44.72 21.98
CA ILE D 386 -44.88 -44.75 22.16
C ILE D 386 -45.19 -45.75 23.27
N ASN D 387 -45.98 -45.33 24.26
CA ASN D 387 -46.26 -46.13 25.44
C ASN D 387 -47.76 -46.11 25.71
N ILE D 388 -48.43 -47.24 25.44
CA ILE D 388 -49.84 -47.40 25.80
C ILE D 388 -50.05 -48.68 26.59
N ASP D 389 -49.55 -49.82 26.09
CA ASP D 389 -49.78 -51.10 26.73
C ASP D 389 -48.51 -51.78 27.24
N ASN D 390 -47.35 -51.49 26.67
CA ASN D 390 -46.10 -52.05 27.13
C ASN D 390 -45.52 -51.17 28.23
N ARG D 391 -44.26 -51.38 28.59
CA ARG D 391 -43.61 -50.64 29.67
C ARG D 391 -42.48 -49.80 29.08
N MET D 392 -42.83 -48.62 28.57
CA MET D 392 -41.89 -47.58 28.12
C MET D 392 -40.93 -48.10 27.04
N ILE D 393 -41.50 -48.47 25.90
CA ILE D 393 -40.72 -48.91 24.76
C ILE D 393 -40.42 -47.70 23.88
N ARG D 394 -39.19 -47.61 23.38
CA ARG D 394 -38.72 -46.42 22.70
C ARG D 394 -37.81 -46.83 21.55
N LYS D 395 -37.14 -45.83 20.96
CA LYS D 395 -36.18 -46.04 19.89
C LYS D 395 -35.25 -44.83 19.85
N GLY D 396 -34.14 -44.99 19.15
CA GLY D 396 -33.19 -43.89 19.04
C GLY D 396 -31.87 -44.36 18.45
N SER D 397 -30.90 -43.43 18.47
CA SER D 397 -29.56 -43.72 18.00
C SER D 397 -28.82 -44.61 18.99
N VAL D 398 -27.61 -45.02 18.61
CA VAL D 398 -26.86 -46.02 19.37
C VAL D 398 -26.53 -45.52 20.76
N ASP D 399 -26.06 -44.27 20.87
CA ASP D 399 -25.71 -43.71 22.17
C ASP D 399 -26.94 -43.56 23.07
N ALA D 400 -28.07 -43.12 22.51
CA ALA D 400 -29.28 -42.95 23.29
C ALA D 400 -29.83 -44.29 23.77
N ILE D 401 -29.80 -45.30 22.90
CA ILE D 401 -30.28 -46.63 23.31
C ILE D 401 -29.34 -47.24 24.35
N ARG D 402 -28.03 -47.02 24.22
CA ARG D 402 -27.10 -47.55 25.21
C ARG D 402 -27.29 -46.87 26.56
N ARG D 403 -27.46 -45.55 26.59
CA ARG D 403 -27.65 -44.86 27.86
C ARG D 403 -29.04 -45.11 28.44
N HIS D 404 -30.01 -45.53 27.61
CA HIS D 404 -31.28 -46.01 28.15
C HIS D 404 -31.16 -47.41 28.72
N VAL D 405 -30.28 -48.25 28.13
CA VAL D 405 -30.00 -49.57 28.68
C VAL D 405 -29.32 -49.44 30.05
N GLU D 406 -28.39 -48.49 30.18
CA GLU D 406 -27.79 -48.22 31.49
C GLU D 406 -28.84 -47.74 32.50
N ALA D 407 -29.91 -47.11 32.03
CA ALA D 407 -31.00 -46.73 32.92
C ALA D 407 -32.01 -47.84 33.17
N ASN D 408 -32.11 -48.82 32.26
CA ASN D 408 -33.11 -49.88 32.38
C ASN D 408 -32.50 -51.26 32.57
N GLY D 409 -31.61 -51.69 31.69
CA GLY D 409 -31.11 -53.05 31.73
C GLY D 409 -29.67 -53.19 32.20
N GLY D 410 -28.86 -52.16 31.96
CA GLY D 410 -27.46 -52.20 32.35
C GLY D 410 -26.57 -52.89 31.34
N HIS D 411 -26.63 -54.22 31.29
CA HIS D 411 -25.79 -54.96 30.37
C HIS D 411 -26.27 -54.78 28.93
N PHE D 412 -25.32 -54.67 28.01
CA PHE D 412 -25.67 -54.51 26.60
C PHE D 412 -25.03 -55.62 25.77
N PRO D 413 -25.73 -56.10 24.73
CA PRO D 413 -25.20 -57.22 23.93
C PRO D 413 -24.04 -56.84 23.02
N THR D 414 -22.90 -57.46 23.26
CA THR D 414 -21.71 -57.16 22.47
C THR D 414 -21.79 -57.75 21.06
N ASP D 415 -22.56 -58.83 20.88
CA ASP D 415 -22.79 -59.34 19.53
C ASP D 415 -23.64 -58.37 18.72
N VAL D 416 -24.62 -57.73 19.35
CA VAL D 416 -25.40 -56.68 18.69
C VAL D 416 -24.52 -55.46 18.43
N ASP D 417 -23.56 -55.17 19.33
CA ASP D 417 -22.61 -54.09 19.07
C ASP D 417 -21.74 -54.39 17.85
N GLN D 418 -21.30 -55.64 17.72
CA GLN D 418 -20.56 -56.05 16.52
C GLN D 418 -21.43 -55.96 15.28
N LYS D 419 -22.72 -56.29 15.42
CA LYS D 419 -23.65 -56.19 14.31
C LYS D 419 -23.86 -54.75 13.86
N VAL D 420 -23.98 -53.81 14.81
CA VAL D 420 -24.15 -52.42 14.40
C VAL D 420 -22.84 -51.87 13.83
N ASP D 421 -21.69 -52.39 14.30
CA ASP D 421 -20.42 -52.01 13.69
C ASP D 421 -20.32 -52.48 12.25
N GLN D 422 -20.74 -53.72 11.97
CA GLN D 422 -20.68 -54.21 10.60
C GLN D 422 -21.75 -53.57 9.72
N VAL D 423 -22.88 -53.16 10.30
CA VAL D 423 -23.88 -52.41 9.56
C VAL D 423 -23.34 -51.02 9.19
N ALA D 424 -22.64 -50.38 10.13
CA ALA D 424 -22.02 -49.09 9.86
C ALA D 424 -20.93 -49.21 8.80
N ARG D 425 -20.15 -50.29 8.84
CA ARG D 425 -19.16 -50.52 7.78
C ARG D 425 -19.82 -50.81 6.45
N GLN D 426 -20.98 -51.48 6.45
CA GLN D 426 -21.75 -51.67 5.22
C GLN D 426 -22.23 -50.34 4.66
N GLY D 427 -22.62 -49.41 5.54
CA GLY D 427 -23.04 -48.09 5.10
C GLY D 427 -24.50 -47.79 5.31
N ALA D 428 -25.07 -48.28 6.40
CA ALA D 428 -26.45 -48.01 6.78
C ALA D 428 -26.49 -47.28 8.10
N THR D 429 -27.30 -46.23 8.17
CA THR D 429 -27.44 -45.47 9.40
C THR D 429 -28.17 -46.31 10.46
N PRO D 430 -27.61 -46.46 11.65
CA PRO D 430 -28.20 -47.37 12.64
C PRO D 430 -29.47 -46.81 13.25
N LEU D 431 -30.35 -47.72 13.66
CA LEU D 431 -31.59 -47.38 14.33
C LEU D 431 -31.95 -48.56 15.22
N VAL D 432 -31.94 -48.36 16.53
CA VAL D 432 -32.23 -49.41 17.51
C VAL D 432 -33.48 -49.02 18.27
N VAL D 433 -34.39 -49.98 18.44
CA VAL D 433 -35.60 -49.77 19.22
C VAL D 433 -35.47 -50.50 20.54
N VAL D 434 -36.43 -50.24 21.44
CA VAL D 434 -36.43 -50.78 22.79
C VAL D 434 -37.62 -51.72 22.94
N GLU D 435 -37.37 -52.92 23.48
CA GLU D 435 -38.44 -53.86 23.78
C GLU D 435 -39.04 -53.63 25.16
N GLY D 436 -38.48 -52.71 25.94
CA GLY D 436 -39.01 -52.37 27.25
C GLY D 436 -38.00 -52.50 28.37
N SER D 437 -37.20 -53.54 28.34
CA SER D 437 -36.11 -53.72 29.30
C SER D 437 -34.78 -54.01 28.63
N ARG D 438 -34.78 -54.78 27.55
CA ARG D 438 -33.59 -55.12 26.80
C ARG D 438 -33.74 -54.58 25.38
N VAL D 439 -32.84 -54.99 24.48
CA VAL D 439 -32.85 -54.54 23.11
C VAL D 439 -32.93 -55.76 22.18
N LEU D 440 -33.43 -55.52 20.98
CA LEU D 440 -33.68 -56.57 20.00
C LEU D 440 -32.75 -56.53 18.79
N GLY D 441 -32.20 -55.39 18.45
CA GLY D 441 -31.29 -55.29 17.33
C GLY D 441 -31.45 -53.96 16.62
N VAL D 442 -30.73 -53.82 15.53
CA VAL D 442 -30.66 -52.58 14.78
C VAL D 442 -31.53 -52.70 13.54
N ILE D 443 -32.01 -51.56 13.05
CA ILE D 443 -32.72 -51.48 11.78
C ILE D 443 -31.80 -50.75 10.80
N ALA D 444 -31.34 -51.47 9.78
CA ALA D 444 -30.44 -50.89 8.80
C ALA D 444 -31.21 -49.99 7.85
N LEU D 445 -30.72 -48.77 7.68
CA LEU D 445 -31.32 -47.79 6.77
C LEU D 445 -30.30 -47.48 5.69
N LYS D 446 -30.42 -48.14 4.54
CA LYS D 446 -29.51 -47.95 3.43
C LYS D 446 -29.78 -46.59 2.79
N ASP D 447 -28.96 -45.60 3.11
CA ASP D 447 -29.12 -44.25 2.59
C ASP D 447 -28.52 -44.15 1.20
N ILE D 448 -29.06 -43.22 0.42
CA ILE D 448 -28.61 -42.96 -0.95
C ILE D 448 -28.05 -41.55 -1.01
N VAL D 449 -26.94 -41.39 -1.73
CA VAL D 449 -26.20 -40.14 -1.72
C VAL D 449 -26.30 -39.50 -3.10
N LYS D 450 -26.21 -38.18 -3.14
CA LYS D 450 -26.28 -37.42 -4.39
C LYS D 450 -25.01 -37.62 -5.21
N GLY D 451 -25.16 -37.49 -6.53
CA GLY D 451 -24.07 -37.81 -7.44
C GLY D 451 -23.24 -36.59 -7.78
N GLY D 452 -21.95 -36.81 -8.07
CA GLY D 452 -21.03 -35.78 -8.46
C GLY D 452 -20.32 -35.11 -7.31
N ILE D 453 -20.72 -35.39 -6.08
CA ILE D 453 -20.17 -34.71 -4.91
C ILE D 453 -18.72 -35.10 -4.71
N LYS D 454 -18.34 -36.32 -5.13
CA LYS D 454 -16.94 -36.75 -5.02
C LYS D 454 -16.05 -35.89 -5.91
N GLU D 455 -16.47 -35.69 -7.17
CA GLU D 455 -15.69 -34.87 -8.10
C GLU D 455 -15.67 -33.42 -7.67
N ARG D 456 -16.80 -32.92 -7.16
CA ARG D 456 -16.85 -31.53 -6.74
C ARG D 456 -16.03 -31.29 -5.47
N PHE D 457 -15.97 -32.27 -4.56
CA PHE D 457 -15.10 -32.15 -3.40
C PHE D 457 -13.64 -32.30 -3.77
N ALA D 458 -13.33 -33.11 -4.79
CA ALA D 458 -11.96 -33.14 -5.30
C ALA D 458 -11.56 -31.80 -5.90
N GLN D 459 -12.50 -31.14 -6.61
CA GLN D 459 -12.24 -29.80 -7.12
C GLN D 459 -12.08 -28.80 -5.98
N LEU D 460 -12.85 -28.95 -4.91
CA LEU D 460 -12.70 -28.09 -3.74
C LEU D 460 -11.35 -28.28 -3.06
N ARG D 461 -10.88 -29.53 -2.98
CA ARG D 461 -9.55 -29.80 -2.43
C ARG D 461 -8.46 -29.24 -3.32
N LYS D 462 -8.68 -29.27 -4.64
CA LYS D 462 -7.75 -28.63 -5.57
C LYS D 462 -7.71 -27.13 -5.34
N MET D 463 -8.87 -26.52 -5.10
CA MET D 463 -8.93 -25.09 -4.84
C MET D 463 -8.42 -24.75 -3.44
N GLY D 464 -8.58 -25.66 -2.49
CA GLY D 464 -8.09 -25.44 -1.14
C GLY D 464 -9.13 -25.02 -0.12
N ILE D 465 -10.26 -25.71 -0.09
CA ILE D 465 -11.26 -25.54 0.96
C ILE D 465 -11.42 -26.89 1.66
N LYS D 466 -11.21 -26.91 2.97
CA LYS D 466 -11.17 -28.14 3.75
C LYS D 466 -12.58 -28.51 4.16
N THR D 467 -13.18 -29.45 3.41
CA THR D 467 -14.56 -29.84 3.66
C THR D 467 -14.66 -30.72 4.91
N VAL D 468 -15.54 -30.33 5.83
CA VAL D 468 -15.71 -31.03 7.10
C VAL D 468 -17.13 -31.55 7.17
N MET D 469 -17.27 -32.83 7.51
CA MET D 469 -18.58 -33.44 7.69
C MET D 469 -19.07 -33.21 9.11
N ILE D 470 -20.33 -32.81 9.24
CA ILE D 470 -20.99 -32.63 10.53
C ILE D 470 -22.14 -33.61 10.60
N THR D 471 -22.03 -34.60 11.49
CA THR D 471 -22.99 -35.68 11.58
C THR D 471 -23.07 -36.14 13.03
N GLY D 472 -24.29 -36.40 13.50
CA GLY D 472 -24.46 -36.94 14.84
C GLY D 472 -25.07 -38.32 14.85
N ASP D 473 -24.71 -39.16 13.87
CA ASP D 473 -25.30 -40.49 13.74
C ASP D 473 -24.46 -41.56 14.43
N ASN D 474 -23.23 -41.77 13.96
CA ASN D 474 -22.32 -42.76 14.52
C ASN D 474 -20.92 -42.49 14.00
N ARG D 475 -19.92 -43.04 14.69
CA ARG D 475 -18.53 -42.80 14.32
C ARG D 475 -18.18 -43.52 13.03
N LEU D 476 -18.52 -44.81 12.92
CA LEU D 476 -18.14 -45.59 11.74
C LEU D 476 -18.99 -45.24 10.53
N THR D 477 -20.22 -44.77 10.74
CA THR D 477 -21.05 -44.33 9.62
C THR D 477 -20.45 -43.11 8.94
N ALA D 478 -19.84 -42.21 9.71
CA ALA D 478 -19.16 -41.07 9.13
C ALA D 478 -17.95 -41.50 8.30
N ALA D 479 -17.22 -42.52 8.76
CA ALA D 479 -16.10 -43.05 7.98
C ALA D 479 -16.60 -43.70 6.69
N ALA D 480 -17.69 -44.46 6.76
CA ALA D 480 -18.23 -45.12 5.57
C ALA D 480 -18.77 -44.09 4.56
N ILE D 481 -19.36 -43.01 5.05
CA ILE D 481 -19.89 -41.99 4.16
C ILE D 481 -18.78 -41.05 3.68
N ALA D 482 -17.62 -41.01 4.36
CA ALA D 482 -16.51 -40.20 3.93
C ALA D 482 -15.64 -40.92 2.91
N ALA D 483 -15.56 -42.25 3.01
CA ALA D 483 -14.74 -43.03 2.09
C ALA D 483 -15.25 -42.93 0.66
N GLU D 484 -16.57 -42.92 0.48
CA GLU D 484 -17.17 -42.88 -0.85
C GLU D 484 -17.48 -41.46 -1.31
N ALA D 485 -17.23 -40.44 -0.48
CA ALA D 485 -17.46 -39.06 -0.88
C ALA D 485 -16.19 -38.24 -1.01
N GLY D 486 -15.11 -38.61 -0.32
CA GLY D 486 -13.87 -37.89 -0.43
C GLY D 486 -13.86 -36.55 0.29
N VAL D 487 -14.01 -36.58 1.61
CA VAL D 487 -13.94 -35.36 2.42
C VAL D 487 -12.78 -35.49 3.41
N ASP D 488 -12.57 -34.45 4.21
CA ASP D 488 -11.54 -34.45 5.24
C ASP D 488 -12.12 -35.07 6.52
N ASP D 489 -11.42 -34.89 7.64
CA ASP D 489 -11.86 -35.48 8.91
C ASP D 489 -13.21 -34.90 9.34
N PHE D 490 -14.04 -35.78 9.91
CA PHE D 490 -15.40 -35.44 10.28
C PHE D 490 -15.50 -35.15 11.77
N LEU D 491 -16.72 -34.87 12.22
CA LEU D 491 -17.04 -34.72 13.63
C LEU D 491 -18.30 -35.55 13.88
N ALA D 492 -18.11 -36.82 14.21
CA ALA D 492 -19.22 -37.76 14.34
C ALA D 492 -19.67 -37.85 15.79
N GLU D 493 -20.89 -38.39 15.96
CA GLU D 493 -21.54 -38.58 17.27
C GLU D 493 -21.64 -37.25 18.03
N ALA D 494 -21.95 -36.19 17.31
CA ALA D 494 -21.89 -34.83 17.83
C ALA D 494 -23.29 -34.28 18.08
N THR D 495 -23.48 -33.69 19.26
CA THR D 495 -24.69 -32.95 19.56
C THR D 495 -24.77 -31.74 18.62
N PRO D 496 -25.98 -31.36 18.18
CA PRO D 496 -26.12 -30.18 17.31
C PRO D 496 -25.65 -28.86 17.92
N GLU D 497 -25.27 -28.81 19.20
CA GLU D 497 -24.59 -27.64 19.74
C GLU D 497 -23.09 -27.67 19.48
N ALA D 498 -22.54 -28.82 19.07
CA ALA D 498 -21.10 -28.89 18.76
C ALA D 498 -20.77 -28.07 17.53
N LYS D 499 -21.66 -28.04 16.53
CA LYS D 499 -21.41 -27.18 15.37
C LYS D 499 -21.52 -25.70 15.74
N LEU D 500 -22.40 -25.35 16.69
CA LEU D 500 -22.50 -23.98 17.18
C LEU D 500 -21.25 -23.57 17.94
N ALA D 501 -20.63 -24.50 18.66
CA ALA D 501 -19.34 -24.21 19.28
C ALA D 501 -18.23 -24.14 18.24
N LEU D 502 -18.32 -24.98 17.20
CA LEU D 502 -17.22 -25.11 16.25
C LEU D 502 -17.14 -23.93 15.29
N ILE D 503 -18.29 -23.34 14.93
CA ILE D 503 -18.24 -22.15 14.07
C ILE D 503 -17.56 -21.00 14.79
N ARG D 504 -17.85 -20.81 16.07
CA ARG D 504 -17.18 -19.77 16.84
C ARG D 504 -15.73 -20.13 17.12
N GLN D 505 -15.41 -21.43 17.24
CA GLN D 505 -14.03 -21.85 17.39
C GLN D 505 -13.20 -21.51 16.17
N TYR D 506 -13.74 -21.77 14.97
CA TYR D 506 -13.02 -21.44 13.74
C TYR D 506 -13.02 -19.94 13.46
N GLN D 507 -14.05 -19.22 13.92
CA GLN D 507 -14.06 -17.77 13.73
C GLN D 507 -13.06 -17.08 14.65
N ALA D 508 -12.91 -17.57 15.88
CA ALA D 508 -12.00 -16.98 16.85
C ALA D 508 -10.54 -17.26 16.52
N GLU D 509 -10.26 -18.21 15.63
CA GLU D 509 -8.90 -18.50 15.21
C GLU D 509 -8.41 -17.57 14.09
N GLY D 510 -9.25 -16.65 13.64
CA GLY D 510 -8.93 -15.80 12.51
C GLY D 510 -9.44 -16.32 11.18
N ARG D 511 -9.74 -17.62 11.09
CA ARG D 511 -10.28 -18.20 9.87
C ARG D 511 -11.75 -17.80 9.71
N LEU D 512 -12.20 -17.77 8.47
CA LEU D 512 -13.60 -17.51 8.14
C LEU D 512 -14.28 -18.83 7.81
N VAL D 513 -15.36 -19.13 8.51
CA VAL D 513 -16.04 -20.41 8.41
C VAL D 513 -17.27 -20.26 7.53
N ALA D 514 -17.57 -21.28 6.73
CA ALA D 514 -18.72 -21.31 5.87
C ALA D 514 -19.36 -22.69 5.95
N MET D 515 -20.68 -22.75 5.78
CA MET D 515 -21.40 -24.00 5.96
C MET D 515 -22.70 -23.95 5.18
N THR D 516 -23.50 -25.01 5.32
CA THR D 516 -24.83 -25.10 4.74
C THR D 516 -25.71 -25.92 5.67
N GLY D 517 -27.01 -25.76 5.52
CA GLY D 517 -27.95 -26.49 6.36
C GLY D 517 -29.38 -26.17 5.98
N ASP D 518 -30.29 -26.97 6.52
CA ASP D 518 -31.72 -26.82 6.23
C ASP D 518 -32.62 -26.89 7.45
N GLY D 519 -32.17 -27.48 8.57
CA GLY D 519 -33.06 -27.71 9.69
C GLY D 519 -33.27 -26.49 10.55
N THR D 520 -34.34 -26.54 11.36
CA THR D 520 -34.64 -25.47 12.30
C THR D 520 -33.64 -25.44 13.43
N ASN D 521 -33.09 -26.60 13.81
CA ASN D 521 -32.08 -26.65 14.86
C ASN D 521 -30.78 -26.03 14.39
N ASP D 522 -30.54 -26.06 13.08
CA ASP D 522 -29.33 -25.47 12.50
C ASP D 522 -29.41 -23.95 12.35
N ALA D 523 -30.58 -23.36 12.62
CA ALA D 523 -30.78 -21.93 12.40
C ALA D 523 -29.82 -21.01 13.16
N PRO D 524 -29.47 -21.24 14.45
CA PRO D 524 -28.42 -20.39 15.04
C PRO D 524 -27.08 -20.50 14.33
N ALA D 525 -26.72 -21.68 13.83
CA ALA D 525 -25.46 -21.81 13.09
C ALA D 525 -25.52 -21.10 11.75
N LEU D 526 -26.67 -21.16 11.07
CA LEU D 526 -26.84 -20.37 9.84
C LEU D 526 -26.79 -18.87 10.13
N ALA D 527 -27.36 -18.44 11.25
CA ALA D 527 -27.39 -17.01 11.57
C ALA D 527 -26.03 -16.51 12.02
N GLN D 528 -25.20 -17.38 12.63
CA GLN D 528 -23.91 -16.95 13.15
C GLN D 528 -22.75 -17.20 12.20
N ALA D 529 -22.92 -18.08 11.20
CA ALA D 529 -21.83 -18.33 10.27
C ALA D 529 -21.63 -17.15 9.32
N ASP D 530 -20.43 -17.06 8.77
CA ASP D 530 -20.08 -15.95 7.88
C ASP D 530 -20.73 -16.12 6.51
N VAL D 531 -20.41 -17.21 5.82
CA VAL D 531 -20.99 -17.50 4.51
C VAL D 531 -21.88 -18.72 4.66
N ALA D 532 -23.16 -18.50 4.94
CA ALA D 532 -24.10 -19.56 5.29
C ALA D 532 -25.21 -19.62 4.26
N VAL D 533 -25.07 -20.48 3.26
CA VAL D 533 -26.13 -20.64 2.27
C VAL D 533 -27.25 -21.48 2.86
N ALA D 534 -28.48 -21.19 2.43
CA ALA D 534 -29.66 -21.88 2.92
C ALA D 534 -30.15 -22.87 1.87
N MET D 535 -30.44 -24.09 2.30
CA MET D 535 -30.94 -25.11 1.39
C MET D 535 -32.34 -24.74 0.92
N ASN D 536 -32.64 -25.08 -0.34
CA ASN D 536 -33.97 -24.82 -0.87
C ASN D 536 -35.03 -25.64 -0.16
N SER D 537 -34.73 -26.91 0.12
CA SER D 537 -35.62 -27.77 0.89
C SER D 537 -35.30 -27.64 2.38
N GLY D 538 -35.58 -26.44 2.90
CA GLY D 538 -35.29 -26.13 4.29
C GLY D 538 -36.33 -25.20 4.87
N THR D 539 -36.34 -25.12 6.19
CA THR D 539 -37.33 -24.34 6.90
C THR D 539 -37.11 -22.83 6.70
N GLN D 540 -38.18 -22.07 6.92
CA GLN D 540 -38.11 -20.63 6.76
C GLN D 540 -37.21 -19.98 7.80
N ALA D 541 -37.05 -20.61 8.97
CA ALA D 541 -36.09 -20.13 9.95
C ALA D 541 -34.67 -20.18 9.41
N ALA D 542 -34.30 -21.29 8.77
CA ALA D 542 -33.00 -21.37 8.11
C ALA D 542 -32.90 -20.44 6.92
N LYS D 543 -34.02 -20.24 6.21
CA LYS D 543 -34.05 -19.32 5.07
C LYS D 543 -33.72 -17.89 5.50
N GLU D 544 -34.31 -17.44 6.60
CA GLU D 544 -34.04 -16.09 7.10
C GLU D 544 -32.74 -16.00 7.88
N ALA D 545 -32.27 -17.11 8.46
CA ALA D 545 -31.00 -17.07 9.19
C ALA D 545 -29.81 -17.01 8.24
N GLY D 546 -29.85 -17.78 7.16
CA GLY D 546 -28.75 -17.77 6.21
C GLY D 546 -28.74 -16.50 5.38
N ASN D 547 -27.53 -15.95 5.20
CA ASN D 547 -27.37 -14.75 4.37
C ASN D 547 -27.54 -15.04 2.89
N MET D 548 -27.38 -16.31 2.48
CA MET D 548 -27.64 -16.72 1.12
C MET D 548 -28.55 -17.95 1.12
N VAL D 549 -29.19 -18.19 -0.02
CA VAL D 549 -30.08 -19.32 -0.19
C VAL D 549 -29.81 -19.98 -1.54
N ASP D 550 -29.79 -21.31 -1.55
CA ASP D 550 -29.61 -22.11 -2.75
C ASP D 550 -30.96 -22.53 -3.31
N LEU D 551 -30.97 -22.87 -4.61
CA LEU D 551 -32.17 -23.35 -5.27
C LEU D 551 -32.01 -24.70 -5.96
N ASP D 552 -30.78 -25.11 -6.27
CA ASP D 552 -30.56 -26.37 -6.98
C ASP D 552 -30.58 -27.58 -6.06
N SER D 553 -30.79 -27.39 -4.76
CA SER D 553 -30.75 -28.44 -3.73
C SER D 553 -29.40 -29.17 -3.75
N ASN D 554 -28.32 -28.41 -3.95
CA ASN D 554 -26.97 -28.96 -3.98
C ASN D 554 -26.20 -28.56 -2.72
N PRO D 555 -25.50 -29.51 -2.10
CA PRO D 555 -24.78 -29.19 -0.85
C PRO D 555 -23.44 -28.51 -1.08
N THR D 556 -22.98 -28.43 -2.33
CA THR D 556 -21.64 -27.92 -2.64
C THR D 556 -21.72 -26.83 -3.72
N LYS D 557 -22.72 -25.97 -3.63
CA LYS D 557 -22.78 -24.77 -4.46
C LYS D 557 -21.82 -23.68 -3.98
N LEU D 558 -21.14 -23.91 -2.86
CA LEU D 558 -20.15 -22.96 -2.36
C LEU D 558 -18.97 -22.81 -3.31
N ILE D 559 -18.69 -23.82 -4.15
CA ILE D 559 -17.65 -23.64 -5.15
C ILE D 559 -18.07 -22.61 -6.21
N GLU D 560 -19.35 -22.58 -6.57
CA GLU D 560 -19.83 -21.53 -7.46
C GLU D 560 -19.90 -20.19 -6.75
N VAL D 561 -20.21 -20.21 -5.44
CA VAL D 561 -20.22 -18.97 -4.66
C VAL D 561 -18.83 -18.34 -4.63
N VAL D 562 -17.81 -19.15 -4.37
CA VAL D 562 -16.45 -18.60 -4.32
C VAL D 562 -15.94 -18.30 -5.72
N HIS D 563 -16.44 -18.99 -6.75
CA HIS D 563 -16.17 -18.57 -8.13
C HIS D 563 -16.66 -17.16 -8.38
N ILE D 564 -17.91 -16.87 -7.97
CA ILE D 564 -18.48 -15.55 -8.21
C ILE D 564 -17.75 -14.49 -7.40
N GLY D 565 -17.45 -14.77 -6.13
CA GLY D 565 -16.76 -13.78 -5.30
C GLY D 565 -15.34 -13.51 -5.76
N LYS D 566 -14.59 -14.57 -6.08
CA LYS D 566 -13.22 -14.39 -6.54
C LYS D 566 -13.20 -13.75 -7.93
N GLN D 567 -14.20 -14.05 -8.78
CA GLN D 567 -14.27 -13.38 -10.07
C GLN D 567 -14.59 -11.90 -9.91
N MET D 568 -15.43 -11.55 -8.93
CA MET D 568 -15.70 -10.16 -8.61
C MET D 568 -14.41 -9.42 -8.25
N LEU D 569 -13.68 -9.96 -7.26
CA LEU D 569 -12.48 -9.29 -6.78
C LEU D 569 -11.39 -9.26 -7.86
N MET D 570 -11.22 -10.37 -8.58
CA MET D 570 -10.26 -10.47 -9.67
C MET D 570 -10.55 -9.46 -10.77
N THR D 571 -11.79 -9.36 -11.23
CA THR D 571 -12.14 -8.43 -12.29
C THR D 571 -11.94 -6.99 -11.84
N ARG D 572 -12.34 -6.67 -10.61
CA ARG D 572 -12.22 -5.30 -10.13
C ARG D 572 -10.76 -4.89 -10.00
N GLY D 573 -9.92 -5.75 -9.39
CA GLY D 573 -8.51 -5.45 -9.28
C GLY D 573 -7.78 -5.43 -10.62
N SER D 574 -8.19 -6.31 -11.54
CA SER D 574 -7.57 -6.35 -12.86
C SER D 574 -7.88 -5.08 -13.65
N LEU D 575 -9.12 -4.59 -13.56
CA LEU D 575 -9.44 -3.33 -14.23
C LEU D 575 -8.73 -2.16 -13.57
N THR D 576 -8.55 -2.21 -12.24
CA THR D 576 -7.75 -1.19 -11.56
C THR D 576 -6.33 -1.15 -12.09
N THR D 577 -5.68 -2.32 -12.19
CA THR D 577 -4.29 -2.37 -12.63
C THR D 577 -4.16 -2.02 -14.12
N PHE D 578 -5.16 -2.39 -14.93
CA PHE D 578 -5.19 -1.96 -16.33
C PHE D 578 -5.26 -0.45 -16.44
N SER D 579 -6.10 0.18 -15.62
CA SER D 579 -6.23 1.63 -15.68
C SER D 579 -4.99 2.34 -15.13
N ILE D 580 -4.26 1.69 -14.21
CA ILE D 580 -2.97 2.23 -13.80
C ILE D 580 -1.95 2.13 -14.95
N ALA D 581 -1.91 0.98 -15.62
CA ALA D 581 -0.91 0.76 -16.66
C ALA D 581 -1.18 1.57 -17.92
N ASN D 582 -2.41 2.05 -18.12
CA ASN D 582 -2.70 2.86 -19.29
C ASN D 582 -2.01 4.23 -19.23
N ASP D 583 -1.71 4.72 -18.03
CA ASP D 583 -1.33 6.13 -17.87
C ASP D 583 0.07 6.44 -18.41
N VAL D 584 0.97 5.46 -18.47
CA VAL D 584 2.30 5.75 -19.03
C VAL D 584 2.21 5.99 -20.54
N ALA D 585 1.36 5.24 -21.24
CA ALA D 585 1.13 5.51 -22.65
C ALA D 585 0.31 6.78 -22.84
N LYS D 586 -0.57 7.10 -21.88
CA LYS D 586 -1.26 8.39 -21.92
C LYS D 586 -0.26 9.55 -21.82
N TYR D 587 0.74 9.42 -20.93
CA TYR D 587 1.82 10.39 -20.88
C TYR D 587 2.59 10.47 -22.18
N PHE D 588 3.00 9.32 -22.73
CA PHE D 588 3.77 9.32 -23.96
C PHE D 588 2.98 9.83 -25.16
N ALA D 589 1.64 9.86 -25.07
CA ALA D 589 0.83 10.45 -26.12
C ALA D 589 0.60 11.95 -25.91
N ILE D 590 0.40 12.39 -24.67
CA ILE D 590 -0.08 13.76 -24.43
C ILE D 590 1.07 14.71 -24.08
N ILE D 591 2.01 14.27 -23.22
CA ILE D 591 3.07 15.18 -22.76
C ILE D 591 3.96 15.71 -23.90
N PRO D 592 4.41 14.90 -24.87
CA PRO D 592 5.05 15.54 -26.05
C PRO D 592 4.10 16.41 -26.84
N ALA D 593 2.81 16.08 -26.86
CA ALA D 593 1.85 16.83 -27.64
C ALA D 593 1.47 18.16 -26.99
N ALA D 594 1.41 18.20 -25.66
CA ALA D 594 0.91 19.37 -24.96
C ALA D 594 1.86 20.56 -25.03
N PHE D 595 3.15 20.32 -25.21
CA PHE D 595 4.16 21.38 -25.22
C PHE D 595 4.92 21.30 -26.53
N ALA D 596 4.45 22.05 -27.54
CA ALA D 596 5.05 22.08 -28.85
C ALA D 596 5.66 23.44 -29.17
N ALA D 597 4.87 24.52 -29.06
CA ALA D 597 5.40 25.85 -29.32
C ALA D 597 6.28 26.33 -28.17
N THR D 598 5.85 26.08 -26.94
CA THR D 598 6.61 26.56 -25.79
C THR D 598 7.84 25.71 -25.51
N TYR D 599 7.79 24.41 -25.78
CA TYR D 599 8.91 23.49 -25.54
C TYR D 599 9.12 22.65 -26.78
N PRO D 600 9.80 23.18 -27.79
CA PRO D 600 9.98 22.43 -29.05
C PRO D 600 10.94 21.24 -28.93
N GLN D 601 11.71 21.16 -27.86
CA GLN D 601 12.65 20.06 -27.69
C GLN D 601 12.02 18.80 -27.12
N LEU D 602 10.74 18.86 -26.74
CA LEU D 602 10.07 17.70 -26.16
C LEU D 602 9.49 16.76 -27.20
N ASN D 603 9.66 17.07 -28.50
CA ASN D 603 9.15 16.20 -29.55
C ASN D 603 9.92 14.90 -29.67
N ALA D 604 11.09 14.78 -29.06
CA ALA D 604 11.88 13.56 -29.11
C ALA D 604 11.26 12.42 -28.31
N LEU D 605 10.24 12.69 -27.49
CA LEU D 605 9.59 11.66 -26.70
C LEU D 605 8.41 11.01 -27.42
N ASN D 606 8.15 11.39 -28.68
CA ASN D 606 7.15 10.71 -29.50
C ASN D 606 7.71 9.36 -29.94
N ILE D 607 7.60 8.38 -29.05
CA ILE D 607 8.03 7.03 -29.38
C ILE D 607 7.03 6.30 -30.26
N MET D 608 5.80 6.82 -30.37
CA MET D 608 4.80 6.28 -31.28
C MET D 608 4.79 6.95 -32.64
N CYS D 609 5.49 8.08 -32.78
CA CYS D 609 5.60 8.86 -34.02
C CYS D 609 4.21 9.26 -34.55
N LEU D 610 3.51 10.03 -33.74
CA LEU D 610 2.17 10.47 -34.08
C LEU D 610 2.23 11.66 -35.02
N HIS D 611 1.08 11.96 -35.65
CA HIS D 611 1.05 12.93 -36.74
C HIS D 611 1.17 14.36 -36.24
N SER D 612 0.20 14.81 -35.45
CA SER D 612 0.15 16.17 -34.93
C SER D 612 -0.19 16.12 -33.45
N PRO D 613 0.17 17.17 -32.69
CA PRO D 613 -0.19 17.17 -31.26
C PRO D 613 -1.68 17.11 -30.99
N ASP D 614 -2.49 17.81 -31.78
CA ASP D 614 -3.95 17.75 -31.61
C ASP D 614 -4.48 16.37 -31.91
N SER D 615 -3.92 15.72 -32.94
CA SER D 615 -4.30 14.34 -33.25
C SER D 615 -3.90 13.40 -32.13
N ALA D 616 -2.74 13.65 -31.49
CA ALA D 616 -2.30 12.83 -30.38
C ALA D 616 -3.24 12.94 -29.18
N ILE D 617 -3.61 14.18 -28.83
CA ILE D 617 -4.52 14.41 -27.70
C ILE D 617 -5.89 13.80 -28.00
N LEU D 618 -6.40 14.02 -29.22
CA LEU D 618 -7.68 13.46 -29.60
C LEU D 618 -7.65 11.93 -29.59
N SER D 619 -6.56 11.33 -30.06
CA SER D 619 -6.43 9.88 -30.06
C SER D 619 -6.38 9.33 -28.64
N ALA D 620 -5.72 10.04 -27.74
CA ALA D 620 -5.69 9.63 -26.33
C ALA D 620 -7.09 9.64 -25.73
N VAL D 621 -7.87 10.68 -26.02
CA VAL D 621 -9.24 10.76 -25.47
C VAL D 621 -10.14 9.69 -26.09
N ILE D 622 -9.98 9.44 -27.41
CA ILE D 622 -10.73 8.39 -28.07
C ILE D 622 -10.40 7.03 -27.47
N PHE D 623 -9.12 6.76 -27.19
CA PHE D 623 -8.79 5.49 -26.55
C PHE D 623 -9.33 5.44 -25.13
N ASN D 624 -9.39 6.57 -24.43
CA ASN D 624 -9.95 6.57 -23.08
C ASN D 624 -11.42 6.18 -23.10
N ALA D 625 -12.17 6.61 -24.13
CA ALA D 625 -13.56 6.16 -24.25
C ALA D 625 -13.64 4.70 -24.73
N LEU D 626 -12.80 4.34 -25.71
CA LEU D 626 -12.93 3.04 -26.35
C LEU D 626 -12.48 1.90 -25.46
N ILE D 627 -11.53 2.13 -24.56
CA ILE D 627 -11.14 1.06 -23.63
C ILE D 627 -12.27 0.78 -22.65
N ILE D 628 -13.05 1.80 -22.27
CA ILE D 628 -14.19 1.57 -21.40
C ILE D 628 -15.27 0.79 -22.14
N VAL D 629 -15.59 1.19 -23.37
CA VAL D 629 -16.69 0.51 -24.06
C VAL D 629 -16.26 -0.90 -24.49
N PHE D 630 -14.95 -1.14 -24.67
CA PHE D 630 -14.47 -2.48 -24.96
C PHE D 630 -14.32 -3.35 -23.72
N LEU D 631 -14.17 -2.75 -22.53
CA LEU D 631 -14.11 -3.52 -21.30
C LEU D 631 -15.45 -3.63 -20.59
N ILE D 632 -16.53 -3.07 -21.16
CA ILE D 632 -17.87 -3.44 -20.70
C ILE D 632 -18.13 -4.95 -20.76
N PRO D 633 -17.85 -5.68 -21.85
CA PRO D 633 -18.07 -7.14 -21.79
C PRO D 633 -17.20 -7.87 -20.79
N LEU D 634 -15.96 -7.41 -20.55
CA LEU D 634 -15.14 -8.02 -19.52
C LEU D 634 -15.74 -7.82 -18.13
N ALA D 635 -16.26 -6.62 -17.87
CA ALA D 635 -16.92 -6.35 -16.60
C ALA D 635 -18.21 -7.14 -16.45
N LEU D 636 -18.92 -7.37 -17.55
CA LEU D 636 -20.15 -8.16 -17.49
C LEU D 636 -19.85 -9.64 -17.21
N LYS D 637 -18.89 -10.21 -17.94
CA LYS D 637 -18.61 -11.63 -17.81
C LYS D 637 -17.82 -11.97 -16.55
N GLY D 638 -16.91 -11.10 -16.13
CA GLY D 638 -15.97 -11.46 -15.09
C GLY D 638 -14.76 -12.13 -15.68
N VAL D 639 -13.56 -11.81 -15.17
CA VAL D 639 -12.34 -12.36 -15.76
C VAL D 639 -12.23 -13.84 -15.44
N SER D 640 -11.40 -14.53 -16.23
CA SER D 640 -11.28 -15.98 -16.11
C SER D 640 -10.58 -16.35 -14.81
N TYR D 641 -11.14 -17.35 -14.12
CA TYR D 641 -10.61 -17.83 -12.85
C TYR D 641 -10.39 -19.33 -12.94
N LYS D 642 -9.21 -19.78 -12.52
CA LYS D 642 -8.87 -21.20 -12.48
C LYS D 642 -8.31 -21.54 -11.11
N PRO D 643 -8.62 -22.73 -10.57
CA PRO D 643 -8.07 -23.11 -9.26
C PRO D 643 -6.58 -23.42 -9.33
N LEU D 644 -5.76 -22.50 -8.82
CA LEU D 644 -4.31 -22.64 -8.88
C LEU D 644 -3.71 -22.07 -7.60
N THR D 645 -2.39 -22.02 -7.57
CA THR D 645 -1.67 -21.37 -6.47
C THR D 645 -1.96 -19.88 -6.49
N ALA D 646 -2.03 -19.28 -5.29
CA ALA D 646 -2.30 -17.85 -5.18
C ALA D 646 -1.19 -17.02 -5.82
N SER D 647 0.07 -17.42 -5.61
CA SER D 647 1.19 -16.71 -6.22
C SER D 647 1.17 -16.85 -7.74
N ALA D 648 0.85 -18.04 -8.24
CA ALA D 648 0.78 -18.25 -9.68
C ALA D 648 -0.37 -17.45 -10.30
N MET D 649 -1.49 -17.36 -9.59
CA MET D 649 -2.62 -16.57 -10.08
C MET D 649 -2.28 -15.09 -10.08
N LEU D 650 -1.55 -14.62 -9.06
CA LEU D 650 -1.07 -13.25 -9.03
C LEU D 650 -0.12 -12.98 -10.19
N ARG D 651 0.76 -13.93 -10.50
CA ARG D 651 1.68 -13.77 -11.62
C ARG D 651 0.94 -13.73 -12.95
N ARG D 652 -0.08 -14.57 -13.11
CA ARG D 652 -0.86 -14.57 -14.36
C ARG D 652 -1.64 -13.28 -14.52
N ASN D 653 -2.28 -12.81 -13.44
CA ASN D 653 -2.99 -11.54 -13.49
C ASN D 653 -2.06 -10.37 -13.77
N LEU D 654 -0.85 -10.41 -13.20
CA LEU D 654 0.14 -9.39 -13.49
C LEU D 654 0.54 -9.41 -14.96
N TRP D 655 0.80 -10.61 -15.51
CA TRP D 655 1.23 -10.71 -16.90
C TRP D 655 0.12 -10.31 -17.87
N ILE D 656 -1.15 -10.48 -17.47
CA ILE D 656 -2.25 -10.10 -18.36
C ILE D 656 -2.58 -8.61 -18.25
N TYR D 657 -2.71 -8.08 -17.04
CA TYR D 657 -3.21 -6.72 -16.85
C TYR D 657 -2.13 -5.74 -16.36
N GLY D 658 -0.85 -6.09 -16.53
CA GLY D 658 0.25 -5.25 -16.17
C GLY D 658 0.99 -4.78 -17.40
N LEU D 659 2.04 -5.53 -17.76
CA LEU D 659 2.71 -5.32 -19.05
C LEU D 659 1.74 -5.40 -20.21
N GLY D 660 0.77 -6.31 -20.16
CA GLY D 660 -0.25 -6.37 -21.19
C GLY D 660 -1.12 -5.13 -21.24
N GLY D 661 -1.60 -4.68 -20.08
CA GLY D 661 -2.38 -3.46 -20.00
C GLY D 661 -1.58 -2.19 -20.15
N LEU D 662 -0.26 -2.32 -20.23
CA LEU D 662 0.65 -1.23 -20.59
C LEU D 662 0.89 -1.19 -22.09
N LEU D 663 0.92 -2.35 -22.75
CA LEU D 663 1.15 -2.39 -24.19
C LEU D 663 -0.13 -2.17 -24.99
N VAL D 664 -1.30 -2.49 -24.42
CA VAL D 664 -2.56 -2.22 -25.13
C VAL D 664 -2.79 -0.74 -25.43
N PRO D 665 -2.60 0.21 -24.50
CA PRO D 665 -2.84 1.62 -24.88
C PRO D 665 -1.92 2.16 -25.97
N PHE D 666 -0.69 1.67 -26.06
CA PHE D 666 0.21 2.10 -27.13
C PHE D 666 -0.36 1.74 -28.50
N ILE D 667 -0.76 0.46 -28.66
CA ILE D 667 -1.31 -0.01 -29.93
C ILE D 667 -2.65 0.68 -30.21
N GLY D 668 -3.47 0.87 -29.18
CA GLY D 668 -4.76 1.51 -29.38
C GLY D 668 -4.63 2.96 -29.83
N ILE D 669 -3.74 3.71 -29.17
CA ILE D 669 -3.51 5.11 -29.53
C ILE D 669 -2.92 5.21 -30.93
N LYS D 670 -1.97 4.33 -31.26
CA LYS D 670 -1.37 4.34 -32.60
C LYS D 670 -2.41 4.02 -33.67
N VAL D 671 -3.27 3.03 -33.43
CA VAL D 671 -4.30 2.66 -34.40
C VAL D 671 -5.31 3.79 -34.58
N ILE D 672 -5.73 4.43 -33.48
CA ILE D 672 -6.70 5.52 -33.57
C ILE D 672 -6.10 6.72 -34.30
N ASP D 673 -4.82 7.03 -34.01
CA ASP D 673 -4.15 8.13 -34.70
C ASP D 673 -3.98 7.85 -36.18
N LEU D 674 -3.65 6.60 -36.53
CA LEU D 674 -3.53 6.22 -37.94
C LEU D 674 -4.88 6.31 -38.65
N LEU D 675 -5.95 5.89 -37.98
CA LEU D 675 -7.28 5.99 -38.57
C LEU D 675 -7.70 7.44 -38.76
N LEU D 676 -7.38 8.31 -37.80
CA LEU D 676 -7.66 9.73 -37.94
C LEU D 676 -6.85 10.34 -39.09
N THR D 677 -5.60 9.91 -39.24
CA THR D 677 -4.76 10.43 -40.33
C THR D 677 -5.28 9.98 -41.68
N VAL D 678 -5.68 8.71 -41.82
CA VAL D 678 -6.15 8.23 -43.12
C VAL D 678 -7.55 8.77 -43.44
N CYS D 679 -8.38 9.04 -42.42
CA CYS D 679 -9.65 9.70 -42.68
C CYS D 679 -9.50 11.20 -42.89
N GLY D 680 -8.36 11.79 -42.51
CA GLY D 680 -8.05 13.15 -42.88
C GLY D 680 -8.76 14.23 -42.12
N LEU D 681 -9.40 13.91 -40.99
CA LEU D 681 -10.03 14.94 -40.18
C LEU D 681 -8.98 15.85 -39.55
N VAL D 682 -7.98 15.26 -38.91
CA VAL D 682 -6.87 16.01 -38.31
C VAL D 682 -5.55 15.43 -38.78
#